data_7ABE
#
_entry.id   7ABE
#
_cell.length_a   98.701
_cell.length_b   111.245
_cell.length_c   160.084
_cell.angle_alpha   90.000
_cell.angle_beta   90.000
_cell.angle_gamma   90.000
#
_symmetry.space_group_name_H-M   'P 21 21 21'
#
loop_
_entity.id
_entity.type
_entity.pdbx_description
1 polymer "cAMP-specific 3',5'-cyclic phosphodiesterase 4D"
2 non-polymer 'ZINC ION'
3 non-polymer 'MAGNESIUM ION'
4 non-polymer 1,2-ETHANEDIOL
5 non-polymer 1-cycloheptyl-3-[3-(cyclopentyloxy)-4-methoxyphenyl]-4,4-dimethyl-4,5-dihydro-1H-pyrazol-5-one
6 non-polymer '4-(2-HYDROXYETHYL)-1-PIPERAZINE ETHANESULFONIC ACID'
7 non-polymer 'DIMETHYL SULFOXIDE'
8 non-polymer DI(HYDROXYETHYL)ETHER
9 water water
#
_entity_poly.entity_id   1
_entity_poly.type   'polypeptide(L)'
_entity_poly.pdbx_seq_one_letter_code
;GSHMIPRFGVKTEQEDVLAKELEDVNKWGLHVFRIAELSGNRPLTVIMHTIFQERDLLKTFKIPVDTLITYLMTLEDHYH
ADVAYHNNIHAADVVQSTHVLLSTPALEAVFTDLEILAAIFASAIHDVDHPGVSNQFLINTNSELALMYNDSSVLENHHL
AVGFKLLQEENCDIFQNLTKKQRQSLRKMVIDIVLATDMSKHMNLLADLKTMVETKKVTSSGVLLLDNYSDRIQVLQNMV
HCADLSNPTKPLQLYRQWTDRIMEEFFRQGDRERERGMEISPMCDKHNASVEKSQVGFIDYIVHPLWETWADLVHPDAQD
ILDTLEDNREWYQSTIPQSPSPAPDDPEEGRQGQTEKFQFELTL
;
_entity_poly.pdbx_strand_id   A,B,C,D
#
loop_
_chem_comp.id
_chem_comp.type
_chem_comp.name
_chem_comp.formula
DMS non-polymer 'DIMETHYL SULFOXIDE' 'C2 H6 O S'
EDO non-polymer 1,2-ETHANEDIOL 'C2 H6 O2'
EPE non-polymer '4-(2-HYDROXYETHYL)-1-PIPERAZINE ETHANESULFONIC ACID' 'C8 H18 N2 O4 S'
J2E non-polymer 1-cycloheptyl-3-[3-(cyclopentyloxy)-4-methoxyphenyl]-4,4-dimethyl-4,5-dihydro-1H-pyrazol-5-one 'C24 H34 N2 O3'
MG non-polymer 'MAGNESIUM ION' 'Mg 2'
PEG non-polymer DI(HYDROXYETHYL)ETHER 'C4 H10 O3'
ZN non-polymer 'ZINC ION' 'Zn 2'
#
# COMPACT_ATOMS: atom_id res chain seq x y z
N PHE A 8 -36.18 -7.15 -26.64
CA PHE A 8 -35.98 -8.35 -27.53
C PHE A 8 -35.26 -9.44 -26.72
N GLY A 9 -34.53 -10.33 -27.39
CA GLY A 9 -33.39 -11.11 -26.86
C GLY A 9 -32.27 -11.18 -27.89
N VAL A 10 -32.20 -10.15 -28.75
CA VAL A 10 -31.30 -10.03 -29.93
C VAL A 10 -30.57 -8.69 -29.85
N LYS A 11 -29.44 -8.59 -30.54
CA LYS A 11 -28.45 -7.50 -30.44
C LYS A 11 -29.08 -6.19 -30.95
N THR A 12 -28.69 -5.05 -30.37
CA THR A 12 -28.92 -3.70 -30.95
C THR A 12 -28.21 -3.65 -32.31
N GLU A 13 -28.45 -2.62 -33.12
CA GLU A 13 -27.77 -2.51 -34.44
C GLU A 13 -26.28 -2.21 -34.19
N GLN A 14 -25.93 -1.40 -33.19
CA GLN A 14 -24.50 -1.10 -32.88
C GLN A 14 -23.81 -2.41 -32.45
N GLU A 15 -24.44 -3.23 -31.61
CA GLU A 15 -23.92 -4.57 -31.18
C GLU A 15 -23.73 -5.49 -32.40
N ASP A 16 -24.62 -5.42 -33.40
CA ASP A 16 -24.51 -6.23 -34.64
C ASP A 16 -23.29 -5.80 -35.45
N VAL A 17 -23.07 -4.49 -35.61
CA VAL A 17 -21.92 -3.98 -36.42
C VAL A 17 -20.60 -4.38 -35.72
N LEU A 18 -20.59 -4.32 -34.38
CA LEU A 18 -19.46 -4.78 -33.53
C LEU A 18 -19.21 -6.28 -33.75
N ALA A 19 -20.25 -7.11 -33.70
CA ALA A 19 -20.15 -8.58 -33.92
C ALA A 19 -19.54 -8.87 -35.29
N LYS A 20 -19.92 -8.11 -36.31
CA LYS A 20 -19.35 -8.31 -37.68
C LYS A 20 -17.86 -7.96 -37.71
N GLU A 21 -17.44 -6.84 -37.12
CA GLU A 21 -15.98 -6.47 -37.04
C GLU A 21 -15.23 -7.58 -36.29
N LEU A 22 -15.83 -8.18 -35.25
CA LEU A 22 -15.19 -9.18 -34.36
C LEU A 22 -15.05 -10.51 -35.08
N GLU A 23 -15.68 -10.71 -36.25
CA GLU A 23 -15.39 -11.88 -37.11
C GLU A 23 -13.93 -11.85 -37.58
N ASP A 24 -13.24 -10.70 -37.53
CA ASP A 24 -11.82 -10.60 -37.94
C ASP A 24 -10.86 -10.91 -36.76
N VAL A 25 -11.37 -11.37 -35.62
CA VAL A 25 -10.57 -11.56 -34.37
C VAL A 25 -9.42 -12.53 -34.60
N ASN A 26 -9.51 -13.43 -35.58
CA ASN A 26 -8.44 -14.42 -35.82
C ASN A 26 -7.45 -13.89 -36.86
N LYS A 27 -7.57 -12.63 -37.27
CA LYS A 27 -6.74 -12.07 -38.39
C LYS A 27 -5.78 -10.99 -37.90
N TRP A 28 -4.55 -11.00 -38.39
CA TRP A 28 -3.62 -9.87 -38.26
C TRP A 28 -4.23 -8.66 -38.96
N GLY A 29 -4.38 -7.52 -38.29
CA GLY A 29 -4.92 -6.32 -38.96
C GLY A 29 -6.38 -6.09 -38.65
N LEU A 30 -6.90 -6.71 -37.60
CA LEU A 30 -8.23 -6.36 -37.02
C LEU A 30 -8.38 -4.84 -36.93
N HIS A 31 -9.58 -4.31 -37.20
CA HIS A 31 -9.92 -2.87 -37.10
C HIS A 31 -10.14 -2.53 -35.62
N VAL A 32 -9.06 -2.50 -34.83
CA VAL A 32 -9.18 -2.44 -33.35
C VAL A 32 -9.69 -1.06 -32.94
N PHE A 33 -9.35 0.01 -33.67
CA PHE A 33 -9.84 1.36 -33.33
C PHE A 33 -11.35 1.43 -33.58
N ARG A 34 -11.82 0.80 -34.65
CA ARG A 34 -13.27 0.74 -34.98
C ARG A 34 -14.00 -0.07 -33.90
N ILE A 35 -13.39 -1.16 -33.44
CA ILE A 35 -13.97 -1.96 -32.31
C ILE A 35 -14.06 -1.09 -31.06
N ALA A 36 -13.03 -0.30 -30.76
CA ALA A 36 -13.04 0.61 -29.59
C ALA A 36 -14.23 1.57 -29.70
N GLU A 37 -14.43 2.15 -30.87
CA GLU A 37 -15.54 3.13 -31.09
C GLU A 37 -16.88 2.41 -30.95
N LEU A 38 -17.03 1.26 -31.61
CA LEU A 38 -18.34 0.56 -31.69
C LEU A 38 -18.73 0.01 -30.31
N SER A 39 -17.75 -0.34 -29.46
CA SER A 39 -18.03 -0.98 -28.14
C SER A 39 -18.23 0.06 -27.04
N GLY A 40 -18.21 1.37 -27.36
CA GLY A 40 -18.27 2.44 -26.33
C GLY A 40 -17.01 2.41 -25.47
N ASN A 41 -15.87 2.26 -26.10
CA ASN A 41 -14.52 2.27 -25.48
C ASN A 41 -14.38 1.03 -24.60
N ARG A 42 -14.89 -0.13 -25.06
CA ARG A 42 -14.70 -1.44 -24.37
C ARG A 42 -13.99 -2.43 -25.29
N PRO A 43 -12.93 -2.04 -26.04
CA PRO A 43 -12.29 -2.99 -26.92
C PRO A 43 -11.65 -4.18 -26.16
N LEU A 44 -11.10 -3.92 -24.97
CA LEU A 44 -10.41 -4.99 -24.21
C LEU A 44 -11.46 -5.98 -23.72
N THR A 45 -12.58 -5.52 -23.20
CA THR A 45 -13.64 -6.39 -22.67
C THR A 45 -14.21 -7.22 -23.82
N VAL A 46 -14.57 -6.60 -24.94
CA VAL A 46 -15.26 -7.34 -26.02
C VAL A 46 -14.27 -8.28 -26.69
N ILE A 47 -13.03 -7.88 -26.94
CA ILE A 47 -12.05 -8.76 -27.58
C ILE A 47 -11.67 -9.92 -26.63
N MET A 48 -11.45 -9.66 -25.34
CA MET A 48 -11.15 -10.75 -24.36
C MET A 48 -12.32 -11.73 -24.31
N HIS A 49 -13.54 -11.22 -24.20
CA HIS A 49 -14.73 -12.11 -24.09
C HIS A 49 -14.79 -12.99 -25.35
N THR A 50 -14.65 -12.38 -26.53
CA THR A 50 -14.68 -13.13 -27.82
C THR A 50 -13.62 -14.24 -27.81
N ILE A 51 -12.39 -13.92 -27.40
CA ILE A 51 -11.28 -14.91 -27.40
C ILE A 51 -11.58 -16.01 -26.39
N PHE A 52 -12.05 -15.65 -25.20
CA PHE A 52 -12.34 -16.67 -24.16
C PHE A 52 -13.41 -17.64 -24.68
N GLN A 53 -14.46 -17.13 -25.34
CA GLN A 53 -15.57 -17.95 -25.89
C GLN A 53 -15.00 -18.83 -27.02
N GLU A 54 -14.23 -18.24 -27.96
CA GLU A 54 -13.63 -18.96 -29.12
C GLU A 54 -12.74 -20.12 -28.64
N ARG A 55 -11.93 -19.92 -27.59
CA ARG A 55 -10.95 -20.91 -27.10
C ARG A 55 -11.61 -21.78 -26.02
N ASP A 56 -12.89 -21.59 -25.74
CA ASP A 56 -13.69 -22.37 -24.76
C ASP A 56 -13.06 -22.27 -23.35
N LEU A 57 -12.47 -21.13 -23.01
CA LEU A 57 -11.76 -20.98 -21.71
C LEU A 57 -12.75 -20.88 -20.54
N LEU A 58 -13.99 -20.43 -20.73
CA LEU A 58 -14.94 -20.32 -19.59
C LEU A 58 -15.28 -21.73 -19.11
N LYS A 59 -15.52 -22.64 -20.05
CA LYS A 59 -15.86 -24.05 -19.71
C LYS A 59 -14.62 -24.73 -19.13
N THR A 60 -13.47 -24.62 -19.79
CA THR A 60 -12.24 -25.30 -19.36
C THR A 60 -11.88 -24.90 -17.92
N PHE A 61 -11.98 -23.61 -17.59
CA PHE A 61 -11.53 -23.09 -16.27
C PHE A 61 -12.72 -22.79 -15.34
N LYS A 62 -13.93 -23.18 -15.74
CA LYS A 62 -15.17 -23.01 -14.94
C LYS A 62 -15.24 -21.54 -14.49
N ILE A 63 -15.09 -20.63 -15.43
CA ILE A 63 -15.17 -19.18 -15.15
C ILE A 63 -16.62 -18.77 -15.32
N PRO A 64 -17.29 -18.28 -14.25
CA PRO A 64 -18.64 -17.73 -14.40
C PRO A 64 -18.60 -16.51 -15.36
N VAL A 65 -19.51 -16.46 -16.31
CA VAL A 65 -19.48 -15.43 -17.37
C VAL A 65 -19.67 -14.02 -16.74
N ASP A 66 -20.53 -13.86 -15.74
CA ASP A 66 -20.73 -12.55 -15.05
C ASP A 66 -19.42 -12.13 -14.36
N THR A 67 -18.68 -13.05 -13.77
CA THR A 67 -17.39 -12.79 -13.13
C THR A 67 -16.40 -12.33 -14.21
N LEU A 68 -16.33 -13.02 -15.36
CA LEU A 68 -15.37 -12.65 -16.43
C LEU A 68 -15.66 -11.22 -16.87
N ILE A 69 -16.93 -10.90 -17.14
CA ILE A 69 -17.30 -9.56 -17.65
C ILE A 69 -16.99 -8.51 -16.58
N THR A 70 -17.32 -8.76 -15.32
CA THR A 70 -17.05 -7.81 -14.22
C THR A 70 -15.55 -7.55 -14.11
N TYR A 71 -14.73 -8.61 -14.11
CA TYR A 71 -13.28 -8.43 -14.05
C TYR A 71 -12.79 -7.64 -15.27
N LEU A 72 -13.28 -7.96 -16.47
CA LEU A 72 -12.73 -7.34 -17.69
C LEU A 72 -13.10 -5.85 -17.70
N MET A 73 -14.30 -5.51 -17.28
CA MET A 73 -14.70 -4.08 -17.21
C MET A 73 -13.86 -3.36 -16.16
N THR A 74 -13.61 -3.99 -15.01
CA THR A 74 -12.77 -3.44 -13.94
C THR A 74 -11.34 -3.22 -14.48
N LEU A 75 -10.75 -4.25 -15.08
CA LEU A 75 -9.39 -4.16 -15.67
C LEU A 75 -9.36 -3.02 -16.69
N GLU A 76 -10.31 -3.00 -17.63
CA GLU A 76 -10.30 -1.97 -18.69
C GLU A 76 -10.40 -0.56 -18.09
N ASP A 77 -11.21 -0.39 -17.06
CA ASP A 77 -11.39 0.87 -16.31
C ASP A 77 -10.08 1.32 -15.65
N HIS A 78 -9.09 0.45 -15.41
CA HIS A 78 -7.81 0.82 -14.77
C HIS A 78 -6.73 1.12 -15.80
N TYR A 79 -7.04 1.00 -17.07
CA TYR A 79 -6.26 1.68 -18.14
C TYR A 79 -6.71 3.13 -18.20
N HIS A 80 -5.77 4.05 -18.44
CA HIS A 80 -6.04 5.50 -18.36
C HIS A 80 -6.56 5.94 -19.72
N ALA A 81 -7.76 6.50 -19.77
CA ALA A 81 -8.34 7.01 -21.04
C ALA A 81 -7.59 8.28 -21.50
N ASP A 82 -6.86 8.97 -20.61
CA ASP A 82 -6.13 10.22 -20.98
C ASP A 82 -4.70 9.90 -21.42
N VAL A 83 -4.33 8.63 -21.60
CA VAL A 83 -2.97 8.25 -22.10
C VAL A 83 -3.15 7.86 -23.55
N ALA A 84 -2.40 8.45 -24.48
CA ALA A 84 -2.65 8.31 -25.92
C ALA A 84 -2.29 6.91 -26.43
N TYR A 85 -1.23 6.30 -25.91
CA TYR A 85 -0.77 4.98 -26.44
C TYR A 85 -1.08 3.87 -25.43
N HIS A 86 -0.51 3.98 -24.22
CA HIS A 86 -0.55 2.87 -23.21
C HIS A 86 -1.92 2.83 -22.53
N ASN A 87 -2.94 2.53 -23.31
CA ASN A 87 -4.35 2.53 -22.87
C ASN A 87 -5.00 1.18 -23.22
N ASN A 88 -6.30 1.10 -22.99
CA ASN A 88 -7.09 -0.14 -23.16
C ASN A 88 -7.07 -0.56 -24.62
N ILE A 89 -6.90 0.36 -25.58
CA ILE A 89 -6.88 -0.07 -27.01
C ILE A 89 -5.58 -0.82 -27.27
N HIS A 90 -4.45 -0.34 -26.75
CA HIS A 90 -3.15 -1.04 -26.87
C HIS A 90 -3.25 -2.42 -26.20
N ALA A 91 -3.84 -2.49 -25.00
CA ALA A 91 -4.03 -3.79 -24.29
C ALA A 91 -4.85 -4.74 -25.18
N ALA A 92 -5.97 -4.27 -25.75
CA ALA A 92 -6.81 -5.10 -26.62
C ALA A 92 -6.03 -5.60 -27.84
N ASP A 93 -5.19 -4.73 -28.38
CA ASP A 93 -4.39 -5.04 -29.58
C ASP A 93 -3.35 -6.11 -29.24
N VAL A 94 -2.68 -6.01 -28.11
CA VAL A 94 -1.65 -7.01 -27.70
C VAL A 94 -2.33 -8.35 -27.41
N VAL A 95 -3.50 -8.32 -26.75
CA VAL A 95 -4.30 -9.56 -26.52
C VAL A 95 -4.59 -10.22 -27.87
N GLN A 96 -5.13 -9.46 -28.80
CA GLN A 96 -5.63 -10.04 -30.10
C GLN A 96 -4.42 -10.52 -30.92
N SER A 97 -3.32 -9.79 -30.87
CA SER A 97 -2.07 -10.16 -31.61
C SER A 97 -1.47 -11.42 -30.98
N THR A 98 -1.46 -11.54 -29.64
CA THR A 98 -1.05 -12.80 -28.98
C THR A 98 -1.94 -13.94 -29.39
N HIS A 99 -3.26 -13.74 -29.42
CA HIS A 99 -4.23 -14.76 -29.83
C HIS A 99 -3.91 -15.29 -31.24
N VAL A 100 -3.56 -14.40 -32.16
CA VAL A 100 -3.21 -14.81 -33.55
C VAL A 100 -1.87 -15.56 -33.52
N LEU A 101 -0.87 -15.10 -32.78
CA LEU A 101 0.45 -15.78 -32.74
C LEU A 101 0.31 -17.18 -32.12
N LEU A 102 -0.55 -17.35 -31.11
CA LEU A 102 -0.75 -18.67 -30.45
C LEU A 102 -1.33 -19.67 -31.46
N SER A 103 -2.09 -19.19 -32.46
CA SER A 103 -2.77 -20.01 -33.48
C SER A 103 -1.83 -20.34 -34.65
N THR A 104 -0.56 -19.98 -34.60
CA THR A 104 0.37 -20.22 -35.75
C THR A 104 0.51 -21.73 -35.99
N PRO A 105 0.45 -22.22 -37.25
CA PRO A 105 0.57 -23.66 -37.50
C PRO A 105 1.76 -24.32 -36.83
N ALA A 106 2.91 -23.65 -36.78
CA ALA A 106 4.14 -24.20 -36.16
C ALA A 106 3.98 -24.46 -34.66
N LEU A 107 2.96 -23.89 -34.01
CA LEU A 107 2.75 -24.10 -32.55
C LEU A 107 1.48 -24.93 -32.31
N GLU A 108 0.89 -25.53 -33.35
CA GLU A 108 -0.37 -26.28 -33.22
C GLU A 108 -0.16 -27.38 -32.18
N ALA A 109 -1.05 -27.45 -31.19
CA ALA A 109 -1.06 -28.46 -30.10
C ALA A 109 0.21 -28.41 -29.23
N VAL A 110 0.98 -27.33 -29.25
CA VAL A 110 2.21 -27.25 -28.42
C VAL A 110 1.81 -26.87 -26.97
N PHE A 111 1.00 -25.83 -26.79
CA PHE A 111 0.77 -25.24 -25.45
C PHE A 111 -0.48 -25.85 -24.79
N THR A 112 -0.46 -25.94 -23.45
CA THR A 112 -1.60 -26.36 -22.64
C THR A 112 -2.62 -25.23 -22.57
N ASP A 113 -3.86 -25.55 -22.22
CA ASP A 113 -4.91 -24.52 -21.99
C ASP A 113 -4.43 -23.54 -20.90
N LEU A 114 -3.73 -24.01 -19.87
CA LEU A 114 -3.26 -23.11 -18.78
C LEU A 114 -2.21 -22.14 -19.34
N GLU A 115 -1.31 -22.59 -20.22
CA GLU A 115 -0.27 -21.72 -20.83
C GLU A 115 -0.96 -20.71 -21.76
N ILE A 116 -1.97 -21.12 -22.50
CA ILE A 116 -2.75 -20.22 -23.39
C ILE A 116 -3.43 -19.16 -22.51
N LEU A 117 -4.11 -19.58 -21.44
CA LEU A 117 -4.74 -18.62 -20.49
C LEU A 117 -3.68 -17.66 -19.94
N ALA A 118 -2.50 -18.14 -19.57
CA ALA A 118 -1.39 -17.30 -19.05
C ALA A 118 -0.99 -16.24 -20.09
N ALA A 119 -0.77 -16.65 -21.33
CA ALA A 119 -0.33 -15.71 -22.38
C ALA A 119 -1.42 -14.65 -22.63
N ILE A 120 -2.68 -15.04 -22.70
CA ILE A 120 -3.78 -14.09 -23.00
C ILE A 120 -4.02 -13.16 -21.79
N PHE A 121 -4.05 -13.72 -20.58
CA PHE A 121 -4.27 -12.90 -19.38
C PHE A 121 -3.11 -11.93 -19.21
N ALA A 122 -1.86 -12.41 -19.35
CA ALA A 122 -0.66 -11.56 -19.29
C ALA A 122 -0.82 -10.39 -20.27
N SER A 123 -1.22 -10.68 -21.51
CA SER A 123 -1.38 -9.65 -22.56
C SER A 123 -2.42 -8.63 -22.10
N ALA A 124 -3.52 -9.08 -21.48
CA ALA A 124 -4.62 -8.17 -21.11
C ALA A 124 -4.16 -7.22 -20.02
N ILE A 125 -3.37 -7.68 -19.04
CA ILE A 125 -2.98 -6.86 -17.86
C ILE A 125 -1.65 -6.13 -18.11
N HIS A 126 -0.94 -6.37 -19.22
CA HIS A 126 0.54 -6.14 -19.23
C HIS A 126 0.89 -4.65 -19.13
N ASP A 127 -0.02 -3.71 -19.40
CA ASP A 127 0.23 -2.26 -19.26
C ASP A 127 -0.82 -1.59 -18.37
N VAL A 128 -1.53 -2.33 -17.49
CA VAL A 128 -2.67 -1.71 -16.76
C VAL A 128 -2.16 -0.62 -15.82
N ASP A 129 -2.89 0.47 -15.71
CA ASP A 129 -2.59 1.65 -14.85
C ASP A 129 -1.28 2.32 -15.30
N HIS A 130 -0.94 2.23 -16.59
CA HIS A 130 0.26 2.92 -17.15
C HIS A 130 0.00 4.42 -17.07
N PRO A 131 0.90 5.20 -16.46
CA PRO A 131 0.72 6.67 -16.39
C PRO A 131 1.17 7.44 -17.63
N GLY A 132 1.70 6.76 -18.66
CA GLY A 132 2.09 7.41 -19.92
C GLY A 132 3.47 8.05 -19.84
N VAL A 133 4.28 7.65 -18.88
CA VAL A 133 5.71 8.06 -18.79
C VAL A 133 6.55 6.82 -18.58
N SER A 134 7.84 6.92 -18.88
CA SER A 134 8.77 5.76 -18.91
C SER A 134 9.24 5.40 -17.50
N ASN A 135 9.82 4.22 -17.37
CA ASN A 135 10.49 3.83 -16.12
C ASN A 135 11.54 4.90 -15.74
N GLN A 136 12.33 5.36 -16.71
CA GLN A 136 13.45 6.29 -16.36
C GLN A 136 12.87 7.60 -15.82
N PHE A 137 11.75 8.05 -16.39
CA PHE A 137 11.05 9.26 -15.93
C PHE A 137 10.64 9.06 -14.48
N LEU A 138 9.99 7.93 -14.16
CA LEU A 138 9.53 7.64 -12.79
C LEU A 138 10.71 7.56 -11.82
N ILE A 139 11.83 6.97 -12.23
CA ILE A 139 13.05 6.89 -11.38
C ILE A 139 13.60 8.31 -11.14
N ASN A 140 13.73 9.09 -12.20
CA ASN A 140 14.39 10.42 -12.15
C ASN A 140 13.53 11.41 -11.36
N THR A 141 12.20 11.23 -11.30
CA THR A 141 11.28 12.16 -10.58
C THR A 141 11.09 11.68 -9.14
N ASN A 142 11.75 10.60 -8.71
CA ASN A 142 11.58 10.11 -7.32
C ASN A 142 10.10 9.74 -7.10
N SER A 143 9.44 9.19 -8.12
CA SER A 143 8.00 8.88 -8.06
C SER A 143 7.79 7.76 -7.04
N GLU A 144 6.64 7.80 -6.38
CA GLU A 144 6.21 6.71 -5.46
C GLU A 144 6.37 5.34 -6.13
N LEU A 145 6.02 5.17 -7.40
CA LEU A 145 6.10 3.81 -8.03
C LEU A 145 7.55 3.33 -8.04
N ALA A 146 8.48 4.21 -8.42
CA ALA A 146 9.90 3.84 -8.50
C ALA A 146 10.42 3.45 -7.11
N LEU A 147 9.99 4.14 -6.07
CA LEU A 147 10.40 3.84 -4.68
C LEU A 147 9.79 2.49 -4.23
N MET A 148 8.54 2.20 -4.59
CA MET A 148 7.86 0.95 -4.19
CA MET A 148 7.86 0.95 -4.19
C MET A 148 8.59 -0.25 -4.80
N TYR A 149 9.08 -0.12 -6.02
CA TYR A 149 9.72 -1.24 -6.76
C TYR A 149 11.24 -1.16 -6.80
N ASN A 150 11.84 -0.29 -6.00
CA ASN A 150 13.31 -0.12 -5.90
C ASN A 150 13.92 0.07 -7.28
N ASP A 151 13.29 0.92 -8.10
CA ASP A 151 13.76 1.34 -9.45
C ASP A 151 13.90 0.17 -10.41
N SER A 152 13.33 -1.00 -10.11
CA SER A 152 13.55 -2.22 -10.92
C SER A 152 12.26 -2.64 -11.64
N SER A 153 12.26 -2.65 -12.98
CA SER A 153 11.09 -2.89 -13.87
C SER A 153 9.84 -2.27 -13.23
N VAL A 154 9.94 -0.96 -12.98
CA VAL A 154 8.95 -0.28 -12.10
C VAL A 154 7.54 -0.47 -12.67
N LEU A 155 7.31 -0.07 -13.90
CA LEU A 155 5.97 -0.15 -14.52
C LEU A 155 5.51 -1.60 -14.59
N GLU A 156 6.36 -2.51 -15.04
CA GLU A 156 5.95 -3.90 -15.30
C GLU A 156 5.56 -4.59 -13.97
N ASN A 157 6.29 -4.31 -12.88
CA ASN A 157 5.93 -4.78 -11.52
C ASN A 157 4.56 -4.23 -11.16
N HIS A 158 4.33 -2.96 -11.45
CA HIS A 158 3.05 -2.30 -11.12
C HIS A 158 1.91 -2.91 -11.91
N HIS A 159 2.07 -3.13 -13.22
CA HIS A 159 1.02 -3.70 -14.09
C HIS A 159 0.58 -5.06 -13.50
N LEU A 160 1.55 -5.90 -13.14
CA LEU A 160 1.27 -7.21 -12.54
C LEU A 160 0.48 -7.01 -11.24
N ALA A 161 0.99 -6.19 -10.35
CA ALA A 161 0.37 -6.03 -9.02
C ALA A 161 -1.09 -5.56 -9.18
N VAL A 162 -1.36 -4.65 -10.08
CA VAL A 162 -2.74 -4.12 -10.31
C VAL A 162 -3.59 -5.21 -10.95
N GLY A 163 -3.09 -5.85 -12.02
CA GLY A 163 -3.88 -6.89 -12.71
C GLY A 163 -4.31 -7.98 -11.73
N PHE A 164 -3.42 -8.40 -10.83
CA PHE A 164 -3.75 -9.43 -9.80
C PHE A 164 -4.66 -8.87 -8.69
N LYS A 165 -4.40 -7.67 -8.22
CA LYS A 165 -5.17 -7.09 -7.08
C LYS A 165 -6.62 -6.89 -7.50
N LEU A 166 -6.88 -6.58 -8.77
CA LEU A 166 -8.28 -6.38 -9.23
C LEU A 166 -9.12 -7.66 -9.17
N LEU A 167 -8.51 -8.84 -9.10
CA LEU A 167 -9.25 -10.12 -8.91
C LEU A 167 -10.01 -10.09 -7.57
N GLN A 168 -9.60 -9.23 -6.63
CA GLN A 168 -10.19 -9.19 -5.27
C GLN A 168 -11.39 -8.25 -5.21
N GLU A 169 -11.71 -7.51 -6.27
CA GLU A 169 -12.91 -6.65 -6.28
C GLU A 169 -14.14 -7.55 -6.36
N GLU A 170 -15.29 -6.99 -6.03
CA GLU A 170 -16.58 -7.70 -5.98
C GLU A 170 -16.85 -8.47 -7.27
N ASN A 171 -17.03 -9.80 -7.15
CA ASN A 171 -17.34 -10.69 -8.30
C ASN A 171 -16.30 -10.53 -9.44
N CYS A 172 -15.02 -10.41 -9.11
CA CYS A 172 -13.92 -10.26 -10.09
C CYS A 172 -13.00 -11.49 -10.12
N ASP A 173 -13.17 -12.48 -9.24
CA ASP A 173 -12.12 -13.54 -9.19
C ASP A 173 -12.36 -14.60 -10.25
N ILE A 174 -11.88 -14.33 -11.47
CA ILE A 174 -12.08 -15.24 -12.61
C ILE A 174 -11.36 -16.59 -12.40
N PHE A 175 -10.43 -16.69 -11.48
CA PHE A 175 -9.67 -17.93 -11.22
C PHE A 175 -10.21 -18.67 -9.98
N GLN A 176 -11.41 -18.31 -9.51
CA GLN A 176 -11.95 -18.84 -8.23
C GLN A 176 -12.09 -20.39 -8.27
N ASN A 177 -12.27 -21.01 -9.44
CA ASN A 177 -12.47 -22.49 -9.55
C ASN A 177 -11.20 -23.24 -9.95
N LEU A 178 -10.06 -22.55 -10.11
CA LEU A 178 -8.78 -23.24 -10.39
C LEU A 178 -8.27 -23.86 -9.09
N THR A 179 -7.60 -25.01 -9.18
CA THR A 179 -6.88 -25.59 -8.02
C THR A 179 -5.73 -24.68 -7.65
N LYS A 180 -5.23 -24.79 -6.43
CA LYS A 180 -4.02 -24.08 -6.00
C LYS A 180 -2.87 -24.39 -6.97
N LYS A 181 -2.72 -25.64 -7.42
CA LYS A 181 -1.63 -26.00 -8.34
C LYS A 181 -1.74 -25.23 -9.67
N GLN A 182 -2.93 -25.17 -10.22
CA GLN A 182 -3.25 -24.39 -11.45
C GLN A 182 -2.92 -22.92 -11.20
N ARG A 183 -3.38 -22.35 -10.08
CA ARG A 183 -3.20 -20.91 -9.77
C ARG A 183 -1.73 -20.58 -9.60
N GLN A 184 -0.92 -21.41 -8.93
CA GLN A 184 0.51 -21.13 -8.72
C GLN A 184 1.22 -21.18 -10.07
N SER A 185 0.88 -22.12 -10.92
CA SER A 185 1.51 -22.26 -12.24
C SER A 185 1.12 -21.06 -13.10
N LEU A 186 -0.17 -20.74 -13.17
CA LEU A 186 -0.66 -19.58 -13.94
C LEU A 186 0.03 -18.31 -13.48
N ARG A 187 0.07 -18.10 -12.18
CA ARG A 187 0.65 -16.86 -11.60
C ARG A 187 2.12 -16.76 -11.98
N LYS A 188 2.91 -17.83 -11.86
CA LYS A 188 4.33 -17.71 -12.18
C LYS A 188 4.51 -17.39 -13.68
N MET A 189 3.75 -18.00 -14.54
CA MET A 189 3.87 -17.78 -15.99
C MET A 189 3.50 -16.33 -16.31
N VAL A 190 2.43 -15.81 -15.70
CA VAL A 190 1.96 -14.44 -15.99
C VAL A 190 3.03 -13.46 -15.56
N ILE A 191 3.62 -13.63 -14.39
CA ILE A 191 4.69 -12.78 -13.86
C ILE A 191 5.89 -12.84 -14.83
N ASP A 192 6.30 -14.03 -15.22
CA ASP A 192 7.47 -14.21 -16.12
C ASP A 192 7.22 -13.50 -17.45
N ILE A 193 6.00 -13.59 -17.99
CA ILE A 193 5.66 -12.96 -19.29
C ILE A 193 5.65 -11.43 -19.16
N VAL A 194 4.94 -10.88 -18.18
CA VAL A 194 4.82 -9.39 -18.13
C VAL A 194 6.18 -8.77 -17.80
N LEU A 195 6.99 -9.37 -16.91
CA LEU A 195 8.33 -8.81 -16.59
C LEU A 195 9.22 -8.81 -17.85
N ALA A 196 8.96 -9.71 -18.79
CA ALA A 196 9.72 -9.80 -20.06
C ALA A 196 9.28 -8.70 -21.05
N THR A 197 8.23 -7.90 -20.76
CA THR A 197 7.84 -6.77 -21.63
C THR A 197 8.67 -5.55 -21.34
N ASP A 198 9.49 -5.55 -20.28
CA ASP A 198 10.43 -4.44 -19.97
C ASP A 198 11.48 -4.42 -21.08
N MET A 199 11.62 -3.31 -21.81
CA MET A 199 12.55 -3.24 -22.98
C MET A 199 14.01 -3.43 -22.51
N SER A 200 14.31 -3.25 -21.23
CA SER A 200 15.66 -3.59 -20.68
C SER A 200 15.95 -5.08 -20.85
N LYS A 201 14.94 -5.94 -21.03
CA LYS A 201 15.17 -7.41 -21.15
C LYS A 201 15.25 -7.85 -22.60
N HIS A 202 15.03 -6.95 -23.57
CA HIS A 202 14.85 -7.29 -24.99
C HIS A 202 16.10 -8.02 -25.53
N MET A 203 17.29 -7.47 -25.33
CA MET A 203 18.53 -8.04 -25.93
C MET A 203 18.75 -9.47 -25.39
N ASN A 204 18.53 -9.75 -24.10
CA ASN A 204 18.69 -11.12 -23.54
C ASN A 204 17.59 -12.04 -24.04
N LEU A 205 16.34 -11.58 -24.14
CA LEU A 205 15.23 -12.42 -24.69
C LEU A 205 15.58 -12.79 -26.13
N LEU A 206 16.00 -11.82 -26.93
CA LEU A 206 16.32 -12.06 -28.37
C LEU A 206 17.50 -13.03 -28.46
N ALA A 207 18.53 -12.86 -27.63
CA ALA A 207 19.72 -13.76 -27.63
C ALA A 207 19.23 -15.19 -27.41
N ASP A 208 18.33 -15.37 -26.44
CA ASP A 208 17.80 -16.70 -26.07
C ASP A 208 16.91 -17.24 -27.18
N LEU A 209 16.10 -16.40 -27.81
CA LEU A 209 15.25 -16.87 -28.93
C LEU A 209 16.16 -17.35 -30.08
N LYS A 210 17.24 -16.62 -30.38
CA LYS A 210 18.19 -16.99 -31.47
C LYS A 210 18.83 -18.35 -31.17
N THR A 211 19.27 -18.56 -29.92
CA THR A 211 19.85 -19.85 -29.44
C THR A 211 18.85 -20.98 -29.68
N MET A 212 17.56 -20.74 -29.41
CA MET A 212 16.53 -21.77 -29.58
C MET A 212 16.31 -22.05 -31.06
N VAL A 213 16.33 -21.01 -31.90
CA VAL A 213 16.15 -21.22 -33.37
C VAL A 213 17.35 -22.05 -33.85
N GLU A 214 18.54 -21.70 -33.40
CA GLU A 214 19.78 -22.41 -33.79
C GLU A 214 19.67 -23.90 -33.43
N THR A 215 19.13 -24.24 -32.26
CA THR A 215 19.05 -25.65 -31.80
C THR A 215 17.62 -26.16 -31.75
N LYS A 216 16.77 -25.73 -32.67
CA LYS A 216 15.32 -26.05 -32.67
C LYS A 216 15.18 -27.52 -33.03
N LYS A 217 14.26 -28.20 -32.36
CA LYS A 217 13.79 -29.56 -32.70
C LYS A 217 12.31 -29.49 -33.08
N VAL A 218 11.90 -30.25 -34.10
CA VAL A 218 10.54 -30.14 -34.71
C VAL A 218 9.85 -31.50 -34.71
N THR A 219 9.38 -31.93 -33.53
CA THR A 219 8.95 -33.34 -33.28
C THR A 219 7.50 -33.50 -33.73
N SER A 220 7.09 -34.76 -33.95
CA SER A 220 5.84 -35.14 -34.65
C SER A 220 5.84 -34.60 -36.10
N SER A 221 7.03 -34.37 -36.67
CA SER A 221 7.30 -34.28 -38.13
C SER A 221 7.09 -32.84 -38.67
N GLY A 222 6.68 -31.88 -37.83
CA GLY A 222 6.31 -30.53 -38.32
C GLY A 222 6.35 -29.42 -37.27
N VAL A 223 5.97 -29.73 -36.03
CA VAL A 223 5.63 -28.73 -34.98
C VAL A 223 6.78 -28.60 -33.97
N LEU A 224 6.92 -27.43 -33.35
CA LEU A 224 8.02 -27.15 -32.40
C LEU A 224 7.99 -28.14 -31.22
N LEU A 225 9.15 -28.63 -30.81
CA LEU A 225 9.32 -29.43 -29.56
C LEU A 225 9.84 -28.50 -28.48
N LEU A 226 9.05 -28.33 -27.40
CA LEU A 226 9.46 -27.53 -26.21
C LEU A 226 9.26 -28.40 -24.96
N ASP A 227 10.32 -28.98 -24.39
CA ASP A 227 10.13 -30.11 -23.45
C ASP A 227 10.54 -29.73 -22.03
N ASN A 228 10.83 -28.47 -21.75
CA ASN A 228 11.15 -27.99 -20.37
C ASN A 228 10.54 -26.58 -20.17
N TYR A 229 10.33 -26.16 -18.92
CA TYR A 229 9.67 -24.87 -18.58
C TYR A 229 10.48 -23.73 -19.19
N SER A 230 11.81 -23.78 -19.05
CA SER A 230 12.72 -22.71 -19.52
C SER A 230 12.40 -22.39 -20.99
N ASP A 231 12.22 -23.41 -21.82
CA ASP A 231 12.02 -23.20 -23.28
C ASP A 231 10.56 -22.81 -23.53
N ARG A 232 9.61 -23.43 -22.84
CA ARG A 232 8.17 -23.13 -23.05
C ARG A 232 7.93 -21.66 -22.64
N ILE A 233 8.47 -21.21 -21.52
CA ILE A 233 8.20 -19.83 -21.01
C ILE A 233 8.95 -18.82 -21.90
N GLN A 234 10.15 -19.16 -22.38
CA GLN A 234 10.92 -18.28 -23.28
C GLN A 234 10.11 -18.03 -24.55
N VAL A 235 9.47 -19.05 -25.11
CA VAL A 235 8.66 -18.86 -26.33
C VAL A 235 7.47 -17.96 -26.00
N LEU A 236 6.79 -18.18 -24.88
CA LEU A 236 5.62 -17.35 -24.50
C LEU A 236 6.06 -15.92 -24.24
N GLN A 237 7.17 -15.71 -23.54
CA GLN A 237 7.73 -14.38 -23.25
C GLN A 237 7.99 -13.66 -24.59
N ASN A 238 8.69 -14.32 -25.51
CA ASN A 238 9.02 -13.71 -26.83
C ASN A 238 7.73 -13.46 -27.63
N MET A 239 6.76 -14.35 -27.53
CA MET A 239 5.49 -14.23 -28.29
C MET A 239 4.77 -12.95 -27.84
N VAL A 240 4.64 -12.74 -26.53
CA VAL A 240 3.91 -11.55 -26.04
C VAL A 240 4.73 -10.30 -26.32
N HIS A 241 6.05 -10.38 -26.22
CA HIS A 241 6.96 -9.27 -26.57
C HIS A 241 6.79 -8.94 -28.08
N CYS A 242 6.74 -9.93 -28.95
CA CYS A 242 6.41 -9.74 -30.39
C CYS A 242 5.07 -9.02 -30.54
N ALA A 243 4.03 -9.47 -29.81
CA ALA A 243 2.70 -8.81 -29.85
C ALA A 243 2.81 -7.36 -29.40
N ASP A 244 3.55 -7.11 -28.32
CA ASP A 244 3.73 -5.74 -27.78
C ASP A 244 4.44 -4.85 -28.85
N LEU A 245 5.40 -5.43 -29.57
CA LEU A 245 6.18 -4.70 -30.62
C LEU A 245 5.62 -5.04 -32.01
N SER A 246 4.30 -5.22 -32.16
CA SER A 246 3.69 -5.66 -33.43
C SER A 246 3.21 -4.47 -34.29
N ASN A 247 3.21 -3.24 -33.79
CA ASN A 247 2.56 -2.11 -34.49
C ASN A 247 3.17 -1.96 -35.90
N PRO A 248 4.51 -2.02 -36.07
CA PRO A 248 5.10 -1.78 -37.40
C PRO A 248 4.87 -2.94 -38.37
N THR A 249 4.30 -4.07 -37.89
CA THR A 249 4.00 -5.25 -38.72
C THR A 249 2.55 -5.22 -39.21
N LYS A 250 1.79 -4.24 -38.77
CA LYS A 250 0.36 -4.17 -39.13
C LYS A 250 0.22 -3.38 -40.43
N PRO A 251 -0.92 -3.51 -41.14
CA PRO A 251 -1.21 -2.60 -42.25
C PRO A 251 -0.95 -1.15 -41.83
N LEU A 252 -0.44 -0.37 -42.77
CA LEU A 252 0.05 1.00 -42.53
C LEU A 252 -1.01 1.89 -41.90
N GLN A 253 -2.29 1.80 -42.27
CA GLN A 253 -3.34 2.66 -41.67
C GLN A 253 -3.38 2.44 -40.14
N LEU A 254 -3.14 1.21 -39.69
CA LEU A 254 -3.09 0.89 -38.23
C LEU A 254 -1.79 1.41 -37.64
N TYR A 255 -0.65 1.05 -38.23
CA TYR A 255 0.72 1.46 -37.77
C TYR A 255 0.76 2.96 -37.55
N ARG A 256 0.26 3.76 -38.51
CA ARG A 256 0.35 5.24 -38.41
C ARG A 256 -0.49 5.76 -37.27
N GLN A 257 -1.61 5.14 -36.96
CA GLN A 257 -2.40 5.55 -35.77
C GLN A 257 -1.58 5.28 -34.49
N TRP A 258 -0.89 4.15 -34.44
CA TRP A 258 -0.08 3.77 -33.25
C TRP A 258 1.10 4.73 -33.14
N THR A 259 1.72 5.07 -34.28
CA THR A 259 2.84 6.05 -34.30
C THR A 259 2.35 7.41 -33.81
N ASP A 260 1.21 7.89 -34.27
CA ASP A 260 0.67 9.19 -33.81
C ASP A 260 0.49 9.16 -32.30
N ARG A 261 -0.02 8.04 -31.79
CA ARG A 261 -0.35 7.93 -30.33
C ARG A 261 0.96 7.88 -29.53
N ILE A 262 1.93 7.05 -29.89
CA ILE A 262 3.17 6.92 -29.12
C ILE A 262 3.91 8.25 -29.17
N MET A 263 3.87 8.97 -30.29
CA MET A 263 4.57 10.29 -30.40
C MET A 263 3.85 11.32 -29.54
N GLU A 264 2.52 11.30 -29.43
CA GLU A 264 1.76 12.20 -28.52
C GLU A 264 2.23 11.95 -27.09
N GLU A 265 2.32 10.66 -26.73
CA GLU A 265 2.69 10.27 -25.36
C GLU A 265 4.13 10.70 -25.10
N PHE A 266 5.04 10.40 -26.02
CA PHE A 266 6.49 10.72 -25.89
C PHE A 266 6.67 12.23 -25.80
N PHE A 267 6.00 12.99 -26.66
CA PHE A 267 6.16 14.47 -26.71
C PHE A 267 5.64 15.04 -25.40
N ARG A 268 4.57 14.48 -24.84
CA ARG A 268 4.00 14.97 -23.56
C ARG A 268 5.01 14.68 -22.46
N GLN A 269 5.66 13.52 -22.47
CA GLN A 269 6.72 13.24 -21.47
C GLN A 269 7.85 14.27 -21.65
N GLY A 270 8.25 14.54 -22.89
CA GLY A 270 9.32 15.51 -23.18
C GLY A 270 8.94 16.91 -22.73
N ASP A 271 7.67 17.29 -22.86
CA ASP A 271 7.17 18.60 -22.37
C ASP A 271 7.33 18.65 -20.85
N ARG A 272 7.06 17.56 -20.14
CA ARG A 272 7.14 17.50 -18.66
C ARG A 272 8.61 17.53 -18.25
N GLU A 273 9.49 16.85 -18.98
CA GLU A 273 10.96 16.89 -18.75
C GLU A 273 11.46 18.33 -18.99
N ARG A 274 11.10 18.96 -20.11
CA ARG A 274 11.61 20.31 -20.48
C ARG A 274 11.15 21.33 -19.43
N GLU A 275 9.87 21.30 -19.05
CA GLU A 275 9.31 22.28 -18.07
C GLU A 275 10.00 22.08 -16.72
N ARG A 276 10.52 20.89 -16.41
CA ARG A 276 11.19 20.60 -15.11
C ARG A 276 12.70 20.80 -15.24
N GLY A 277 13.20 21.17 -16.42
CA GLY A 277 14.64 21.32 -16.68
C GLY A 277 15.39 20.00 -16.67
N MET A 278 14.74 18.87 -16.95
CA MET A 278 15.41 17.55 -17.03
C MET A 278 15.91 17.37 -18.46
N GLU A 279 16.91 16.52 -18.65
CA GLU A 279 17.30 16.02 -19.99
C GLU A 279 16.04 15.45 -20.65
N ILE A 280 15.78 15.81 -21.91
CA ILE A 280 14.61 15.30 -22.66
C ILE A 280 14.99 13.90 -23.16
N SER A 281 14.16 12.89 -22.89
CA SER A 281 14.41 11.47 -23.25
C SER A 281 14.50 11.33 -24.78
N PRO A 282 15.20 10.29 -25.28
CA PRO A 282 15.24 10.01 -26.71
C PRO A 282 13.85 10.05 -27.37
N MET A 283 13.72 10.81 -28.47
CA MET A 283 12.51 10.90 -29.34
C MET A 283 11.33 11.57 -28.61
N CYS A 284 11.57 12.27 -27.50
CA CYS A 284 10.50 12.94 -26.69
C CYS A 284 10.49 14.47 -26.92
N ASP A 285 11.38 15.00 -27.76
CA ASP A 285 11.47 16.46 -28.02
C ASP A 285 10.71 16.82 -29.29
N LYS A 286 9.53 17.41 -29.14
CA LYS A 286 8.65 17.76 -30.28
C LYS A 286 9.31 18.85 -31.14
N HIS A 287 10.33 19.55 -30.60
CA HIS A 287 11.04 20.66 -31.31
C HIS A 287 12.26 20.11 -32.05
N ASN A 288 12.64 18.86 -31.79
CA ASN A 288 13.86 18.21 -32.33
C ASN A 288 13.49 16.78 -32.76
N ALA A 289 12.39 16.61 -33.50
CA ALA A 289 11.76 15.30 -33.77
C ALA A 289 12.00 14.89 -35.21
N SER A 290 12.31 13.62 -35.42
CA SER A 290 12.39 12.97 -36.73
C SER A 290 11.60 11.67 -36.65
N VAL A 291 10.27 11.78 -36.74
CA VAL A 291 9.32 10.65 -36.56
C VAL A 291 9.69 9.53 -37.54
N GLU A 292 9.94 9.85 -38.81
CA GLU A 292 10.25 8.86 -39.86
C GLU A 292 11.58 8.15 -39.57
N LYS A 293 12.64 8.91 -39.34
CA LYS A 293 13.99 8.37 -39.01
C LYS A 293 13.89 7.46 -37.76
N SER A 294 13.15 7.91 -36.76
CA SER A 294 12.96 7.14 -35.49
C SER A 294 12.28 5.80 -35.77
N GLN A 295 11.23 5.78 -36.62
CA GLN A 295 10.52 4.53 -36.94
C GLN A 295 11.49 3.63 -37.69
N VAL A 296 12.29 4.17 -38.62
CA VAL A 296 13.24 3.31 -39.38
C VAL A 296 14.29 2.74 -38.41
N GLY A 297 14.80 3.54 -37.48
CA GLY A 297 15.81 3.07 -36.50
C GLY A 297 15.21 2.01 -35.59
N PHE A 298 13.97 2.24 -35.13
CA PHE A 298 13.23 1.30 -34.27
C PHE A 298 13.04 -0.04 -34.99
N ILE A 299 12.63 0.00 -36.26
CA ILE A 299 12.48 -1.26 -37.04
C ILE A 299 13.85 -1.90 -37.20
N ASP A 300 14.88 -1.13 -37.62
CA ASP A 300 16.18 -1.74 -37.99
C ASP A 300 16.88 -2.36 -36.77
N TYR A 301 16.82 -1.73 -35.61
CA TYR A 301 17.62 -2.15 -34.43
C TYR A 301 16.81 -3.03 -33.47
N ILE A 302 15.47 -2.92 -33.45
CA ILE A 302 14.64 -3.67 -32.45
C ILE A 302 13.63 -4.60 -33.15
N VAL A 303 12.73 -4.04 -33.96
CA VAL A 303 11.51 -4.78 -34.37
C VAL A 303 11.86 -5.82 -35.43
N HIS A 304 12.68 -5.49 -36.44
CA HIS A 304 13.02 -6.44 -37.51
C HIS A 304 13.90 -7.56 -36.97
N PRO A 305 14.95 -7.32 -36.18
CA PRO A 305 15.73 -8.42 -35.61
C PRO A 305 14.86 -9.38 -34.78
N LEU A 306 13.94 -8.85 -33.99
CA LEU A 306 13.00 -9.71 -33.23
C LEU A 306 12.11 -10.51 -34.17
N TRP A 307 11.41 -9.83 -35.08
CA TRP A 307 10.40 -10.51 -35.93
C TRP A 307 11.07 -11.43 -36.96
N GLU A 308 12.29 -11.11 -37.41
CA GLU A 308 13.06 -12.01 -38.30
C GLU A 308 13.37 -13.29 -37.53
N THR A 309 13.70 -13.19 -36.25
CA THR A 309 14.04 -14.39 -35.43
C THR A 309 12.76 -15.18 -35.14
N TRP A 310 11.67 -14.52 -34.73
CA TRP A 310 10.37 -15.20 -34.56
C TRP A 310 10.00 -15.93 -35.87
N ALA A 311 10.09 -15.24 -37.02
CA ALA A 311 9.72 -15.81 -38.35
C ALA A 311 10.53 -17.08 -38.62
N ASP A 312 11.81 -17.09 -38.25
CA ASP A 312 12.69 -18.29 -38.31
C ASP A 312 12.13 -19.42 -37.43
N LEU A 313 11.76 -19.12 -36.19
CA LEU A 313 11.21 -20.14 -35.27
C LEU A 313 9.99 -20.80 -35.90
N VAL A 314 9.09 -20.03 -36.50
CA VAL A 314 7.78 -20.56 -36.96
C VAL A 314 7.75 -20.66 -38.49
N HIS A 315 8.90 -20.67 -39.16
CA HIS A 315 9.03 -20.62 -40.65
C HIS A 315 8.13 -21.68 -41.26
N PRO A 316 7.29 -21.37 -42.28
CA PRO A 316 7.19 -20.05 -42.89
C PRO A 316 6.00 -19.19 -42.44
N ASP A 317 5.40 -19.53 -41.30
CA ASP A 317 4.08 -18.99 -40.89
C ASP A 317 4.05 -17.47 -40.88
N ALA A 318 5.16 -16.80 -40.57
CA ALA A 318 5.17 -15.32 -40.34
C ALA A 318 5.71 -14.56 -41.55
N GLN A 319 5.86 -15.21 -42.70
CA GLN A 319 6.41 -14.52 -43.91
C GLN A 319 5.61 -13.27 -44.25
N ASP A 320 4.27 -13.31 -44.22
CA ASP A 320 3.44 -12.16 -44.63
C ASP A 320 3.59 -11.02 -43.62
N ILE A 321 3.76 -11.36 -42.33
CA ILE A 321 3.97 -10.34 -41.26
C ILE A 321 5.32 -9.66 -41.50
N LEU A 322 6.38 -10.43 -41.73
CA LEU A 322 7.73 -9.89 -42.01
C LEU A 322 7.68 -9.03 -43.28
N ASP A 323 6.96 -9.46 -44.31
CA ASP A 323 6.84 -8.69 -45.58
C ASP A 323 6.15 -7.35 -45.31
N THR A 324 5.07 -7.32 -44.50
CA THR A 324 4.37 -6.07 -44.16
C THR A 324 5.35 -5.15 -43.43
N LEU A 325 6.13 -5.70 -42.48
CA LEU A 325 7.09 -4.90 -41.68
C LEU A 325 8.10 -4.26 -42.66
N GLU A 326 8.62 -5.03 -43.60
CA GLU A 326 9.64 -4.58 -44.58
C GLU A 326 9.02 -3.50 -45.48
N ASP A 327 7.78 -3.67 -45.94
CA ASP A 327 7.08 -2.62 -46.73
C ASP A 327 6.92 -1.35 -45.91
N ASN A 328 6.52 -1.44 -44.64
CA ASN A 328 6.32 -0.26 -43.77
C ASN A 328 7.67 0.44 -43.59
N ARG A 329 8.74 -0.32 -43.42
CA ARG A 329 10.07 0.27 -43.18
C ARG A 329 10.45 1.09 -44.42
N GLU A 330 10.22 0.54 -45.60
CA GLU A 330 10.54 1.21 -46.91
C GLU A 330 9.69 2.47 -47.00
N TRP A 331 8.41 2.39 -46.64
CA TRP A 331 7.51 3.56 -46.68
C TRP A 331 8.04 4.69 -45.81
N TYR A 332 8.43 4.44 -44.54
CA TYR A 332 8.93 5.49 -43.62
C TYR A 332 10.27 6.04 -44.19
N GLN A 333 11.16 5.17 -44.64
CA GLN A 333 12.46 5.58 -45.24
C GLN A 333 12.18 6.59 -46.37
N SER A 334 11.22 6.28 -47.23
CA SER A 334 10.90 7.07 -48.45
C SER A 334 10.34 8.45 -48.07
N THR A 335 9.92 8.68 -46.82
CA THR A 335 9.34 9.97 -46.39
C THR A 335 10.27 10.72 -45.43
N ILE A 336 11.51 10.26 -45.25
CA ILE A 336 12.57 11.00 -44.50
C ILE A 336 12.88 12.27 -45.32
N PRO A 337 12.47 13.48 -44.84
CA PRO A 337 12.72 14.73 -45.58
C PRO A 337 14.17 15.19 -45.48
N GLU B 15 28.21 0.14 30.07
CA GLU B 15 29.05 0.04 31.27
C GLU B 15 30.49 -0.35 30.88
N ASP B 16 31.29 -0.62 31.91
CA ASP B 16 32.73 -0.94 31.83
C ASP B 16 32.94 -2.23 31.01
N VAL B 17 32.17 -3.28 31.34
CA VAL B 17 32.30 -4.61 30.68
C VAL B 17 31.91 -4.46 29.20
N LEU B 18 30.89 -3.66 28.89
CA LEU B 18 30.44 -3.40 27.49
C LEU B 18 31.59 -2.73 26.71
N ALA B 19 32.18 -1.67 27.27
CA ALA B 19 33.31 -0.94 26.62
C ALA B 19 34.45 -1.92 26.29
N LYS B 20 34.75 -2.83 27.21
CA LYS B 20 35.84 -3.83 27.00
C LYS B 20 35.49 -4.77 25.84
N GLU B 21 34.27 -5.31 25.80
CA GLU B 21 33.85 -6.23 24.70
C GLU B 21 33.94 -5.48 23.36
N LEU B 22 33.60 -4.19 23.34
CA LEU B 22 33.53 -3.38 22.09
C LEU B 22 34.93 -3.05 21.59
N GLU B 23 35.98 -3.26 22.40
CA GLU B 23 37.38 -3.15 21.89
C GLU B 23 37.63 -4.23 20.84
N ASP B 24 36.82 -5.29 20.77
CA ASP B 24 37.00 -6.37 19.74
C ASP B 24 36.22 -6.04 18.45
N VAL B 25 35.68 -4.83 18.30
CA VAL B 25 34.76 -4.47 17.17
C VAL B 25 35.45 -4.66 15.82
N ASN B 26 36.78 -4.60 15.76
CA ASN B 26 37.51 -4.73 14.48
C ASN B 26 37.91 -6.18 14.25
N LYS B 27 37.48 -7.12 15.09
CA LYS B 27 37.93 -8.53 15.01
C LYS B 27 36.81 -9.48 14.60
N TRP B 28 37.13 -10.42 13.73
CA TRP B 28 36.26 -11.59 13.48
C TRP B 28 36.07 -12.35 14.79
N GLY B 29 34.83 -12.61 15.21
CA GLY B 29 34.61 -13.42 16.42
C GLY B 29 34.27 -12.56 17.62
N LEU B 30 33.87 -11.32 17.39
CA LEU B 30 33.28 -10.46 18.42
C LEU B 30 32.23 -11.24 19.22
N HIS B 31 32.17 -11.03 20.54
CA HIS B 31 31.19 -11.71 21.44
C HIS B 31 29.85 -10.97 21.32
N VAL B 32 29.19 -11.11 20.17
CA VAL B 32 28.01 -10.26 19.81
C VAL B 32 26.83 -10.64 20.74
N PHE B 33 26.70 -11.89 21.18
CA PHE B 33 25.61 -12.28 22.11
C PHE B 33 25.82 -11.61 23.47
N ARG B 34 27.09 -11.53 23.92
CA ARG B 34 27.45 -10.87 25.21
C ARG B 34 27.16 -9.37 25.07
N ILE B 35 27.48 -8.80 23.92
CA ILE B 35 27.15 -7.36 23.66
C ILE B 35 25.64 -7.14 23.72
N ALA B 36 24.86 -8.05 23.12
CA ALA B 36 23.37 -7.96 23.15
C ALA B 36 22.91 -7.94 24.62
N GLU B 37 23.44 -8.82 25.46
CA GLU B 37 23.06 -8.92 26.90
C GLU B 37 23.45 -7.62 27.62
N LEU B 38 24.69 -7.18 27.44
CA LEU B 38 25.24 -6.01 28.18
C LEU B 38 24.54 -4.72 27.77
N SER B 39 24.08 -4.60 26.53
CA SER B 39 23.50 -3.35 25.99
C SER B 39 21.99 -3.26 26.24
N GLY B 40 21.38 -4.24 26.94
CA GLY B 40 19.93 -4.29 27.13
C GLY B 40 19.23 -4.57 25.81
N ASN B 41 19.78 -5.53 25.04
CA ASN B 41 19.27 -5.97 23.72
C ASN B 41 19.34 -4.82 22.73
N ARG B 42 20.43 -4.05 22.74
CA ARG B 42 20.70 -2.98 21.75
C ARG B 42 22.02 -3.24 21.03
N PRO B 43 22.32 -4.49 20.60
CA PRO B 43 23.58 -4.73 19.92
C PRO B 43 23.70 -3.96 18.61
N LEU B 44 22.60 -3.78 17.87
CA LEU B 44 22.69 -3.10 16.55
C LEU B 44 23.01 -1.63 16.78
N THR B 45 22.33 -1.00 17.74
CA THR B 45 22.57 0.44 18.05
C THR B 45 24.01 0.62 18.51
N VAL B 46 24.47 -0.15 19.50
CA VAL B 46 25.80 0.12 20.11
C VAL B 46 26.90 -0.27 19.11
N ILE B 47 26.75 -1.36 18.36
CA ILE B 47 27.77 -1.73 17.34
C ILE B 47 27.80 -0.71 16.20
N MET B 48 26.64 -0.29 15.68
CA MET B 48 26.63 0.73 14.61
C MET B 48 27.24 2.06 15.12
N HIS B 49 26.89 2.49 16.33
CA HIS B 49 27.41 3.76 16.88
C HIS B 49 28.93 3.68 16.97
N THR B 50 29.45 2.59 17.52
CA THR B 50 30.92 2.36 17.67
C THR B 50 31.58 2.43 16.29
N ILE B 51 31.00 1.78 15.27
CA ILE B 51 31.60 1.73 13.91
C ILE B 51 31.54 3.12 13.29
N PHE B 52 30.43 3.82 13.43
CA PHE B 52 30.30 5.16 12.82
C PHE B 52 31.36 6.10 13.45
N GLN B 53 31.57 6.02 14.77
CA GLN B 53 32.56 6.87 15.49
C GLN B 53 33.97 6.47 15.02
N GLU B 54 34.27 5.18 15.00
CA GLU B 54 35.60 4.63 14.59
C GLU B 54 35.94 5.07 13.16
N ARG B 55 34.99 5.06 12.22
CA ARG B 55 35.25 5.40 10.80
C ARG B 55 35.02 6.90 10.57
N ASP B 56 34.70 7.64 11.63
CA ASP B 56 34.49 9.11 11.61
C ASP B 56 33.36 9.46 10.65
N LEU B 57 32.34 8.59 10.51
CA LEU B 57 31.28 8.82 9.49
C LEU B 57 30.36 10.00 9.88
N LEU B 58 30.18 10.28 11.17
CA LEU B 58 29.30 11.39 11.61
C LEU B 58 29.88 12.72 11.13
N LYS B 59 31.21 12.88 11.26
CA LYS B 59 31.88 14.13 10.82
C LYS B 59 31.89 14.17 9.29
N THR B 60 32.29 13.08 8.62
CA THR B 60 32.38 13.06 7.14
C THR B 60 31.03 13.44 6.52
N PHE B 61 29.91 12.91 7.03
CA PHE B 61 28.59 13.07 6.40
C PHE B 61 27.70 14.04 7.19
N LYS B 62 28.28 14.74 8.19
CA LYS B 62 27.55 15.72 9.04
C LYS B 62 26.27 15.07 9.56
N ILE B 63 26.40 13.90 10.16
CA ILE B 63 25.27 13.19 10.80
C ILE B 63 25.15 13.65 12.23
N PRO B 64 24.04 14.33 12.60
CA PRO B 64 23.84 14.66 14.02
C PRO B 64 23.79 13.36 14.86
N VAL B 65 24.49 13.36 15.99
CA VAL B 65 24.65 12.13 16.81
C VAL B 65 23.27 11.74 17.37
N ASP B 66 22.43 12.70 17.78
CA ASP B 66 21.06 12.39 18.30
C ASP B 66 20.23 11.73 17.18
N THR B 67 20.38 12.20 15.94
CA THR B 67 19.66 11.64 14.78
C THR B 67 20.12 10.19 14.56
N LEU B 68 21.42 9.95 14.61
CA LEU B 68 21.95 8.58 14.37
C LEU B 68 21.37 7.65 15.43
N ILE B 69 21.40 8.05 16.70
CA ILE B 69 20.99 7.12 17.80
C ILE B 69 19.47 6.91 17.67
N THR B 70 18.70 7.95 17.38
CA THR B 70 17.23 7.81 17.19
C THR B 70 16.92 6.84 16.04
N TYR B 71 17.57 7.03 14.90
CA TYR B 71 17.35 6.11 13.75
C TYR B 71 17.74 4.69 14.16
N LEU B 72 18.89 4.50 14.82
CA LEU B 72 19.39 3.15 15.10
C LEU B 72 18.42 2.45 16.07
N MET B 73 17.93 3.17 17.07
CA MET B 73 16.98 2.56 18.03
C MET B 73 15.69 2.20 17.29
N THR B 74 15.22 3.06 16.39
CA THR B 74 14.02 2.83 15.58
C THR B 74 14.21 1.58 14.72
N LEU B 75 15.34 1.50 14.02
CA LEU B 75 15.64 0.35 13.13
C LEU B 75 15.68 -0.91 13.96
N GLU B 76 16.42 -0.90 15.08
CA GLU B 76 16.56 -2.10 15.91
C GLU B 76 15.17 -2.56 16.41
N ASP B 77 14.30 -1.61 16.77
CA ASP B 77 12.92 -1.86 17.26
C ASP B 77 12.08 -2.55 16.18
N HIS B 78 12.42 -2.48 14.90
CA HIS B 78 11.66 -3.07 13.77
C HIS B 78 12.22 -4.43 13.38
N TYR B 79 13.25 -4.90 14.06
CA TYR B 79 13.61 -6.33 14.07
C TYR B 79 12.78 -7.01 15.15
N HIS B 80 12.31 -8.22 14.87
CA HIS B 80 11.34 -8.93 15.74
C HIS B 80 12.10 -9.63 16.85
N ALA B 81 11.79 -9.32 18.11
CA ALA B 81 12.39 -9.95 19.29
C ALA B 81 12.00 -11.44 19.40
N ASP B 82 10.87 -11.84 18.81
CA ASP B 82 10.37 -13.24 18.94
C ASP B 82 10.91 -14.10 17.81
N VAL B 83 11.71 -13.57 16.89
CA VAL B 83 12.27 -14.38 15.79
C VAL B 83 13.68 -14.82 16.23
N ALA B 84 13.99 -16.11 16.19
CA ALA B 84 15.17 -16.68 16.86
C ALA B 84 16.46 -16.31 16.10
N TYR B 85 16.39 -16.25 14.76
CA TYR B 85 17.60 -15.97 13.95
C TYR B 85 17.56 -14.57 13.35
N HIS B 86 16.54 -14.28 12.54
CA HIS B 86 16.45 -13.04 11.73
C HIS B 86 16.02 -11.87 12.61
N ASN B 87 16.85 -11.53 13.58
CA ASN B 87 16.60 -10.46 14.59
C ASN B 87 17.74 -9.45 14.60
N ASN B 88 17.68 -8.53 15.58
CA ASN B 88 18.63 -7.39 15.72
C ASN B 88 20.04 -7.95 15.99
N ILE B 89 20.17 -9.14 16.58
CA ILE B 89 21.53 -9.69 16.85
C ILE B 89 22.14 -10.12 15.52
N HIS B 90 21.37 -10.75 14.65
CA HIS B 90 21.84 -11.11 13.28
C HIS B 90 22.21 -9.84 12.52
N ALA B 91 21.40 -8.80 12.58
CA ALA B 91 21.67 -7.52 11.89
C ALA B 91 23.00 -6.95 12.44
N ALA B 92 23.17 -6.91 13.75
CA ALA B 92 24.41 -6.39 14.38
C ALA B 92 25.61 -7.21 13.90
N ASP B 93 25.45 -8.53 13.81
CA ASP B 93 26.52 -9.48 13.41
C ASP B 93 26.91 -9.20 11.96
N VAL B 94 25.94 -9.01 11.07
CA VAL B 94 26.25 -8.76 9.63
C VAL B 94 26.89 -7.39 9.47
N VAL B 95 26.41 -6.38 10.20
CA VAL B 95 27.06 -5.03 10.21
C VAL B 95 28.53 -5.17 10.63
N GLN B 96 28.79 -5.85 11.74
CA GLN B 96 30.16 -5.92 12.32
C GLN B 96 31.05 -6.75 11.40
N SER B 97 30.50 -7.82 10.80
CA SER B 97 31.26 -8.69 9.86
C SER B 97 31.57 -7.89 8.61
N THR B 98 30.62 -7.12 8.08
CA THR B 98 30.88 -6.23 6.92
C THR B 98 31.98 -5.21 7.27
N HIS B 99 31.91 -4.61 8.45
CA HIS B 99 32.93 -3.62 8.93
C HIS B 99 34.33 -4.26 8.90
N VAL B 100 34.46 -5.50 9.35
CA VAL B 100 35.76 -6.21 9.35
C VAL B 100 36.18 -6.48 7.90
N LEU B 101 35.28 -6.94 7.04
CA LEU B 101 35.64 -7.27 5.64
C LEU B 101 36.05 -5.99 4.89
N LEU B 102 35.39 -4.86 5.15
CA LEU B 102 35.74 -3.57 4.49
C LEU B 102 37.17 -3.14 4.87
N SER B 103 37.63 -3.51 6.07
CA SER B 103 38.95 -3.13 6.60
C SER B 103 40.04 -4.07 6.12
N THR B 104 39.74 -5.06 5.30
CA THR B 104 40.73 -6.11 4.94
C THR B 104 41.92 -5.44 4.23
N PRO B 105 43.19 -5.78 4.60
CA PRO B 105 44.34 -5.11 3.99
C PRO B 105 44.28 -5.08 2.45
N ALA B 106 43.87 -6.18 1.83
CA ALA B 106 43.83 -6.31 0.36
C ALA B 106 42.82 -5.36 -0.27
N LEU B 107 41.90 -4.74 0.48
CA LEU B 107 40.94 -3.76 -0.13
C LEU B 107 41.25 -2.33 0.31
N GLU B 108 42.39 -2.12 0.99
CA GLU B 108 42.78 -0.77 1.43
C GLU B 108 42.78 0.13 0.18
N ALA B 109 42.24 1.32 0.35
CA ALA B 109 42.19 2.41 -0.63
C ALA B 109 41.29 2.05 -1.81
N VAL B 110 40.44 1.02 -1.73
CA VAL B 110 39.54 0.75 -2.88
C VAL B 110 38.29 1.62 -2.74
N PHE B 111 37.59 1.59 -1.59
CA PHE B 111 36.19 2.12 -1.52
C PHE B 111 36.15 3.54 -0.98
N THR B 112 35.22 4.34 -1.49
CA THR B 112 34.95 5.71 -1.01
C THR B 112 34.22 5.66 0.33
N ASP B 113 34.22 6.78 1.05
CA ASP B 113 33.45 6.92 2.31
C ASP B 113 31.97 6.62 2.03
N LEU B 114 31.43 7.06 0.89
CA LEU B 114 30.00 6.87 0.55
C LEU B 114 29.73 5.39 0.33
N GLU B 115 30.63 4.66 -0.33
CA GLU B 115 30.47 3.20 -0.55
C GLU B 115 30.53 2.46 0.79
N ILE B 116 31.43 2.87 1.68
CA ILE B 116 31.55 2.27 3.03
C ILE B 116 30.22 2.50 3.78
N LEU B 117 29.73 3.72 3.75
CA LEU B 117 28.46 4.06 4.44
C LEU B 117 27.32 3.20 3.85
N ALA B 118 27.27 3.05 2.52
CA ALA B 118 26.25 2.23 1.82
C ALA B 118 26.36 0.78 2.30
N ALA B 119 27.55 0.20 2.35
CA ALA B 119 27.72 -1.22 2.73
C ALA B 119 27.27 -1.42 4.17
N ILE B 120 27.64 -0.53 5.08
CA ILE B 120 27.30 -0.70 6.52
C ILE B 120 25.79 -0.44 6.71
N PHE B 121 25.22 0.57 6.07
CA PHE B 121 23.77 0.87 6.19
C PHE B 121 22.98 -0.32 5.60
N ALA B 122 23.34 -0.79 4.42
CA ALA B 122 22.69 -1.97 3.79
C ALA B 122 22.71 -3.13 4.79
N SER B 123 23.86 -3.42 5.41
CA SER B 123 24.00 -4.52 6.39
C SER B 123 23.02 -4.30 7.52
N ALA B 124 22.90 -3.06 8.03
CA ALA B 124 22.07 -2.78 9.21
C ALA B 124 20.58 -3.07 8.89
N ILE B 125 20.11 -2.72 7.71
CA ILE B 125 18.67 -2.80 7.34
C ILE B 125 18.35 -4.12 6.64
N HIS B 126 19.33 -4.95 6.30
CA HIS B 126 19.16 -5.97 5.23
C HIS B 126 18.08 -7.04 5.56
N ASP B 127 17.71 -7.23 6.82
CA ASP B 127 16.64 -8.18 7.22
C ASP B 127 15.59 -7.52 8.10
N VAL B 128 15.42 -6.19 8.05
CA VAL B 128 14.53 -5.52 9.04
C VAL B 128 13.08 -5.98 8.80
N ASP B 129 12.36 -6.18 9.92
CA ASP B 129 10.93 -6.61 9.88
C ASP B 129 10.81 -7.99 9.25
N HIS B 130 11.83 -8.83 9.37
CA HIS B 130 11.77 -10.24 8.94
C HIS B 130 10.74 -10.96 9.80
N PRO B 131 9.75 -11.64 9.21
CA PRO B 131 8.76 -12.39 10.00
C PRO B 131 9.18 -13.79 10.46
N GLY B 132 10.37 -14.25 10.06
CA GLY B 132 10.88 -15.57 10.46
C GLY B 132 10.31 -16.69 9.61
N VAL B 133 9.82 -16.37 8.42
CA VAL B 133 9.35 -17.37 7.45
C VAL B 133 9.96 -17.00 6.10
N SER B 134 10.05 -17.98 5.24
CA SER B 134 10.73 -17.88 3.93
C SER B 134 9.87 -17.10 2.92
N ASN B 135 10.50 -16.74 1.82
CA ASN B 135 9.74 -16.11 0.72
C ASN B 135 8.71 -17.13 0.21
N GLN B 136 9.05 -18.42 0.14
CA GLN B 136 8.11 -19.39 -0.45
C GLN B 136 6.85 -19.50 0.45
N PHE B 137 7.02 -19.39 1.75
CA PHE B 137 5.90 -19.42 2.71
C PHE B 137 4.96 -18.23 2.39
N LEU B 138 5.52 -17.05 2.25
CA LEU B 138 4.76 -15.80 1.96
C LEU B 138 4.04 -15.94 0.60
N ILE B 139 4.69 -16.55 -0.38
CA ILE B 139 4.10 -16.75 -1.72
C ILE B 139 2.94 -17.75 -1.62
N ASN B 140 3.16 -18.89 -0.95
CA ASN B 140 2.18 -19.99 -0.85
C ASN B 140 0.90 -19.53 -0.11
N THR B 141 1.02 -18.59 0.83
CA THR B 141 -0.16 -18.15 1.62
C THR B 141 -0.86 -16.97 0.89
N ASN B 142 -0.37 -16.51 -0.26
CA ASN B 142 -0.94 -15.32 -0.93
C ASN B 142 -0.86 -14.13 0.01
N SER B 143 0.26 -13.97 0.74
CA SER B 143 0.48 -12.83 1.63
C SER B 143 0.46 -11.53 0.81
N GLU B 144 0.04 -10.47 1.45
CA GLU B 144 0.02 -9.10 0.86
C GLU B 144 1.41 -8.77 0.32
N LEU B 145 2.49 -9.10 1.03
CA LEU B 145 3.85 -8.78 0.56
C LEU B 145 4.11 -9.48 -0.78
N ALA B 146 3.79 -10.78 -0.89
CA ALA B 146 4.04 -11.54 -2.13
C ALA B 146 3.22 -10.95 -3.29
N LEU B 147 2.00 -10.51 -3.04
CA LEU B 147 1.15 -9.84 -4.06
C LEU B 147 1.77 -8.47 -4.46
N MET B 148 2.31 -7.70 -3.54
CA MET B 148 2.92 -6.38 -3.83
C MET B 148 4.15 -6.58 -4.72
N TYR B 149 4.95 -7.62 -4.46
CA TYR B 149 6.29 -7.75 -5.10
C TYR B 149 6.29 -8.86 -6.14
N ASN B 150 5.13 -9.37 -6.56
CA ASN B 150 5.00 -10.34 -7.65
C ASN B 150 5.89 -11.56 -7.35
N ASP B 151 5.88 -12.02 -6.09
CA ASP B 151 6.55 -13.28 -5.68
C ASP B 151 8.08 -13.21 -5.89
N SER B 152 8.62 -12.03 -6.13
CA SER B 152 10.06 -11.90 -6.46
C SER B 152 10.83 -11.13 -5.38
N SER B 153 11.83 -11.77 -4.76
CA SER B 153 12.64 -11.19 -3.67
C SER B 153 11.69 -10.50 -2.71
N VAL B 154 10.66 -11.22 -2.28
CA VAL B 154 9.58 -10.57 -1.50
C VAL B 154 10.15 -9.95 -0.23
N LEU B 155 10.80 -10.73 0.61
CA LEU B 155 11.41 -10.25 1.87
C LEU B 155 12.42 -9.13 1.61
N GLU B 156 13.31 -9.32 0.66
CA GLU B 156 14.44 -8.38 0.42
C GLU B 156 13.89 -7.01 -0.07
N ASN B 157 12.88 -7.02 -0.92
CA ASN B 157 12.12 -5.78 -1.30
C ASN B 157 11.55 -5.13 -0.03
N HIS B 158 10.94 -5.92 0.85
CA HIS B 158 10.33 -5.43 2.10
C HIS B 158 11.39 -4.83 3.03
N HIS B 159 12.53 -5.49 3.21
CA HIS B 159 13.61 -4.98 4.12
C HIS B 159 14.05 -3.60 3.62
N LEU B 160 14.24 -3.45 2.33
CA LEU B 160 14.60 -2.12 1.74
C LEU B 160 13.52 -1.10 2.06
N ALA B 161 12.25 -1.45 1.80
CA ALA B 161 11.15 -0.50 1.98
C ALA B 161 11.13 -0.01 3.43
N VAL B 162 11.22 -0.92 4.39
CA VAL B 162 11.16 -0.57 5.83
C VAL B 162 12.42 0.23 6.21
N GLY B 163 13.60 -0.25 5.84
CA GLY B 163 14.86 0.43 6.21
C GLY B 163 14.87 1.87 5.74
N PHE B 164 14.41 2.13 4.53
CA PHE B 164 14.35 3.49 3.96
C PHE B 164 13.20 4.29 4.60
N LYS B 165 12.03 3.67 4.81
CA LYS B 165 10.86 4.40 5.32
C LYS B 165 11.17 4.89 6.72
N LEU B 166 11.90 4.15 7.55
CA LEU B 166 12.18 4.56 8.93
C LEU B 166 13.03 5.85 8.98
N LEU B 167 13.72 6.24 7.90
CA LEU B 167 14.48 7.53 7.87
C LEU B 167 13.47 8.71 8.02
N GLN B 168 12.19 8.48 7.74
CA GLN B 168 11.14 9.55 7.77
C GLN B 168 10.53 9.72 9.15
N GLU B 169 10.87 8.87 10.11
CA GLU B 169 10.32 9.01 11.47
C GLU B 169 10.99 10.21 12.15
N GLU B 170 10.45 10.63 13.28
CA GLU B 170 10.90 11.88 13.95
C GLU B 170 12.39 11.79 14.27
N ASN B 171 13.15 12.77 13.77
CA ASN B 171 14.61 12.92 14.00
C ASN B 171 15.36 11.64 13.61
N CYS B 172 14.99 11.01 12.50
CA CYS B 172 15.59 9.72 12.05
C CYS B 172 16.37 9.90 10.74
N ASP B 173 16.36 11.09 10.09
CA ASP B 173 16.95 11.17 8.74
C ASP B 173 18.48 11.36 8.85
N ILE B 174 19.21 10.26 8.98
CA ILE B 174 20.69 10.31 9.16
C ILE B 174 21.36 10.84 7.88
N PHE B 175 20.67 10.87 6.74
CA PHE B 175 21.25 11.34 5.47
C PHE B 175 20.83 12.78 5.15
N GLN B 176 20.30 13.52 6.13
CA GLN B 176 19.71 14.87 5.88
C GLN B 176 20.78 15.83 5.32
N ASN B 177 22.06 15.67 5.64
CA ASN B 177 23.14 16.60 5.19
C ASN B 177 23.99 16.00 4.08
N LEU B 178 23.57 14.89 3.45
CA LEU B 178 24.20 14.43 2.18
C LEU B 178 23.73 15.34 1.04
N THR B 179 24.57 15.54 0.02
CA THR B 179 24.14 16.21 -1.24
C THR B 179 23.12 15.31 -1.93
N LYS B 180 22.35 15.88 -2.85
CA LYS B 180 21.44 15.10 -3.71
C LYS B 180 22.22 13.97 -4.39
N LYS B 181 23.40 14.27 -4.93
CA LYS B 181 24.15 13.24 -5.69
C LYS B 181 24.59 12.11 -4.76
N GLN B 182 25.02 12.42 -3.55
CA GLN B 182 25.41 11.41 -2.54
C GLN B 182 24.18 10.57 -2.19
N ARG B 183 23.02 11.20 -1.94
CA ARG B 183 21.77 10.46 -1.58
C ARG B 183 21.36 9.52 -2.72
N GLN B 184 21.37 9.97 -3.98
CA GLN B 184 20.95 9.14 -5.12
C GLN B 184 21.90 7.93 -5.28
N SER B 185 23.19 8.17 -5.12
CA SER B 185 24.20 7.11 -5.28
C SER B 185 24.04 6.11 -4.12
N LEU B 186 23.93 6.60 -2.90
CA LEU B 186 23.82 5.72 -1.71
C LEU B 186 22.56 4.87 -1.85
N ARG B 187 21.45 5.49 -2.25
CA ARG B 187 20.17 4.75 -2.44
C ARG B 187 20.37 3.60 -3.42
N LYS B 188 20.96 3.86 -4.59
CA LYS B 188 21.07 2.80 -5.61
C LYS B 188 21.99 1.67 -5.07
N MET B 189 23.06 2.02 -4.41
CA MET B 189 24.03 1.01 -3.91
C MET B 189 23.32 0.15 -2.86
N VAL B 190 22.58 0.77 -1.96
CA VAL B 190 21.91 0.05 -0.85
C VAL B 190 20.88 -0.94 -1.45
N ILE B 191 20.12 -0.51 -2.46
CA ILE B 191 19.15 -1.39 -3.18
C ILE B 191 19.90 -2.58 -3.77
N ASP B 192 20.99 -2.30 -4.49
CA ASP B 192 21.74 -3.38 -5.17
C ASP B 192 22.31 -4.36 -4.14
N ILE B 193 22.77 -3.88 -3.00
CA ILE B 193 23.39 -4.75 -1.95
C ILE B 193 22.29 -5.61 -1.28
N VAL B 194 21.20 -4.99 -0.83
CA VAL B 194 20.18 -5.79 -0.09
C VAL B 194 19.51 -6.81 -1.04
N LEU B 195 19.22 -6.46 -2.28
CA LEU B 195 18.58 -7.42 -3.22
C LEU B 195 19.52 -8.61 -3.48
N ALA B 196 20.82 -8.41 -3.36
CA ALA B 196 21.84 -9.46 -3.53
C ALA B 196 21.86 -10.42 -2.34
N THR B 197 21.17 -10.15 -1.23
CA THR B 197 21.10 -11.07 -0.08
C THR B 197 20.04 -12.16 -0.32
N ASP B 198 19.26 -12.04 -1.37
CA ASP B 198 18.29 -13.10 -1.71
C ASP B 198 19.11 -14.29 -2.19
N MET B 199 18.91 -15.48 -1.63
CA MET B 199 19.68 -16.71 -2.00
C MET B 199 19.40 -17.10 -3.45
N SER B 200 18.30 -16.71 -4.07
CA SER B 200 18.09 -17.00 -5.50
C SER B 200 19.12 -16.25 -6.36
N LYS B 201 19.83 -15.25 -5.83
CA LYS B 201 20.86 -14.52 -6.63
C LYS B 201 22.28 -15.11 -6.44
N HIS B 202 22.44 -16.06 -5.52
CA HIS B 202 23.77 -16.54 -5.03
C HIS B 202 24.61 -17.05 -6.20
N MET B 203 24.07 -17.96 -7.01
CA MET B 203 24.84 -18.65 -8.08
C MET B 203 25.40 -17.63 -9.07
N ASN B 204 24.61 -16.62 -9.47
CA ASN B 204 25.07 -15.60 -10.45
C ASN B 204 26.08 -14.67 -9.80
N LEU B 205 25.86 -14.27 -8.53
CA LEU B 205 26.85 -13.43 -7.82
C LEU B 205 28.21 -14.17 -7.76
N LEU B 206 28.18 -15.46 -7.40
CA LEU B 206 29.41 -16.26 -7.24
C LEU B 206 30.11 -16.36 -8.61
N ALA B 207 29.35 -16.65 -9.68
CA ALA B 207 29.91 -16.79 -11.04
C ALA B 207 30.66 -15.50 -11.37
N ASP B 208 30.06 -14.35 -11.07
CA ASP B 208 30.63 -13.04 -11.40
C ASP B 208 31.85 -12.77 -10.52
N LEU B 209 31.82 -13.15 -9.24
CA LEU B 209 33.00 -12.93 -8.36
C LEU B 209 34.18 -13.77 -8.93
N LYS B 210 33.91 -14.99 -9.38
CA LYS B 210 34.96 -15.89 -9.94
C LYS B 210 35.60 -15.26 -11.19
N THR B 211 34.77 -14.74 -12.08
CA THR B 211 35.20 -14.04 -13.32
C THR B 211 36.08 -12.85 -12.96
N MET B 212 35.73 -12.11 -11.91
CA MET B 212 36.53 -10.93 -11.49
C MET B 212 37.88 -11.39 -10.94
N VAL B 213 37.91 -12.44 -10.11
CA VAL B 213 39.20 -12.95 -9.56
C VAL B 213 40.11 -13.35 -10.74
N GLU B 214 39.55 -14.05 -11.74
CA GLU B 214 40.32 -14.58 -12.91
C GLU B 214 40.87 -13.44 -13.76
N THR B 215 40.23 -12.27 -13.80
CA THR B 215 40.62 -11.11 -14.65
C THR B 215 41.00 -9.89 -13.79
N LYS B 216 41.38 -10.15 -12.53
CA LYS B 216 41.68 -9.11 -11.52
C LYS B 216 42.74 -8.14 -12.06
N LYS B 217 42.55 -6.83 -11.88
CA LYS B 217 43.56 -5.78 -12.15
C LYS B 217 43.91 -5.07 -10.86
N VAL B 218 45.18 -4.68 -10.68
CA VAL B 218 45.65 -3.93 -9.49
C VAL B 218 46.44 -2.70 -9.99
N THR B 219 46.71 -1.74 -9.12
CA THR B 219 47.72 -0.65 -9.29
C THR B 219 49.14 -1.19 -9.05
N SER B 220 50.16 -0.35 -9.24
CA SER B 220 51.58 -0.71 -9.00
C SER B 220 51.83 -1.00 -7.51
N SER B 221 51.02 -0.43 -6.62
CA SER B 221 51.10 -0.73 -5.15
C SER B 221 50.31 -2.01 -4.79
N GLY B 222 49.60 -2.60 -5.74
CA GLY B 222 48.79 -3.83 -5.54
C GLY B 222 47.37 -3.57 -5.05
N VAL B 223 46.88 -2.33 -5.09
CA VAL B 223 45.50 -1.96 -4.68
C VAL B 223 44.51 -2.47 -5.75
N LEU B 224 43.45 -3.18 -5.36
CA LEU B 224 42.47 -3.73 -6.34
C LEU B 224 41.84 -2.59 -7.15
N LEU B 225 41.73 -2.75 -8.45
CA LEU B 225 41.30 -1.68 -9.38
C LEU B 225 39.90 -2.04 -9.86
N LEU B 226 38.92 -1.24 -9.46
CA LEU B 226 37.49 -1.44 -9.84
C LEU B 226 37.06 -0.11 -10.47
N ASP B 227 37.07 -0.01 -11.79
CA ASP B 227 36.96 1.31 -12.47
C ASP B 227 35.57 1.49 -13.12
N ASN B 228 34.62 0.59 -12.87
CA ASN B 228 33.22 0.74 -13.33
C ASN B 228 32.30 0.31 -12.17
N TYR B 229 31.09 0.83 -12.19
CA TYR B 229 30.08 0.58 -11.14
C TYR B 229 29.80 -0.93 -11.05
N SER B 230 29.65 -1.60 -12.19
CA SER B 230 29.33 -3.05 -12.23
C SER B 230 30.31 -3.81 -11.34
N ASP B 231 31.62 -3.50 -11.40
CA ASP B 231 32.64 -4.27 -10.65
C ASP B 231 32.63 -3.81 -9.20
N ARG B 232 32.51 -2.51 -8.96
CA ARG B 232 32.53 -1.96 -7.57
C ARG B 232 31.33 -2.54 -6.81
N ILE B 233 30.15 -2.54 -7.42
CA ILE B 233 28.92 -3.01 -6.72
C ILE B 233 28.93 -4.54 -6.56
N GLN B 234 29.48 -5.28 -7.51
CA GLN B 234 29.54 -6.76 -7.40
C GLN B 234 30.39 -7.13 -6.19
N VAL B 235 31.50 -6.43 -5.98
CA VAL B 235 32.36 -6.70 -4.81
C VAL B 235 31.60 -6.37 -3.52
N LEU B 236 30.93 -5.23 -3.47
CA LEU B 236 30.16 -4.85 -2.25
C LEU B 236 29.02 -5.85 -2.03
N GLN B 237 28.32 -6.23 -3.07
CA GLN B 237 27.23 -7.25 -3.00
C GLN B 237 27.79 -8.55 -2.42
N ASN B 238 28.91 -9.04 -2.96
CA ASN B 238 29.53 -10.30 -2.48
C ASN B 238 30.01 -10.13 -1.05
N MET B 239 30.56 -8.96 -0.72
CA MET B 239 31.08 -8.72 0.63
C MET B 239 29.93 -8.87 1.66
N VAL B 240 28.81 -8.21 1.41
CA VAL B 240 27.68 -8.24 2.40
C VAL B 240 27.05 -9.64 2.39
N HIS B 241 26.98 -10.28 1.23
CA HIS B 241 26.52 -11.69 1.12
C HIS B 241 27.44 -12.62 1.91
N CYS B 242 28.77 -12.46 1.81
CA CYS B 242 29.72 -13.19 2.69
C CYS B 242 29.42 -12.94 4.16
N ALA B 243 29.16 -11.69 4.54
CA ALA B 243 28.88 -11.33 5.94
C ALA B 243 27.56 -12.03 6.38
N ASP B 244 26.59 -12.03 5.52
CA ASP B 244 25.28 -12.70 5.80
C ASP B 244 25.49 -14.22 5.97
N LEU B 245 26.41 -14.80 5.18
CA LEU B 245 26.73 -16.25 5.23
C LEU B 245 28.03 -16.46 6.04
N SER B 246 28.26 -15.70 7.12
CA SER B 246 29.57 -15.75 7.85
C SER B 246 29.50 -16.67 9.08
N ASN B 247 28.33 -17.16 9.48
CA ASN B 247 28.19 -17.88 10.77
C ASN B 247 29.15 -19.08 10.79
N PRO B 248 29.24 -19.91 9.73
CA PRO B 248 30.07 -21.11 9.81
C PRO B 248 31.60 -20.80 9.82
N THR B 249 31.96 -19.55 9.63
CA THR B 249 33.37 -19.08 9.57
C THR B 249 33.77 -18.51 10.93
N LYS B 250 32.84 -18.40 11.86
CA LYS B 250 33.11 -17.82 13.18
C LYS B 250 33.65 -18.90 14.11
N PRO B 251 34.32 -18.52 15.21
CA PRO B 251 34.63 -19.49 16.27
C PRO B 251 33.40 -20.38 16.55
N LEU B 252 33.65 -21.67 16.82
CA LEU B 252 32.60 -22.70 16.94
C LEU B 252 31.54 -22.32 17.99
N GLN B 253 31.90 -21.73 19.13
CA GLN B 253 30.88 -21.44 20.17
C GLN B 253 29.85 -20.45 19.58
N LEU B 254 30.28 -19.54 18.71
CA LEU B 254 29.38 -18.58 18.02
C LEU B 254 28.54 -19.32 16.98
N TYR B 255 29.18 -20.07 16.08
CA TYR B 255 28.50 -20.83 15.01
C TYR B 255 27.38 -21.71 15.60
N ARG B 256 27.66 -22.45 16.68
CA ARG B 256 26.67 -23.36 17.28
C ARG B 256 25.47 -22.58 17.81
N GLN B 257 25.67 -21.39 18.37
CA GLN B 257 24.53 -20.54 18.79
C GLN B 257 23.69 -20.15 17.56
N TRP B 258 24.33 -19.80 16.45
CA TRP B 258 23.62 -19.38 15.21
C TRP B 258 22.86 -20.57 14.64
N THR B 259 23.46 -21.76 14.69
CA THR B 259 22.80 -22.99 14.20
C THR B 259 21.57 -23.27 15.06
N ASP B 260 21.68 -23.18 16.38
CA ASP B 260 20.51 -23.41 17.27
C ASP B 260 19.39 -22.43 16.89
N ARG B 261 19.76 -21.17 16.62
CA ARG B 261 18.78 -20.12 16.33
C ARG B 261 18.09 -20.39 14.98
N ILE B 262 18.83 -20.65 13.91
CA ILE B 262 18.21 -20.85 12.57
C ILE B 262 17.34 -22.11 12.65
N MET B 263 17.73 -23.14 13.40
CA MET B 263 16.91 -24.38 13.48
C MET B 263 15.61 -24.12 14.26
N GLU B 264 15.65 -23.31 15.31
CA GLU B 264 14.43 -22.92 16.05
C GLU B 264 13.48 -22.20 15.06
N GLU B 265 14.03 -21.29 14.27
CA GLU B 265 13.23 -20.51 13.30
C GLU B 265 12.64 -21.46 12.25
N PHE B 266 13.47 -22.34 11.68
CA PHE B 266 13.01 -23.29 10.64
C PHE B 266 11.93 -24.21 11.19
N PHE B 267 12.13 -24.76 12.37
CA PHE B 267 11.20 -25.75 12.96
C PHE B 267 9.87 -25.02 13.22
N ARG B 268 9.91 -23.76 13.64
CA ARG B 268 8.69 -22.96 13.91
C ARG B 268 7.95 -22.79 12.57
N GLN B 269 8.66 -22.49 11.49
CA GLN B 269 8.00 -22.40 10.17
C GLN B 269 7.38 -23.75 9.81
N GLY B 270 8.09 -24.85 10.03
CA GLY B 270 7.58 -26.20 9.76
C GLY B 270 6.34 -26.53 10.60
N ASP B 271 6.30 -26.06 11.83
CA ASP B 271 5.12 -26.26 12.71
C ASP B 271 3.92 -25.50 12.13
N ARG B 272 4.14 -24.31 11.59
CA ARG B 272 3.08 -23.48 10.97
C ARG B 272 2.60 -24.13 9.68
N GLU B 273 3.51 -24.68 8.90
CA GLU B 273 3.18 -25.41 7.66
C GLU B 273 2.35 -26.67 8.04
N ARG B 274 2.79 -27.46 9.01
CA ARG B 274 2.12 -28.74 9.40
C ARG B 274 0.70 -28.42 9.88
N GLU B 275 0.53 -27.42 10.75
CA GLU B 275 -0.80 -27.07 11.32
C GLU B 275 -1.73 -26.63 10.18
N ARG B 276 -1.20 -26.06 9.11
CA ARG B 276 -1.98 -25.52 7.97
C ARG B 276 -2.16 -26.58 6.91
N GLY B 277 -1.57 -27.78 7.08
CA GLY B 277 -1.67 -28.85 6.07
C GLY B 277 -0.83 -28.53 4.83
N MET B 278 0.20 -27.69 4.95
CA MET B 278 1.10 -27.37 3.81
C MET B 278 2.23 -28.40 3.81
N GLU B 279 2.87 -28.60 2.67
CA GLU B 279 4.13 -29.36 2.60
C GLU B 279 5.11 -28.69 3.57
N ILE B 280 5.82 -29.45 4.39
CA ILE B 280 6.85 -28.91 5.30
C ILE B 280 8.10 -28.61 4.48
N SER B 281 8.61 -27.38 4.53
CA SER B 281 9.77 -26.92 3.72
C SER B 281 11.00 -27.75 4.11
N PRO B 282 12.01 -27.87 3.22
CA PRO B 282 13.25 -28.57 3.56
C PRO B 282 13.85 -28.07 4.88
N MET B 283 14.23 -29.02 5.75
CA MET B 283 14.95 -28.79 7.04
C MET B 283 14.03 -28.12 8.06
N CYS B 284 12.71 -28.06 7.84
CA CYS B 284 11.75 -27.39 8.77
C CYS B 284 10.94 -28.40 9.58
N ASP B 285 11.17 -29.70 9.41
CA ASP B 285 10.42 -30.75 10.14
C ASP B 285 11.23 -31.23 11.34
N LYS B 286 10.83 -30.81 12.54
CA LYS B 286 11.55 -31.15 13.79
C LYS B 286 11.46 -32.67 14.05
N HIS B 287 10.55 -33.39 13.38
CA HIS B 287 10.36 -34.87 13.54
C HIS B 287 11.22 -35.63 12.52
N ASN B 288 11.76 -34.93 11.52
CA ASN B 288 12.46 -35.52 10.35
C ASN B 288 13.66 -34.61 10.02
N ALA B 289 14.52 -34.33 10.99
CA ALA B 289 15.59 -33.31 10.93
C ALA B 289 16.95 -33.98 10.87
N SER B 290 17.89 -33.40 10.12
CA SER B 290 19.34 -33.77 10.21
C SER B 290 20.14 -32.46 10.23
N VAL B 291 20.10 -31.80 11.39
CA VAL B 291 20.73 -30.47 11.65
C VAL B 291 22.21 -30.51 11.22
N GLU B 292 22.95 -31.53 11.64
CA GLU B 292 24.43 -31.61 11.44
C GLU B 292 24.71 -31.84 9.95
N LYS B 293 24.03 -32.80 9.35
CA LYS B 293 24.17 -33.13 7.91
C LYS B 293 23.85 -31.90 7.06
N SER B 294 22.81 -31.17 7.45
CA SER B 294 22.38 -29.94 6.74
C SER B 294 23.48 -28.88 6.83
N GLN B 295 24.10 -28.69 8.00
CA GLN B 295 25.21 -27.70 8.16
C GLN B 295 26.34 -28.09 7.22
N VAL B 296 26.68 -29.39 7.15
CA VAL B 296 27.81 -29.84 6.29
C VAL B 296 27.42 -29.59 4.83
N GLY B 297 26.18 -29.89 4.43
CA GLY B 297 25.72 -29.67 3.06
C GLY B 297 25.76 -28.18 2.70
N PHE B 298 25.31 -27.35 3.63
CA PHE B 298 25.27 -25.88 3.47
C PHE B 298 26.71 -25.35 3.27
N ILE B 299 27.64 -25.80 4.11
CA ILE B 299 29.08 -25.43 3.94
C ILE B 299 29.55 -25.91 2.57
N ASP B 300 29.33 -27.19 2.24
CA ASP B 300 29.97 -27.80 1.04
C ASP B 300 29.46 -27.14 -0.24
N TYR B 301 28.16 -26.85 -0.33
CA TYR B 301 27.52 -26.43 -1.60
C TYR B 301 27.41 -24.91 -1.71
N ILE B 302 27.36 -24.18 -0.61
CA ILE B 302 27.12 -22.71 -0.63
C ILE B 302 28.27 -21.94 0.04
N VAL B 303 28.54 -22.19 1.31
CA VAL B 303 29.36 -21.28 2.13
C VAL B 303 30.84 -21.42 1.71
N HIS B 304 31.34 -22.64 1.55
CA HIS B 304 32.80 -22.83 1.23
C HIS B 304 33.08 -22.34 -0.19
N PRO B 305 32.28 -22.60 -1.36
CA PRO B 305 32.32 -22.07 -2.96
C PRO B 305 32.47 -20.55 -2.74
N LEU B 306 31.66 -19.95 -1.87
CA LEU B 306 31.64 -18.47 -1.77
C LEU B 306 32.90 -17.98 -1.05
N TRP B 307 33.18 -18.49 0.14
CA TRP B 307 34.28 -17.96 0.97
C TRP B 307 35.65 -18.34 0.36
N GLU B 308 35.74 -19.42 -0.40
CA GLU B 308 37.00 -19.80 -1.09
C GLU B 308 37.29 -18.75 -2.16
N THR B 309 36.24 -18.31 -2.86
CA THR B 309 36.38 -17.30 -3.93
C THR B 309 36.68 -15.93 -3.31
N TRP B 310 35.94 -15.56 -2.28
CA TRP B 310 36.25 -14.29 -1.57
C TRP B 310 37.73 -14.33 -1.10
N ALA B 311 38.16 -15.42 -0.48
CA ALA B 311 39.52 -15.58 0.10
C ALA B 311 40.57 -15.42 -1.02
N ASP B 312 40.28 -15.90 -2.22
CA ASP B 312 41.10 -15.69 -3.44
C ASP B 312 41.20 -14.21 -3.76
N LEU B 313 40.06 -13.50 -3.82
CA LEU B 313 40.09 -12.05 -4.11
C LEU B 313 41.00 -11.32 -3.11
N VAL B 314 40.87 -11.63 -1.83
CA VAL B 314 41.60 -10.83 -0.80
C VAL B 314 42.76 -11.61 -0.21
N HIS B 315 43.25 -12.63 -0.90
CA HIS B 315 44.34 -13.45 -0.28
C HIS B 315 45.57 -12.61 0.06
N PRO B 316 46.20 -12.88 1.21
CA PRO B 316 45.79 -14.01 2.05
C PRO B 316 45.01 -13.59 3.31
N ASP B 317 44.32 -12.47 3.24
CA ASP B 317 43.72 -11.85 4.46
C ASP B 317 42.64 -12.77 5.07
N ALA B 318 42.00 -13.64 4.30
CA ALA B 318 40.88 -14.47 4.80
C ALA B 318 41.34 -15.91 5.08
N GLN B 319 42.65 -16.19 5.11
CA GLN B 319 43.11 -17.59 5.29
C GLN B 319 42.61 -18.12 6.65
N ASP B 320 42.63 -17.33 7.72
CA ASP B 320 42.23 -17.80 9.07
C ASP B 320 40.71 -18.06 9.08
N ILE B 321 39.95 -17.26 8.33
CA ILE B 321 38.48 -17.41 8.20
C ILE B 321 38.20 -18.73 7.47
N LEU B 322 38.87 -18.99 6.36
CA LEU B 322 38.69 -20.23 5.55
C LEU B 322 39.11 -21.44 6.41
N ASP B 323 40.20 -21.32 7.19
CA ASP B 323 40.67 -22.42 8.06
C ASP B 323 39.59 -22.72 9.11
N THR B 324 39.03 -21.70 9.75
CA THR B 324 37.97 -21.88 10.77
C THR B 324 36.77 -22.56 10.12
N LEU B 325 36.38 -22.16 8.90
CA LEU B 325 35.24 -22.76 8.17
C LEU B 325 35.50 -24.25 8.00
N GLU B 326 36.70 -24.61 7.57
CA GLU B 326 37.08 -26.02 7.29
C GLU B 326 37.06 -26.81 8.61
N ASP B 327 37.59 -26.26 9.68
CA ASP B 327 37.56 -26.91 11.02
C ASP B 327 36.11 -27.09 11.49
N ASN B 328 35.26 -26.08 11.33
CA ASN B 328 33.84 -26.13 11.77
C ASN B 328 33.12 -27.22 10.98
N ARG B 329 33.42 -27.34 9.70
CA ARG B 329 32.78 -28.34 8.82
C ARG B 329 33.12 -29.72 9.39
N GLU B 330 34.39 -29.95 9.73
CA GLU B 330 34.86 -31.24 10.27
C GLU B 330 34.16 -31.52 11.61
N TRP B 331 34.05 -30.50 12.47
CA TRP B 331 33.35 -30.69 13.77
C TRP B 331 31.88 -31.15 13.54
N TYR B 332 31.12 -30.51 12.65
CA TYR B 332 29.71 -30.90 12.39
C TYR B 332 29.66 -32.29 11.75
N GLN B 333 30.55 -32.59 10.80
CA GLN B 333 30.65 -33.93 10.16
C GLN B 333 30.79 -34.99 11.26
N SER B 334 31.64 -34.73 12.25
CA SER B 334 31.95 -35.68 13.36
C SER B 334 30.72 -35.93 14.25
N THR B 335 29.68 -35.08 14.18
CA THR B 335 28.45 -35.23 15.01
C THR B 335 27.24 -35.73 14.18
N ILE B 336 27.42 -36.04 12.90
CA ILE B 336 26.35 -36.67 12.06
C ILE B 336 26.16 -38.10 12.57
N PRO B 337 24.95 -38.48 13.04
CA PRO B 337 24.67 -39.87 13.39
C PRO B 337 24.94 -40.81 12.22
N GLN B 338 25.31 -42.08 12.49
CA GLN B 338 25.37 -43.15 11.46
C GLN B 338 23.96 -43.42 10.93
N THR C 12 3.11 38.08 -27.39
CA THR C 12 2.20 37.11 -28.09
C THR C 12 0.76 37.40 -27.71
N GLU C 13 -0.15 37.29 -28.68
CA GLU C 13 -1.59 37.60 -28.49
C GLU C 13 -2.19 36.60 -27.49
N GLN C 14 -1.86 35.30 -27.59
CA GLN C 14 -2.48 34.26 -26.71
C GLN C 14 -2.07 34.54 -25.25
N GLU C 15 -0.79 34.85 -24.99
CA GLU C 15 -0.27 35.18 -23.63
C GLU C 15 -0.93 36.45 -23.11
N ASP C 16 -1.19 37.42 -23.97
CA ASP C 16 -1.87 38.71 -23.62
C ASP C 16 -3.30 38.39 -23.16
N VAL C 17 -4.04 37.57 -23.91
CA VAL C 17 -5.47 37.24 -23.59
C VAL C 17 -5.49 36.50 -22.23
N LEU C 18 -4.53 35.59 -22.00
CA LEU C 18 -4.44 34.82 -20.71
C LEU C 18 -4.20 35.79 -19.55
N ALA C 19 -3.22 36.70 -19.71
CA ALA C 19 -2.87 37.71 -18.69
C ALA C 19 -4.11 38.54 -18.33
N LYS C 20 -4.91 38.93 -19.33
CA LYS C 20 -6.11 39.76 -19.13
C LYS C 20 -7.14 38.97 -18.33
N GLU C 21 -7.41 37.71 -18.68
CA GLU C 21 -8.39 36.87 -17.94
C GLU C 21 -7.92 36.74 -16.48
N LEU C 22 -6.61 36.61 -16.24
CA LEU C 22 -6.03 36.36 -14.88
C LEU C 22 -6.11 37.62 -14.02
N GLU C 23 -6.36 38.79 -14.63
CA GLU C 23 -6.60 40.04 -13.87
C GLU C 23 -7.93 39.91 -13.10
N ASP C 24 -8.81 38.96 -13.44
CA ASP C 24 -10.09 38.78 -12.71
C ASP C 24 -9.92 37.82 -11.51
N VAL C 25 -8.68 37.46 -11.14
CA VAL C 25 -8.42 36.37 -10.14
C VAL C 25 -9.02 36.73 -8.79
N ASN C 26 -9.24 38.02 -8.50
CA ASN C 26 -9.78 38.44 -7.18
C ASN C 26 -11.31 38.53 -7.24
N LYS C 27 -11.93 38.16 -8.36
CA LYS C 27 -13.39 38.35 -8.55
C LYS C 27 -14.13 37.02 -8.60
N TRP C 28 -15.28 36.96 -7.95
CA TRP C 28 -16.27 35.88 -8.16
C TRP C 28 -16.68 35.88 -9.64
N GLY C 29 -16.55 34.78 -10.35
CA GLY C 29 -16.95 34.80 -11.77
C GLY C 29 -15.81 34.87 -12.74
N LEU C 30 -14.58 34.65 -12.28
CA LEU C 30 -13.41 34.39 -13.16
C LEU C 30 -13.78 33.43 -14.31
N HIS C 31 -13.29 33.69 -15.53
CA HIS C 31 -13.60 32.88 -16.73
C HIS C 31 -12.67 31.63 -16.73
N VAL C 32 -12.90 30.73 -15.78
CA VAL C 32 -11.93 29.62 -15.49
C VAL C 32 -11.85 28.67 -16.67
N PHE C 33 -12.93 28.43 -17.41
CA PHE C 33 -12.87 27.52 -18.59
C PHE C 33 -12.06 28.17 -19.70
N ARG C 34 -12.16 29.49 -19.87
CA ARG C 34 -11.38 30.24 -20.88
C ARG C 34 -9.89 30.14 -20.48
N ILE C 35 -9.61 30.29 -19.18
CA ILE C 35 -8.22 30.15 -18.67
C ILE C 35 -7.71 28.74 -18.98
N ALA C 36 -8.53 27.70 -18.77
CA ALA C 36 -8.14 26.30 -19.07
C ALA C 36 -7.77 26.18 -20.56
N GLU C 37 -8.56 26.74 -21.46
CA GLU C 37 -8.32 26.69 -22.94
C GLU C 37 -7.00 27.42 -23.25
N LEU C 38 -6.85 28.65 -22.73
CA LEU C 38 -5.72 29.54 -23.09
C LEU C 38 -4.41 28.99 -22.52
N SER C 39 -4.44 28.28 -21.38
CA SER C 39 -3.22 27.80 -20.69
C SER C 39 -2.79 26.40 -21.18
N GLY C 40 -3.46 25.83 -22.19
CA GLY C 40 -3.18 24.48 -22.68
C GLY C 40 -3.56 23.44 -21.61
N ASN C 41 -4.73 23.65 -21.00
CA ASN C 41 -5.28 22.81 -19.91
C ASN C 41 -4.35 22.84 -18.69
N ARG C 42 -3.85 24.01 -18.33
CA ARG C 42 -3.06 24.23 -17.07
C ARG C 42 -3.71 25.28 -16.19
N PRO C 43 -5.04 25.27 -16.01
CA PRO C 43 -5.68 26.29 -15.19
C PRO C 43 -5.24 26.23 -13.73
N LEU C 44 -5.00 25.04 -13.18
CA LEU C 44 -4.63 24.92 -11.75
C LEU C 44 -3.23 25.51 -11.56
N THR C 45 -2.29 25.20 -12.45
CA THR C 45 -0.92 25.75 -12.36
C THR C 45 -0.97 27.28 -12.46
N VAL C 46 -1.61 27.82 -13.50
CA VAL C 46 -1.53 29.29 -13.75
C VAL C 46 -2.36 30.03 -12.70
N ILE C 47 -3.52 29.51 -12.28
CA ILE C 47 -4.33 30.17 -11.23
C ILE C 47 -3.65 30.10 -9.88
N MET C 48 -3.09 28.95 -9.50
CA MET C 48 -2.36 28.84 -8.21
C MET C 48 -1.16 29.77 -8.21
N HIS C 49 -0.39 29.79 -9.29
CA HIS C 49 0.82 30.63 -9.35
C HIS C 49 0.42 32.11 -9.18
N THR C 50 -0.61 32.53 -9.91
CA THR C 50 -1.14 33.91 -9.84
C THR C 50 -1.56 34.24 -8.40
N ILE C 51 -2.26 33.34 -7.72
CA ILE C 51 -2.76 33.58 -6.33
C ILE C 51 -1.58 33.61 -5.38
N PHE C 52 -0.60 32.73 -5.55
CA PHE C 52 0.61 32.73 -4.69
C PHE C 52 1.33 34.09 -4.84
N GLN C 53 1.45 34.61 -6.05
CA GLN C 53 2.10 35.93 -6.32
C GLN C 53 1.25 37.04 -5.67
N GLU C 54 -0.05 37.05 -5.92
CA GLU C 54 -1.02 38.05 -5.39
C GLU C 54 -0.95 38.11 -3.85
N ARG C 55 -0.86 36.96 -3.16
CA ARG C 55 -0.85 36.93 -1.67
C ARG C 55 0.58 36.96 -1.15
N ASP C 56 1.56 37.09 -2.05
CA ASP C 56 3.00 37.16 -1.73
C ASP C 56 3.44 35.91 -0.96
N LEU C 57 2.87 34.75 -1.28
CA LEU C 57 3.17 33.50 -0.52
C LEU C 57 4.57 32.97 -0.86
N LEU C 58 5.13 33.20 -2.06
CA LEU C 58 6.47 32.68 -2.40
C LEU C 58 7.49 33.38 -1.49
N LYS C 59 7.34 34.70 -1.31
CA LYS C 59 8.28 35.46 -0.41
C LYS C 59 8.04 35.07 1.04
N THR C 60 6.79 35.06 1.51
CA THR C 60 6.48 34.77 2.93
C THR C 60 7.02 33.40 3.33
N PHE C 61 6.87 32.39 2.45
CA PHE C 61 7.22 30.98 2.80
C PHE C 61 8.51 30.56 2.10
N LYS C 62 9.22 31.49 1.46
CA LYS C 62 10.51 31.24 0.77
C LYS C 62 10.34 30.01 -0.15
N ILE C 63 9.30 30.04 -0.97
CA ILE C 63 9.05 28.97 -1.96
C ILE C 63 9.82 29.30 -3.24
N PRO C 64 10.81 28.46 -3.63
CA PRO C 64 11.49 28.65 -4.90
C PRO C 64 10.46 28.55 -6.03
N VAL C 65 10.53 29.47 -6.99
CA VAL C 65 9.49 29.53 -8.05
C VAL C 65 9.56 28.25 -8.91
N ASP C 66 10.75 27.73 -9.21
CA ASP C 66 10.87 26.47 -10.01
C ASP C 66 10.22 25.30 -9.24
N THR C 67 10.38 25.27 -7.91
CA THR C 67 9.76 24.22 -7.07
C THR C 67 8.24 24.36 -7.13
N LEU C 68 7.70 25.57 -7.00
CA LEU C 68 6.25 25.79 -7.03
C LEU C 68 5.71 25.29 -8.37
N ILE C 69 6.35 25.68 -9.49
CA ILE C 69 5.81 25.34 -10.83
C ILE C 69 5.92 23.81 -11.00
N THR C 70 7.03 23.19 -10.60
CA THR C 70 7.20 21.73 -10.74
C THR C 70 6.10 21.00 -9.92
N TYR C 71 5.89 21.41 -8.68
CA TYR C 71 4.85 20.77 -7.85
C TYR C 71 3.47 21.00 -8.50
N LEU C 72 3.17 22.21 -8.97
CA LEU C 72 1.82 22.48 -9.50
C LEU C 72 1.59 21.67 -10.77
N MET C 73 2.59 21.55 -11.63
CA MET C 73 2.42 20.76 -12.86
C MET C 73 2.23 19.27 -12.49
N THR C 74 2.98 18.78 -11.50
CA THR C 74 2.86 17.40 -11.00
C THR C 74 1.44 17.18 -10.45
N LEU C 75 0.99 18.06 -9.55
CA LEU C 75 -0.36 17.97 -8.95
C LEU C 75 -1.42 18.00 -10.07
N GLU C 76 -1.32 18.94 -11.00
CA GLU C 76 -2.35 19.05 -12.07
C GLU C 76 -2.36 17.78 -12.93
N ASP C 77 -1.19 17.20 -13.20
CA ASP C 77 -1.03 15.92 -13.95
C ASP C 77 -1.76 14.77 -13.24
N HIS C 78 -2.00 14.84 -11.93
CA HIS C 78 -2.64 13.76 -11.15
C HIS C 78 -4.15 13.99 -11.02
N TYR C 79 -4.67 15.09 -11.59
CA TYR C 79 -6.10 15.20 -11.89
C TYR C 79 -6.35 14.55 -13.23
N HIS C 80 -7.48 13.85 -13.38
CA HIS C 80 -7.72 13.06 -14.61
C HIS C 80 -8.42 13.97 -15.63
N ALA C 81 -7.86 14.18 -16.80
CA ALA C 81 -8.49 14.92 -17.93
C ALA C 81 -9.74 14.22 -18.48
N ASP C 82 -9.89 12.92 -18.30
CA ASP C 82 -11.08 12.17 -18.81
C ASP C 82 -12.23 12.19 -17.79
N VAL C 83 -12.08 12.80 -16.62
CA VAL C 83 -13.19 12.94 -15.64
C VAL C 83 -13.86 14.29 -15.87
N ALA C 84 -15.17 14.33 -16.11
CA ALA C 84 -15.83 15.54 -16.67
C ALA C 84 -15.91 16.66 -15.64
N TYR C 85 -16.15 16.33 -14.36
CA TYR C 85 -16.29 17.35 -13.31
C TYR C 85 -15.07 17.40 -12.40
N HIS C 86 -14.74 16.28 -11.73
CA HIS C 86 -13.70 16.21 -10.67
C HIS C 86 -12.32 16.20 -11.32
N ASN C 87 -11.96 17.30 -11.98
CA ASN C 87 -10.70 17.46 -12.72
C ASN C 87 -9.97 18.72 -12.27
N ASN C 88 -8.90 19.05 -12.98
CA ASN C 88 -8.00 20.17 -12.68
C ASN C 88 -8.77 21.49 -12.79
N ILE C 89 -9.80 21.58 -13.60
CA ILE C 89 -10.55 22.86 -13.73
C ILE C 89 -11.36 23.05 -12.47
N HIS C 90 -11.99 21.99 -11.93
CA HIS C 90 -12.71 22.06 -10.66
C HIS C 90 -11.77 22.45 -9.53
N ALA C 91 -10.57 21.83 -9.49
CA ALA C 91 -9.56 22.17 -8.48
C ALA C 91 -9.21 23.68 -8.60
N ALA C 92 -8.95 24.17 -9.81
CA ALA C 92 -8.59 25.59 -10.06
C ALA C 92 -9.72 26.49 -9.54
N ASP C 93 -10.96 26.07 -9.78
CA ASP C 93 -12.17 26.85 -9.44
C ASP C 93 -12.29 26.93 -7.92
N VAL C 94 -12.09 25.83 -7.21
CA VAL C 94 -12.23 25.81 -5.75
C VAL C 94 -11.10 26.62 -5.13
N VAL C 95 -9.89 26.51 -5.65
CA VAL C 95 -8.74 27.34 -5.20
C VAL C 95 -9.14 28.84 -5.32
N GLN C 96 -9.61 29.23 -6.50
CA GLN C 96 -9.85 30.67 -6.78
C GLN C 96 -11.04 31.15 -5.96
N SER C 97 -12.06 30.31 -5.77
CA SER C 97 -13.25 30.64 -4.96
C SER C 97 -12.84 30.78 -3.49
N THR C 98 -12.00 29.88 -2.99
CA THR C 98 -11.44 30.02 -1.62
C THR C 98 -10.66 31.36 -1.49
N HIS C 99 -9.81 31.68 -2.47
CA HIS C 99 -9.01 32.93 -2.48
C HIS C 99 -9.95 34.15 -2.36
N VAL C 100 -11.07 34.16 -3.06
CA VAL C 100 -12.04 35.30 -2.99
C VAL C 100 -12.69 35.29 -1.61
N LEU C 101 -13.13 34.14 -1.11
CA LEU C 101 -13.82 34.09 0.21
C LEU C 101 -12.88 34.53 1.32
N LEU C 102 -11.58 34.21 1.23
CA LEU C 102 -10.60 34.61 2.27
C LEU C 102 -10.49 36.15 2.33
N SER C 103 -10.74 36.84 1.23
CA SER C 103 -10.64 38.32 1.12
C SER C 103 -11.91 39.02 1.61
N THR C 104 -12.91 38.30 2.14
CA THR C 104 -14.18 38.95 2.54
C THR C 104 -13.92 39.98 3.65
N PRO C 105 -14.49 41.21 3.57
CA PRO C 105 -14.21 42.24 4.58
C PRO C 105 -14.40 41.76 6.02
N ALA C 106 -15.44 40.97 6.29
CA ALA C 106 -15.76 40.47 7.64
C ALA C 106 -14.63 39.56 8.18
N LEU C 107 -13.71 39.07 7.35
CA LEU C 107 -12.59 38.21 7.85
C LEU C 107 -11.24 38.95 7.77
N GLU C 108 -11.25 40.26 7.52
CA GLU C 108 -9.99 41.02 7.35
C GLU C 108 -9.13 40.86 8.60
N ALA C 109 -7.86 40.49 8.40
CA ALA C 109 -6.83 40.30 9.43
C ALA C 109 -7.16 39.16 10.40
N VAL C 110 -8.15 38.31 10.13
CA VAL C 110 -8.52 37.21 11.05
C VAL C 110 -7.52 36.05 10.91
N PHE C 111 -7.17 35.64 9.70
CA PHE C 111 -6.35 34.41 9.50
C PHE C 111 -4.86 34.76 9.35
N THR C 112 -4.01 33.86 9.87
CA THR C 112 -2.55 33.94 9.72
C THR C 112 -2.16 33.58 8.28
N ASP C 113 -0.95 33.94 7.89
CA ASP C 113 -0.41 33.56 6.56
C ASP C 113 -0.42 32.02 6.41
N LEU C 114 -0.12 31.30 7.49
CA LEU C 114 -0.07 29.82 7.45
C LEU C 114 -1.49 29.27 7.26
N GLU C 115 -2.51 29.85 7.90
CA GLU C 115 -3.92 29.41 7.72
C GLU C 115 -4.37 29.68 6.29
N ILE C 116 -4.00 30.84 5.73
CA ILE C 116 -4.33 31.17 4.32
C ILE C 116 -3.66 30.13 3.38
N LEU C 117 -2.39 29.84 3.62
CA LEU C 117 -1.65 28.85 2.80
C LEU C 117 -2.36 27.48 2.92
N ALA C 118 -2.78 27.10 4.13
CA ALA C 118 -3.47 25.83 4.39
C ALA C 118 -4.76 25.78 3.59
N ALA C 119 -5.58 26.84 3.63
CA ALA C 119 -6.87 26.85 2.93
C ALA C 119 -6.66 26.74 1.42
N ILE C 120 -5.68 27.46 0.86
CA ILE C 120 -5.47 27.46 -0.61
C ILE C 120 -4.86 26.09 -1.04
N PHE C 121 -3.89 25.59 -0.30
CA PHE C 121 -3.26 24.29 -0.62
C PHE C 121 -4.32 23.19 -0.51
N ALA C 122 -5.10 23.15 0.56
CA ALA C 122 -6.18 22.17 0.75
C ALA C 122 -7.10 22.22 -0.48
N SER C 123 -7.50 23.41 -0.92
CA SER C 123 -8.39 23.57 -2.07
C SER C 123 -7.71 22.98 -3.32
N ALA C 124 -6.41 23.20 -3.51
CA ALA C 124 -5.69 22.75 -4.73
C ALA C 124 -5.69 21.20 -4.76
N ILE C 125 -5.49 20.54 -3.63
CA ILE C 125 -5.31 19.06 -3.59
C ILE C 125 -6.65 18.34 -3.32
N HIS C 126 -7.75 19.05 -3.04
CA HIS C 126 -8.89 18.45 -2.32
C HIS C 126 -9.59 17.33 -3.12
N ASP C 127 -9.42 17.24 -4.44
CA ASP C 127 -10.00 16.16 -5.27
C ASP C 127 -8.94 15.46 -6.12
N VAL C 128 -7.67 15.53 -5.79
CA VAL C 128 -6.62 15.02 -6.71
C VAL C 128 -6.77 13.49 -6.88
N ASP C 129 -6.58 13.02 -8.10
CA ASP C 129 -6.70 11.59 -8.48
C ASP C 129 -8.12 11.08 -8.27
N HIS C 130 -9.12 11.96 -8.37
CA HIS C 130 -10.54 11.56 -8.30
C HIS C 130 -10.84 10.68 -9.50
N PRO C 131 -11.40 9.47 -9.27
CA PRO C 131 -11.70 8.56 -10.38
C PRO C 131 -13.04 8.82 -11.08
N GLY C 132 -13.83 9.77 -10.61
CA GLY C 132 -15.12 10.11 -11.21
C GLY C 132 -16.22 9.19 -10.80
N VAL C 133 -16.04 8.50 -9.67
CA VAL C 133 -17.11 7.70 -9.04
C VAL C 133 -17.14 8.03 -7.56
N SER C 134 -18.26 7.75 -6.93
CA SER C 134 -18.56 8.12 -5.53
C SER C 134 -17.85 7.20 -4.53
N ASN C 135 -17.79 7.64 -3.29
CA ASN C 135 -17.32 6.78 -2.19
C ASN C 135 -18.13 5.47 -2.19
N GLN C 136 -19.46 5.53 -2.33
CA GLN C 136 -20.30 4.33 -2.22
C GLN C 136 -19.95 3.34 -3.33
N PHE C 137 -19.60 3.83 -4.52
CA PHE C 137 -19.17 2.98 -5.64
C PHE C 137 -17.90 2.23 -5.25
N LEU C 138 -16.92 2.92 -4.68
CA LEU C 138 -15.64 2.31 -4.26
C LEU C 138 -15.88 1.28 -3.13
N ILE C 139 -16.79 1.59 -2.22
CA ILE C 139 -17.17 0.63 -1.13
C ILE C 139 -17.86 -0.61 -1.74
N ASN C 140 -18.82 -0.42 -2.65
CA ASN C 140 -19.64 -1.49 -3.23
C ASN C 140 -18.78 -2.44 -4.07
N THR C 141 -17.68 -1.96 -4.66
CA THR C 141 -16.81 -2.79 -5.52
C THR C 141 -15.74 -3.47 -4.69
N ASN C 142 -15.66 -3.22 -3.38
CA ASN C 142 -14.56 -3.76 -2.53
C ASN C 142 -13.23 -3.26 -3.05
N SER C 143 -13.15 -2.00 -3.43
CA SER C 143 -11.89 -1.39 -3.92
C SER C 143 -10.83 -1.38 -2.84
N GLU C 144 -9.58 -1.49 -3.23
CA GLU C 144 -8.41 -1.41 -2.34
C GLU C 144 -8.50 -0.13 -1.48
N LEU C 145 -8.92 1.01 -2.06
CA LEU C 145 -8.96 2.27 -1.28
C LEU C 145 -9.97 2.12 -0.14
N ALA C 146 -11.14 1.55 -0.40
CA ALA C 146 -12.18 1.40 0.61
C ALA C 146 -11.68 0.47 1.73
N LEU C 147 -10.94 -0.58 1.38
CA LEU C 147 -10.33 -1.50 2.40
C LEU C 147 -9.31 -0.73 3.24
N MET C 148 -8.45 0.08 2.63
CA MET C 148 -7.38 0.81 3.36
C MET C 148 -8.01 1.77 4.37
N TYR C 149 -9.12 2.44 4.00
CA TYR C 149 -9.67 3.54 4.82
C TYR C 149 -10.94 3.12 5.56
N ASN C 150 -11.24 1.81 5.62
CA ASN C 150 -12.39 1.28 6.37
C ASN C 150 -13.66 2.01 5.94
N ASP C 151 -13.84 2.19 4.65
CA ASP C 151 -15.09 2.71 4.04
C ASP C 151 -15.41 4.13 4.53
N SER C 152 -14.48 4.83 5.11
CA SER C 152 -14.73 6.16 5.73
C SER C 152 -13.96 7.26 5.01
N SER C 153 -14.68 8.24 4.45
CA SER C 153 -14.10 9.34 3.64
C SER C 153 -13.04 8.77 2.72
N VAL C 154 -13.42 7.76 1.94
CA VAL C 154 -12.41 6.98 1.18
C VAL C 154 -11.68 7.90 0.22
N LEU C 155 -12.43 8.58 -0.66
CA LEU C 155 -11.82 9.51 -1.63
C LEU C 155 -11.04 10.64 -0.94
N GLU C 156 -11.63 11.23 0.11
CA GLU C 156 -11.00 12.43 0.75
C GLU C 156 -9.66 12.04 1.41
N ASN C 157 -9.59 10.84 2.01
CA ASN C 157 -8.32 10.28 2.54
C ASN C 157 -7.33 10.12 1.40
N HIS C 158 -7.80 9.60 0.26
CA HIS C 158 -6.93 9.41 -0.92
C HIS C 158 -6.42 10.76 -1.45
N HIS C 159 -7.28 11.77 -1.57
CA HIS C 159 -6.87 13.10 -2.09
C HIS C 159 -5.73 13.65 -1.20
N LEU C 160 -5.90 13.57 0.11
CA LEU C 160 -4.84 14.00 1.06
C LEU C 160 -3.54 13.23 0.83
N ALA C 161 -3.64 11.89 0.71
CA ALA C 161 -2.43 11.06 0.60
C ALA C 161 -1.66 11.45 -0.65
N VAL C 162 -2.36 11.61 -1.75
CA VAL C 162 -1.72 11.92 -3.06
C VAL C 162 -1.16 13.35 -3.01
N GLY C 163 -1.98 14.33 -2.55
CA GLY C 163 -1.55 15.74 -2.54
C GLY C 163 -0.26 15.91 -1.76
N PHE C 164 -0.14 15.24 -0.60
CA PHE C 164 1.08 15.28 0.23
C PHE C 164 2.20 14.46 -0.39
N LYS C 165 1.92 13.27 -0.89
CA LYS C 165 2.99 12.38 -1.40
C LYS C 165 3.69 13.04 -2.57
N LEU C 166 2.96 13.81 -3.40
CA LEU C 166 3.61 14.45 -4.58
C LEU C 166 4.65 15.51 -4.15
N LEU C 167 4.59 16.03 -2.92
CA LEU C 167 5.64 16.98 -2.41
C LEU C 167 7.01 16.28 -2.40
N GLN C 168 7.05 14.95 -2.39
CA GLN C 168 8.30 14.17 -2.29
C GLN C 168 8.92 13.90 -3.66
N GLU C 169 8.28 14.28 -4.74
CA GLU C 169 8.89 14.08 -6.08
C GLU C 169 10.01 15.12 -6.23
N GLU C 170 10.89 14.87 -7.17
CA GLU C 170 12.09 15.69 -7.44
C GLU C 170 11.69 17.16 -7.60
N ASN C 171 12.28 18.01 -6.77
CA ASN C 171 12.07 19.48 -6.79
C ASN C 171 10.57 19.84 -6.67
N CYS C 172 9.81 19.12 -5.84
CA CYS C 172 8.36 19.36 -5.64
C CYS C 172 8.06 19.85 -4.22
N ASP C 173 9.04 19.90 -3.31
CA ASP C 173 8.68 20.20 -1.89
C ASP C 173 8.57 21.72 -1.69
N ILE C 174 7.38 22.25 -1.97
CA ILE C 174 7.11 23.70 -1.85
C ILE C 174 7.20 24.15 -0.39
N PHE C 175 7.16 23.25 0.58
CA PHE C 175 7.26 23.60 2.01
C PHE C 175 8.66 23.35 2.57
N GLN C 176 9.67 23.20 1.72
CA GLN C 176 11.05 22.86 2.14
C GLN C 176 11.63 23.92 3.10
N ASN C 177 11.21 25.19 3.02
CA ASN C 177 11.78 26.26 3.90
C ASN C 177 10.85 26.59 5.07
N LEU C 178 9.75 25.86 5.26
CA LEU C 178 8.90 25.95 6.47
C LEU C 178 9.63 25.21 7.60
N THR C 179 9.49 25.72 8.81
CA THR C 179 9.99 25.02 10.02
C THR C 179 9.13 23.76 10.22
N LYS C 180 9.62 22.81 11.00
CA LYS C 180 8.84 21.65 11.45
C LYS C 180 7.52 22.13 12.06
N LYS C 181 7.53 23.14 12.91
CA LYS C 181 6.30 23.56 13.59
C LYS C 181 5.26 24.07 12.58
N GLN C 182 5.71 24.86 11.61
CA GLN C 182 4.83 25.38 10.54
C GLN C 182 4.30 24.19 9.71
N ARG C 183 5.16 23.24 9.33
CA ARG C 183 4.75 22.06 8.51
C ARG C 183 3.72 21.22 9.27
N GLN C 184 3.91 20.97 10.57
CA GLN C 184 2.97 20.13 11.33
C GLN C 184 1.64 20.83 11.48
N SER C 185 1.65 22.14 11.69
CA SER C 185 0.39 22.91 11.82
C SER C 185 -0.34 22.91 10.47
N LEU C 186 0.37 23.17 9.39
CA LEU C 186 -0.26 23.20 8.03
C LEU C 186 -0.85 21.81 7.73
N ARG C 187 -0.12 20.75 8.02
CA ARG C 187 -0.60 19.34 7.81
C ARG C 187 -1.92 19.14 8.55
N LYS C 188 -2.02 19.49 9.84
CA LYS C 188 -3.25 19.25 10.57
C LYS C 188 -4.41 20.04 9.95
N MET C 189 -4.15 21.30 9.60
CA MET C 189 -5.23 22.16 9.07
C MET C 189 -5.72 21.59 7.72
N VAL C 190 -4.80 21.17 6.88
CA VAL C 190 -5.11 20.69 5.51
C VAL C 190 -5.93 19.41 5.65
N ILE C 191 -5.55 18.49 6.55
CA ILE C 191 -6.34 17.25 6.82
C ILE C 191 -7.76 17.66 7.25
N ASP C 192 -7.88 18.57 8.20
CA ASP C 192 -9.21 18.97 8.73
C ASP C 192 -10.06 19.57 7.61
N ILE C 193 -9.46 20.36 6.74
CA ILE C 193 -10.22 21.03 5.64
C ILE C 193 -10.63 19.98 4.58
N VAL C 194 -9.71 19.16 4.09
CA VAL C 194 -10.07 18.21 3.01
C VAL C 194 -11.09 17.19 3.51
N LEU C 195 -10.97 16.68 4.74
CA LEU C 195 -11.95 15.68 5.26
C LEU C 195 -13.34 16.30 5.35
N ALA C 196 -13.40 17.62 5.55
CA ALA C 196 -14.68 18.36 5.64
C ALA C 196 -15.35 18.50 4.26
N THR C 197 -14.66 18.14 3.15
CA THR C 197 -15.27 18.20 1.80
C THR C 197 -16.12 16.96 1.52
N ASP C 198 -16.07 15.95 2.37
CA ASP C 198 -16.92 14.74 2.25
C ASP C 198 -18.36 15.16 2.53
N MET C 199 -19.25 14.94 1.58
CA MET C 199 -20.66 15.42 1.68
C MET C 199 -21.37 14.68 2.80
N SER C 200 -20.86 13.53 3.27
CA SER C 200 -21.46 12.87 4.46
C SER C 200 -21.31 13.78 5.69
N LYS C 201 -20.39 14.74 5.69
CA LYS C 201 -20.15 15.61 6.87
C LYS C 201 -20.97 16.94 6.77
N HIS C 202 -21.69 17.17 5.68
CA HIS C 202 -22.33 18.47 5.35
C HIS C 202 -23.29 18.90 6.48
N MET C 203 -24.22 18.03 6.87
CA MET C 203 -25.27 18.40 7.85
C MET C 203 -24.62 18.81 9.17
N ASN C 204 -23.59 18.10 9.65
CA ASN C 204 -22.93 18.46 10.93
C ASN C 204 -22.11 19.74 10.77
N LEU C 205 -21.41 19.93 9.64
CA LEU C 205 -20.68 21.22 9.40
C LEU C 205 -21.69 22.39 9.44
N LEU C 206 -22.81 22.25 8.75
CA LEU C 206 -23.83 23.32 8.66
C LEU C 206 -24.40 23.58 10.07
N ALA C 207 -24.72 22.53 10.83
CA ALA C 207 -25.26 22.67 12.21
C ALA C 207 -24.27 23.50 13.02
N ASP C 208 -22.98 23.20 12.91
CA ASP C 208 -21.92 23.90 13.68
C ASP C 208 -21.76 25.32 13.16
N LEU C 209 -21.85 25.57 11.86
CA LEU C 209 -21.76 26.95 11.33
C LEU C 209 -22.93 27.77 11.89
N LYS C 210 -24.14 27.20 11.94
CA LYS C 210 -25.35 27.90 12.49
C LYS C 210 -25.13 28.26 13.97
N THR C 211 -24.60 27.34 14.77
CA THR C 211 -24.25 27.56 16.20
C THR C 211 -23.28 28.74 16.33
N MET C 212 -22.30 28.81 15.44
CA MET C 212 -21.31 29.90 15.47
C MET C 212 -21.97 31.23 15.08
N VAL C 213 -22.85 31.25 14.07
CA VAL C 213 -23.59 32.48 13.67
C VAL C 213 -24.41 32.98 14.87
N GLU C 214 -25.09 32.07 15.59
CA GLU C 214 -25.98 32.42 16.73
C GLU C 214 -25.19 33.02 17.89
N THR C 215 -23.90 32.66 18.05
CA THR C 215 -23.04 33.11 19.18
C THR C 215 -21.86 33.95 18.65
N LYS C 216 -22.00 34.51 17.45
CA LYS C 216 -20.96 35.31 16.75
C LYS C 216 -20.59 36.49 17.65
N LYS C 217 -19.29 36.76 17.77
CA LYS C 217 -18.74 38.00 18.37
C LYS C 217 -17.98 38.76 17.28
N VAL C 218 -18.06 40.10 17.32
CA VAL C 218 -17.27 40.98 16.40
C VAL C 218 -16.38 41.89 17.25
N THR C 219 -15.26 42.32 16.68
CA THR C 219 -14.31 43.29 17.28
C THR C 219 -14.87 44.71 17.08
N SER C 220 -14.21 45.70 17.67
CA SER C 220 -14.52 47.14 17.54
C SER C 220 -14.39 47.60 16.07
N SER C 221 -13.54 46.91 15.29
CA SER C 221 -13.32 47.16 13.83
C SER C 221 -14.44 46.54 12.98
N GLY C 222 -15.35 45.74 13.58
CA GLY C 222 -16.55 45.19 12.92
C GLY C 222 -16.26 43.93 12.12
N VAL C 223 -15.18 43.22 12.45
CA VAL C 223 -14.81 41.91 11.82
C VAL C 223 -15.04 40.78 12.83
N LEU C 224 -15.15 39.55 12.32
CA LEU C 224 -15.37 38.33 13.15
C LEU C 224 -14.25 38.17 14.17
N LEU C 225 -14.60 37.80 15.40
CA LEU C 225 -13.64 37.44 16.46
C LEU C 225 -13.54 35.92 16.54
N LEU C 226 -12.38 35.35 16.23
CA LEU C 226 -12.13 33.87 16.26
C LEU C 226 -10.87 33.59 17.08
N ASP C 227 -11.01 33.19 18.33
CA ASP C 227 -9.87 33.22 19.27
C ASP C 227 -9.42 31.81 19.67
N ASN C 228 -9.95 30.74 19.06
CA ASN C 228 -9.48 29.36 19.34
C ASN C 228 -9.43 28.53 18.05
N TYR C 229 -8.61 27.47 18.00
CA TYR C 229 -8.41 26.61 16.80
C TYR C 229 -9.77 26.08 16.35
N SER C 230 -10.58 25.58 17.29
CA SER C 230 -11.87 24.93 17.00
C SER C 230 -12.69 25.87 16.09
N ASP C 231 -12.74 27.16 16.41
CA ASP C 231 -13.61 28.11 15.68
C ASP C 231 -12.91 28.52 14.37
N ARG C 232 -11.62 28.74 14.40
CA ARG C 232 -10.85 29.17 13.21
C ARG C 232 -10.91 28.05 12.16
N ILE C 233 -10.74 26.78 12.56
CA ILE C 233 -10.69 25.65 11.59
C ILE C 233 -12.11 25.40 11.08
N GLN C 234 -13.13 25.54 11.94
CA GLN C 234 -14.53 25.37 11.51
C GLN C 234 -14.86 26.39 10.42
N VAL C 235 -14.41 27.63 10.55
CA VAL C 235 -14.69 28.66 9.51
C VAL C 235 -13.95 28.27 8.23
N LEU C 236 -12.68 27.87 8.32
CA LEU C 236 -11.90 27.45 7.11
C LEU C 236 -12.55 26.21 6.48
N GLN C 237 -12.97 25.24 7.26
CA GLN C 237 -13.66 24.02 6.75
C GLN C 237 -14.92 24.44 5.99
N ASN C 238 -15.76 25.28 6.60
CA ASN C 238 -17.02 25.73 5.95
C ASN C 238 -16.68 26.59 4.72
N MET C 239 -15.64 27.40 4.78
CA MET C 239 -15.25 28.28 3.65
C MET C 239 -14.90 27.40 2.44
N VAL C 240 -14.08 26.37 2.62
CA VAL C 240 -13.65 25.53 1.47
C VAL C 240 -14.83 24.67 1.02
N HIS C 241 -15.69 24.23 1.93
CA HIS C 241 -16.94 23.52 1.60
C HIS C 241 -17.85 24.44 0.78
N CYS C 242 -18.01 25.71 1.17
CA CYS C 242 -18.73 26.70 0.34
C CYS C 242 -18.10 26.82 -1.05
N ALA C 243 -16.78 26.92 -1.13
CA ALA C 243 -16.07 27.02 -2.43
C ALA C 243 -16.36 25.76 -3.27
N ASP C 244 -16.32 24.59 -2.64
CA ASP C 244 -16.63 23.31 -3.33
C ASP C 244 -18.07 23.30 -3.84
N LEU C 245 -19.00 23.87 -3.08
CA LEU C 245 -20.42 23.96 -3.45
C LEU C 245 -20.73 25.38 -3.98
N SER C 246 -19.83 26.01 -4.74
CA SER C 246 -20.00 27.42 -5.19
C SER C 246 -20.61 27.50 -6.60
N ASN C 247 -20.74 26.38 -7.32
CA ASN C 247 -21.08 26.43 -8.77
C ASN C 247 -22.39 27.20 -8.95
N PRO C 248 -23.46 26.92 -8.18
CA PRO C 248 -24.76 27.55 -8.44
C PRO C 248 -24.79 29.04 -8.04
N THR C 249 -23.73 29.54 -7.42
CA THR C 249 -23.62 30.95 -6.99
C THR C 249 -22.86 31.75 -8.04
N LYS C 250 -22.39 31.11 -9.09
CA LYS C 250 -21.56 31.80 -10.09
C LYS C 250 -22.45 32.38 -11.19
N PRO C 251 -21.93 33.34 -11.98
CA PRO C 251 -22.60 33.74 -13.22
C PRO C 251 -23.03 32.50 -14.01
N LEU C 252 -24.22 32.60 -14.62
CA LEU C 252 -24.92 31.44 -15.21
C LEU C 252 -24.07 30.75 -16.27
N GLN C 253 -23.28 31.46 -17.09
CA GLN C 253 -22.51 30.77 -18.17
C GLN C 253 -21.54 29.75 -17.49
N LEU C 254 -21.01 30.09 -16.31
CA LEU C 254 -20.11 29.15 -15.55
C LEU C 254 -20.94 28.01 -14.97
N TYR C 255 -22.01 28.32 -14.25
CA TYR C 255 -22.90 27.34 -13.58
C TYR C 255 -23.36 26.29 -14.60
N ARG C 256 -23.82 26.71 -15.78
CA ARG C 256 -24.33 25.77 -16.82
C ARG C 256 -23.24 24.76 -17.21
N GLN C 257 -22.00 25.23 -17.37
CA GLN C 257 -20.90 24.31 -17.73
C GLN C 257 -20.66 23.30 -16.59
N TRP C 258 -20.73 23.74 -15.34
CA TRP C 258 -20.53 22.86 -14.17
C TRP C 258 -21.64 21.83 -14.10
N THR C 259 -22.88 22.27 -14.35
CA THR C 259 -24.04 21.35 -14.36
C THR C 259 -23.85 20.31 -15.46
N ASP C 260 -23.45 20.72 -16.68
CA ASP C 260 -23.30 19.76 -17.80
C ASP C 260 -22.24 18.73 -17.40
N ARG C 261 -21.17 19.19 -16.74
CA ARG C 261 -20.02 18.33 -16.37
C ARG C 261 -20.43 17.34 -15.27
N ILE C 262 -21.08 17.78 -14.20
CA ILE C 262 -21.42 16.85 -13.10
C ILE C 262 -22.43 15.82 -13.63
N MET C 263 -23.33 16.23 -14.55
CA MET C 263 -24.31 15.26 -15.09
C MET C 263 -23.61 14.23 -15.98
N GLU C 264 -22.61 14.65 -16.78
CA GLU C 264 -21.81 13.70 -17.59
C GLU C 264 -21.14 12.70 -16.66
N GLU C 265 -20.56 13.19 -15.56
CA GLU C 265 -19.82 12.33 -14.61
C GLU C 265 -20.80 11.36 -13.97
N PHE C 266 -21.94 11.86 -13.48
CA PHE C 266 -22.95 11.02 -12.80
C PHE C 266 -23.49 9.96 -13.77
N PHE C 267 -23.80 10.33 -15.01
CA PHE C 267 -24.37 9.39 -16.00
C PHE C 267 -23.33 8.32 -16.31
N ARG C 268 -22.04 8.69 -16.38
CA ARG C 268 -20.95 7.72 -16.61
C ARG C 268 -20.85 6.76 -15.44
N GLN C 269 -21.02 7.22 -14.22
CA GLN C 269 -21.03 6.31 -13.05
C GLN C 269 -22.25 5.37 -13.18
N GLY C 270 -23.41 5.90 -13.57
CA GLY C 270 -24.61 5.08 -13.79
C GLY C 270 -24.39 4.02 -14.85
N ASP C 271 -23.67 4.37 -15.93
CA ASP C 271 -23.34 3.41 -17.00
C ASP C 271 -22.45 2.29 -16.43
N ARG C 272 -21.49 2.61 -15.55
CA ARG C 272 -20.57 1.62 -14.94
C ARG C 272 -21.34 0.72 -13.97
N GLU C 273 -22.27 1.30 -13.21
CA GLU C 273 -23.15 0.50 -12.31
C GLU C 273 -24.04 -0.43 -13.18
N ARG C 274 -24.69 0.09 -14.20
CA ARG C 274 -25.65 -0.67 -15.06
C ARG C 274 -24.92 -1.81 -15.74
N GLU C 275 -23.73 -1.56 -16.32
CA GLU C 275 -22.76 -2.53 -16.90
C GLU C 275 -22.60 -3.73 -15.99
N ARG C 276 -22.45 -3.43 -14.71
CA ARG C 276 -22.05 -4.42 -13.65
C ARG C 276 -23.29 -5.02 -13.01
N GLY C 277 -24.50 -4.60 -13.40
CA GLY C 277 -25.76 -5.05 -12.78
C GLY C 277 -25.91 -4.54 -11.35
N MET C 278 -25.30 -3.40 -11.00
CA MET C 278 -25.49 -2.78 -9.67
C MET C 278 -26.71 -1.88 -9.77
N GLU C 279 -27.35 -1.59 -8.65
CA GLU C 279 -28.38 -0.54 -8.56
C GLU C 279 -27.75 0.76 -9.07
N ILE C 280 -28.46 1.50 -9.91
CA ILE C 280 -27.97 2.82 -10.42
C ILE C 280 -28.17 3.86 -9.31
N SER C 281 -27.12 4.60 -8.94
CA SER C 281 -27.15 5.61 -7.85
C SER C 281 -28.14 6.72 -8.20
N PRO C 282 -28.67 7.44 -7.18
CA PRO C 282 -29.51 8.62 -7.42
C PRO C 282 -28.89 9.61 -8.43
N MET C 283 -29.67 10.03 -9.42
CA MET C 283 -29.34 11.05 -10.46
C MET C 283 -28.25 10.54 -11.41
N CYS C 284 -27.97 9.23 -11.45
CA CYS C 284 -26.92 8.64 -12.32
C CYS C 284 -27.52 7.89 -13.52
N ASP C 285 -28.85 7.85 -13.64
CA ASP C 285 -29.54 7.15 -14.74
C ASP C 285 -29.92 8.15 -15.83
N LYS C 286 -29.18 8.12 -16.95
CA LYS C 286 -29.39 9.05 -18.08
C LYS C 286 -30.76 8.80 -18.73
N HIS C 287 -31.40 7.65 -18.47
CA HIS C 287 -32.73 7.28 -19.05
C HIS C 287 -33.86 7.72 -18.11
N ASN C 288 -33.52 8.11 -16.87
CA ASN C 288 -34.48 8.46 -15.80
C ASN C 288 -34.00 9.73 -15.09
N ALA C 289 -33.67 10.78 -15.84
CA ALA C 289 -32.96 11.99 -15.38
C ALA C 289 -33.90 13.21 -15.38
N SER C 290 -33.72 14.14 -14.46
CA SER C 290 -34.41 15.46 -14.46
C SER C 290 -33.39 16.53 -14.04
N VAL C 291 -32.50 16.90 -14.97
CA VAL C 291 -31.31 17.75 -14.71
C VAL C 291 -31.73 19.04 -14.00
N GLU C 292 -32.76 19.72 -14.53
CA GLU C 292 -33.19 21.07 -14.02
C GLU C 292 -33.82 20.91 -12.64
N LYS C 293 -34.75 19.95 -12.49
CA LYS C 293 -35.40 19.65 -11.19
C LYS C 293 -34.33 19.33 -10.12
N SER C 294 -33.33 18.54 -10.51
CA SER C 294 -32.23 18.14 -9.60
C SER C 294 -31.44 19.38 -9.16
N GLN C 295 -31.12 20.31 -10.08
CA GLN C 295 -30.38 21.55 -9.71
C GLN C 295 -31.22 22.35 -8.73
N VAL C 296 -32.53 22.45 -8.97
CA VAL C 296 -33.40 23.22 -8.04
C VAL C 296 -33.41 22.53 -6.67
N GLY C 297 -33.53 21.20 -6.63
CA GLY C 297 -33.51 20.44 -5.36
C GLY C 297 -32.17 20.60 -4.64
N PHE C 298 -31.07 20.56 -5.39
CA PHE C 298 -29.70 20.73 -4.85
C PHE C 298 -29.55 22.11 -4.22
N ILE C 299 -30.01 23.14 -4.92
CA ILE C 299 -29.99 24.52 -4.34
C ILE C 299 -30.87 24.54 -3.09
N ASP C 300 -32.12 24.04 -3.18
CA ASP C 300 -33.10 24.24 -2.07
C ASP C 300 -32.66 23.50 -0.81
N TYR C 301 -32.10 22.28 -0.93
CA TYR C 301 -31.85 21.40 0.25
C TYR C 301 -30.40 21.50 0.71
N ILE C 302 -29.44 21.88 -0.15
CA ILE C 302 -28.00 21.89 0.22
C ILE C 302 -27.38 23.28 0.07
N VAL C 303 -27.37 23.83 -1.14
CA VAL C 303 -26.49 24.99 -1.47
C VAL C 303 -27.06 26.26 -0.81
N HIS C 304 -28.38 26.50 -0.90
CA HIS C 304 -28.98 27.75 -0.33
C HIS C 304 -28.89 27.73 1.19
N PRO C 305 -29.24 26.64 1.91
CA PRO C 305 -29.08 26.60 3.36
C PRO C 305 -27.64 26.90 3.80
N LEU C 306 -26.67 26.32 3.11
CA LEU C 306 -25.24 26.55 3.44
C LEU C 306 -24.91 28.03 3.19
N TRP C 307 -25.20 28.54 1.99
CA TRP C 307 -24.74 29.90 1.61
C TRP C 307 -25.53 30.97 2.37
N GLU C 308 -26.79 30.70 2.74
CA GLU C 308 -27.60 31.61 3.59
C GLU C 308 -26.90 31.71 4.95
N THR C 309 -26.36 30.60 5.45
CA THR C 309 -25.70 30.60 6.79
C THR C 309 -24.35 31.30 6.69
N TRP C 310 -23.54 30.98 5.66
CA TRP C 310 -22.28 31.72 5.41
C TRP C 310 -22.60 33.25 5.34
N ALA C 311 -23.62 33.63 4.55
CA ALA C 311 -23.98 35.06 4.31
C ALA C 311 -24.29 35.76 5.64
N ASP C 312 -24.96 35.04 6.54
CA ASP C 312 -25.23 35.51 7.93
C ASP C 312 -23.92 35.74 8.68
N LEU C 313 -22.98 34.78 8.62
CA LEU C 313 -21.69 34.91 9.33
C LEU C 313 -20.98 36.18 8.86
N VAL C 314 -20.96 36.47 7.57
CA VAL C 314 -20.10 37.58 7.04
C VAL C 314 -20.97 38.79 6.64
N HIS C 315 -22.22 38.87 7.11
CA HIS C 315 -23.22 39.86 6.64
C HIS C 315 -22.58 41.26 6.66
N PRO C 316 -22.71 42.08 5.59
CA PRO C 316 -23.46 41.76 4.37
C PRO C 316 -22.61 41.30 3.17
N ASP C 317 -21.38 40.86 3.43
CA ASP C 317 -20.36 40.69 2.37
C ASP C 317 -20.83 39.74 1.26
N ALA C 318 -21.69 38.78 1.54
CA ALA C 318 -22.05 37.71 0.57
C ALA C 318 -23.41 37.97 -0.05
N GLN C 319 -24.01 39.15 0.15
CA GLN C 319 -25.38 39.40 -0.36
C GLN C 319 -25.44 39.19 -1.87
N ASP C 320 -24.47 39.65 -2.65
CA ASP C 320 -24.53 39.55 -4.13
C ASP C 320 -24.33 38.08 -4.55
N ILE C 321 -23.56 37.29 -3.79
CA ILE C 321 -23.40 35.82 -4.06
C ILE C 321 -24.75 35.13 -3.82
N LEU C 322 -25.40 35.41 -2.69
CA LEU C 322 -26.74 34.84 -2.38
C LEU C 322 -27.76 35.29 -3.44
N ASP C 323 -27.71 36.55 -3.88
CA ASP C 323 -28.64 37.06 -4.92
C ASP C 323 -28.42 36.30 -6.23
N THR C 324 -27.17 36.08 -6.64
CA THR C 324 -26.87 35.31 -7.88
C THR C 324 -27.45 33.90 -7.72
N LEU C 325 -27.29 33.28 -6.56
CA LEU C 325 -27.77 31.89 -6.30
C LEU C 325 -29.29 31.87 -6.50
N GLU C 326 -29.98 32.86 -5.94
CA GLU C 326 -31.48 32.93 -6.00
C GLU C 326 -31.90 33.16 -7.45
N ASP C 327 -31.22 34.03 -8.20
CA ASP C 327 -31.51 34.23 -9.64
C ASP C 327 -31.28 32.93 -10.43
N ASN C 328 -30.19 32.21 -10.17
CA ASN C 328 -29.85 30.96 -10.91
C ASN C 328 -30.92 29.90 -10.58
N ARG C 329 -31.38 29.87 -9.34
CA ARG C 329 -32.41 28.89 -8.93
C ARG C 329 -33.65 29.13 -9.78
N GLU C 330 -34.05 30.39 -9.89
CA GLU C 330 -35.25 30.78 -10.67
C GLU C 330 -35.04 30.43 -12.12
N TRP C 331 -33.85 30.65 -12.66
CA TRP C 331 -33.54 30.32 -14.06
C TRP C 331 -33.76 28.81 -14.31
N TYR C 332 -33.20 27.92 -13.47
CA TYR C 332 -33.35 26.44 -13.67
C TYR C 332 -34.83 26.06 -13.50
N GLN C 333 -35.50 26.59 -12.48
CA GLN C 333 -36.95 26.33 -12.26
C GLN C 333 -37.73 26.66 -13.56
N SER C 334 -37.41 27.78 -14.18
CA SER C 334 -38.16 28.32 -15.36
C SER C 334 -37.94 27.42 -16.58
N THR C 335 -36.94 26.52 -16.56
CA THR C 335 -36.64 25.64 -17.73
C THR C 335 -37.05 24.18 -17.46
N ILE C 336 -37.69 23.88 -16.32
CA ILE C 336 -38.31 22.55 -16.03
C ILE C 336 -39.45 22.34 -17.01
N PRO C 337 -39.43 21.28 -17.84
CA PRO C 337 -40.57 20.94 -18.70
C PRO C 337 -41.81 20.54 -17.88
N GLN D 14 -2.02 -32.01 26.95
CA GLN D 14 -2.88 -33.14 26.49
C GLN D 14 -4.26 -32.61 26.04
N GLU D 15 -4.74 -33.26 24.97
CA GLU D 15 -5.98 -32.88 24.24
C GLU D 15 -7.19 -33.01 25.17
N ASP D 16 -7.21 -34.02 26.07
CA ASP D 16 -8.32 -34.23 27.03
C ASP D 16 -8.37 -33.08 28.04
N VAL D 17 -7.23 -32.64 28.58
CA VAL D 17 -7.18 -31.54 29.56
C VAL D 17 -7.67 -30.24 28.86
N LEU D 18 -7.28 -30.01 27.62
CA LEU D 18 -7.70 -28.83 26.82
C LEU D 18 -9.23 -28.87 26.63
N ALA D 19 -9.77 -30.01 26.19
CA ALA D 19 -11.23 -30.20 25.98
C ALA D 19 -11.99 -29.86 27.27
N LYS D 20 -11.47 -30.29 28.42
CA LYS D 20 -12.13 -30.04 29.72
C LYS D 20 -12.13 -28.55 30.03
N GLU D 21 -10.99 -27.86 29.88
CA GLU D 21 -10.91 -26.40 30.18
C GLU D 21 -11.90 -25.68 29.26
N LEU D 22 -12.08 -26.12 28.01
CA LEU D 22 -12.91 -25.43 27.00
C LEU D 22 -14.41 -25.61 27.30
N GLU D 23 -14.76 -26.52 28.18
CA GLU D 23 -16.16 -26.61 28.68
C GLU D 23 -16.49 -25.37 29.50
N ASP D 24 -15.52 -24.57 29.95
CA ASP D 24 -15.80 -23.33 30.73
C ASP D 24 -15.96 -22.12 29.77
N VAL D 25 -16.04 -22.34 28.47
CA VAL D 25 -16.10 -21.27 27.45
C VAL D 25 -17.30 -20.37 27.68
N ASN D 26 -18.35 -20.85 28.37
CA ASN D 26 -19.57 -20.01 28.60
C ASN D 26 -19.46 -19.33 29.96
N LYS D 27 -18.32 -19.37 30.63
CA LYS D 27 -18.16 -18.84 32.01
C LYS D 27 -17.28 -17.61 32.07
N TRP D 28 -17.69 -16.61 32.85
CA TRP D 28 -16.78 -15.50 33.20
C TRP D 28 -15.63 -16.09 34.02
N GLY D 29 -14.38 -15.88 33.65
CA GLY D 29 -13.30 -16.44 34.51
C GLY D 29 -12.71 -17.71 33.95
N LEU D 30 -12.95 -18.00 32.67
CA LEU D 30 -12.23 -19.04 31.91
C LEU D 30 -10.72 -18.93 32.21
N HIS D 31 -10.03 -20.06 32.34
CA HIS D 31 -8.57 -20.13 32.60
C HIS D 31 -7.85 -19.94 31.25
N VAL D 32 -7.91 -18.71 30.70
CA VAL D 32 -7.49 -18.43 29.30
C VAL D 32 -5.98 -18.63 29.18
N PHE D 33 -5.20 -18.35 30.21
CA PHE D 33 -3.72 -18.55 30.19
C PHE D 33 -3.41 -20.04 30.12
N ARG D 34 -4.16 -20.86 30.85
CA ARG D 34 -4.02 -22.34 30.81
C ARG D 34 -4.40 -22.85 29.43
N ILE D 35 -5.45 -22.29 28.83
CA ILE D 35 -5.84 -22.66 27.45
C ILE D 35 -4.71 -22.28 26.48
N ALA D 36 -4.11 -21.12 26.64
CA ALA D 36 -2.96 -20.70 25.79
C ALA D 36 -1.83 -21.75 25.89
N GLU D 37 -1.50 -22.18 27.10
CA GLU D 37 -0.41 -23.19 27.33
C GLU D 37 -0.80 -24.52 26.70
N LEU D 38 -2.01 -25.00 26.95
CA LEU D 38 -2.45 -26.36 26.54
C LEU D 38 -2.59 -26.41 25.02
N SER D 39 -2.94 -25.30 24.36
CA SER D 39 -3.19 -25.29 22.90
C SER D 39 -1.91 -25.04 22.09
N GLY D 40 -0.74 -24.94 22.72
CA GLY D 40 0.51 -24.58 22.05
C GLY D 40 0.48 -23.14 21.54
N ASN D 41 -0.06 -22.24 22.35
CA ASN D 41 -0.16 -20.77 22.07
C ASN D 41 -1.16 -20.59 20.93
N ARG D 42 -2.26 -21.36 20.92
CA ARG D 42 -3.38 -21.12 19.97
C ARG D 42 -4.68 -20.83 20.71
N PRO D 43 -4.69 -19.99 21.74
CA PRO D 43 -5.93 -19.73 22.46
C PRO D 43 -7.01 -19.07 21.59
N LEU D 44 -6.62 -18.17 20.67
CA LEU D 44 -7.63 -17.49 19.82
C LEU D 44 -8.26 -18.50 18.86
N THR D 45 -7.44 -19.36 18.25
CA THR D 45 -7.97 -20.38 17.31
C THR D 45 -8.91 -21.33 18.04
N VAL D 46 -8.48 -21.90 19.16
CA VAL D 46 -9.29 -22.96 19.82
C VAL D 46 -10.54 -22.34 20.45
N ILE D 47 -10.44 -21.16 21.05
CA ILE D 47 -11.64 -20.47 21.64
C ILE D 47 -12.61 -20.04 20.55
N MET D 48 -12.15 -19.46 19.45
CA MET D 48 -13.05 -19.08 18.33
C MET D 48 -13.71 -20.33 17.74
N HIS D 49 -12.95 -21.39 17.53
CA HIS D 49 -13.50 -22.61 16.93
C HIS D 49 -14.61 -23.16 17.85
N THR D 50 -14.34 -23.25 19.14
CA THR D 50 -15.32 -23.73 20.15
C THR D 50 -16.59 -22.87 20.09
N ILE D 51 -16.45 -21.54 20.05
CA ILE D 51 -17.61 -20.61 20.04
C ILE D 51 -18.39 -20.79 18.74
N PHE D 52 -17.70 -20.87 17.60
CA PHE D 52 -18.38 -21.02 16.32
C PHE D 52 -19.20 -22.35 16.29
N GLN D 53 -18.63 -23.41 16.81
CA GLN D 53 -19.31 -24.75 16.85
C GLN D 53 -20.51 -24.66 17.80
N GLU D 54 -20.32 -24.09 19.01
CA GLU D 54 -21.39 -23.93 20.04
C GLU D 54 -22.55 -23.12 19.48
N ARG D 55 -22.31 -22.06 18.72
CA ARG D 55 -23.35 -21.15 18.20
C ARG D 55 -23.84 -21.64 16.85
N ASP D 56 -23.28 -22.74 16.34
CA ASP D 56 -23.66 -23.35 15.03
C ASP D 56 -23.41 -22.35 13.89
N LEU D 57 -22.37 -21.53 14.02
CA LEU D 57 -22.11 -20.49 12.99
C LEU D 57 -21.60 -21.05 11.67
N LEU D 58 -20.91 -22.20 11.69
CA LEU D 58 -20.36 -22.80 10.44
C LEU D 58 -21.53 -23.23 9.56
N LYS D 59 -22.55 -23.84 10.17
CA LYS D 59 -23.74 -24.29 9.40
C LYS D 59 -24.55 -23.09 8.96
N THR D 60 -24.83 -22.15 9.86
CA THR D 60 -25.67 -20.98 9.53
C THR D 60 -25.07 -20.20 8.34
N PHE D 61 -23.74 -20.01 8.34
CA PHE D 61 -23.07 -19.13 7.35
C PHE D 61 -22.29 -19.96 6.33
N LYS D 62 -22.48 -21.28 6.32
CA LYS D 62 -21.83 -22.19 5.34
C LYS D 62 -20.33 -21.92 5.31
N ILE D 63 -19.70 -21.88 6.47
CA ILE D 63 -18.25 -21.64 6.59
C ILE D 63 -17.57 -22.99 6.55
N PRO D 64 -16.70 -23.24 5.53
CA PRO D 64 -15.92 -24.47 5.53
C PRO D 64 -15.06 -24.55 6.77
N VAL D 65 -15.00 -25.70 7.46
CA VAL D 65 -14.25 -25.79 8.72
C VAL D 65 -12.76 -25.53 8.46
N ASP D 66 -12.19 -26.06 7.38
CA ASP D 66 -10.76 -25.84 7.01
C ASP D 66 -10.51 -24.34 6.77
N THR D 67 -11.43 -23.65 6.14
CA THR D 67 -11.33 -22.18 5.90
C THR D 67 -11.31 -21.45 7.25
N LEU D 68 -12.23 -21.81 8.16
CA LEU D 68 -12.28 -21.17 9.49
C LEU D 68 -10.95 -21.35 10.18
N ILE D 69 -10.43 -22.57 10.24
CA ILE D 69 -9.20 -22.86 11.00
C ILE D 69 -8.04 -22.12 10.35
N THR D 70 -7.94 -22.13 9.03
CA THR D 70 -6.86 -21.42 8.31
C THR D 70 -6.90 -19.92 8.62
N TYR D 71 -8.07 -19.31 8.50
CA TYR D 71 -8.23 -17.89 8.83
C TYR D 71 -7.81 -17.64 10.29
N LEU D 72 -8.29 -18.48 11.21
CA LEU D 72 -8.03 -18.21 12.65
C LEU D 72 -6.55 -18.32 12.94
N MET D 73 -5.88 -19.31 12.36
CA MET D 73 -4.43 -19.45 12.56
C MET D 73 -3.69 -18.26 11.97
N THR D 74 -4.10 -17.80 10.81
CA THR D 74 -3.52 -16.63 10.13
C THR D 74 -3.74 -15.37 11.00
N LEU D 75 -4.95 -15.15 11.49
CA LEU D 75 -5.26 -13.99 12.35
C LEU D 75 -4.42 -14.06 13.61
N GLU D 76 -4.35 -15.21 14.26
CA GLU D 76 -3.62 -15.36 15.52
C GLU D 76 -2.13 -15.08 15.29
N ASP D 77 -1.60 -15.53 14.16
CA ASP D 77 -0.19 -15.34 13.76
C ASP D 77 0.13 -13.85 13.55
N HIS D 78 -0.86 -13.00 13.31
CA HIS D 78 -0.66 -11.55 13.10
C HIS D 78 -0.81 -10.75 14.38
N TYR D 79 -1.09 -11.41 15.50
CA TYR D 79 -0.85 -10.84 16.83
C TYR D 79 0.60 -11.08 17.20
N HIS D 80 1.25 -10.09 17.81
CA HIS D 80 2.72 -10.14 18.05
C HIS D 80 2.98 -10.95 19.31
N ALA D 81 3.76 -12.03 19.19
CA ALA D 81 4.18 -12.86 20.35
C ALA D 81 5.10 -12.10 21.30
N ASP D 82 5.77 -11.04 20.86
CA ASP D 82 6.72 -10.28 21.73
C ASP D 82 6.00 -9.13 22.43
N VAL D 83 4.69 -8.95 22.27
CA VAL D 83 3.94 -7.87 22.97
C VAL D 83 3.27 -8.49 24.21
N ALA D 84 3.47 -7.93 25.41
CA ALA D 84 3.11 -8.60 26.68
C ALA D 84 1.60 -8.63 26.91
N TYR D 85 0.89 -7.58 26.51
CA TYR D 85 -0.58 -7.49 26.73
C TYR D 85 -1.34 -7.67 25.41
N HIS D 86 -1.11 -6.80 24.43
CA HIS D 86 -1.91 -6.72 23.18
C HIS D 86 -1.48 -7.83 22.22
N ASN D 87 -1.72 -9.06 22.65
CA ASN D 87 -1.36 -10.30 21.91
C ASN D 87 -2.61 -11.19 21.73
N ASN D 88 -2.38 -12.37 21.21
CA ASN D 88 -3.43 -13.35 20.88
C ASN D 88 -4.17 -13.79 22.14
N ILE D 89 -3.54 -13.76 23.32
CA ILE D 89 -4.26 -14.16 24.55
C ILE D 89 -5.29 -13.10 24.89
N HIS D 90 -4.94 -11.81 24.74
CA HIS D 90 -5.89 -10.71 24.95
C HIS D 90 -7.04 -10.84 23.94
N ALA D 91 -6.75 -11.10 22.67
CA ALA D 91 -7.77 -11.28 21.63
C ALA D 91 -8.72 -12.43 22.04
N ALA D 92 -8.17 -13.58 22.44
CA ALA D 92 -8.96 -14.75 22.86
C ALA D 92 -9.88 -14.37 24.03
N ASP D 93 -9.34 -13.61 24.96
CA ASP D 93 -10.06 -13.18 26.20
C ASP D 93 -11.23 -12.28 25.81
N VAL D 94 -11.01 -11.31 24.92
CA VAL D 94 -12.10 -10.37 24.52
C VAL D 94 -13.15 -11.13 23.72
N VAL D 95 -12.75 -12.04 22.83
CA VAL D 95 -13.70 -12.93 22.11
C VAL D 95 -14.59 -13.65 23.13
N GLN D 96 -13.97 -14.30 24.09
CA GLN D 96 -14.70 -15.18 25.02
C GLN D 96 -15.58 -14.34 25.94
N SER D 97 -15.10 -13.15 26.35
CA SER D 97 -15.85 -12.23 27.22
C SER D 97 -17.05 -11.69 26.43
N THR D 98 -16.86 -11.34 25.16
CA THR D 98 -17.99 -10.93 24.29
C THR D 98 -19.01 -12.06 24.15
N HIS D 99 -18.56 -13.28 23.94
CA HIS D 99 -19.43 -14.47 23.83
C HIS D 99 -20.31 -14.60 25.10
N VAL D 100 -19.72 -14.42 26.27
CA VAL D 100 -20.48 -14.51 27.56
C VAL D 100 -21.48 -13.36 27.62
N LEU D 101 -21.08 -12.13 27.31
CA LEU D 101 -22.01 -10.98 27.38
C LEU D 101 -23.16 -11.13 26.39
N LEU D 102 -22.92 -11.67 25.18
CA LEU D 102 -23.98 -11.90 24.18
C LEU D 102 -25.01 -12.91 24.70
N SER D 103 -24.58 -13.85 25.55
CA SER D 103 -25.41 -14.95 26.12
C SER D 103 -26.22 -14.47 27.31
N THR D 104 -26.15 -13.21 27.68
CA THR D 104 -26.79 -12.73 28.94
C THR D 104 -28.32 -12.87 28.78
N PRO D 105 -29.04 -13.36 29.82
CA PRO D 105 -30.50 -13.55 29.69
C PRO D 105 -31.23 -12.31 29.14
N ALA D 106 -30.85 -11.12 29.59
CA ALA D 106 -31.50 -9.86 29.19
C ALA D 106 -31.40 -9.61 27.68
N LEU D 107 -30.48 -10.27 26.97
CA LEU D 107 -30.31 -10.06 25.49
C LEU D 107 -30.75 -11.27 24.70
N GLU D 108 -31.45 -12.23 25.32
CA GLU D 108 -31.77 -13.50 24.65
C GLU D 108 -32.65 -13.20 23.43
N ALA D 109 -32.24 -13.70 22.25
CA ALA D 109 -32.92 -13.54 20.95
C ALA D 109 -33.06 -12.08 20.51
N VAL D 110 -32.33 -11.14 21.08
CA VAL D 110 -32.36 -9.72 20.65
C VAL D 110 -31.56 -9.58 19.32
N PHE D 111 -30.38 -10.17 19.23
CA PHE D 111 -29.48 -9.99 18.06
C PHE D 111 -29.66 -11.12 17.07
N THR D 112 -29.53 -10.77 15.77
CA THR D 112 -29.54 -11.73 14.66
C THR D 112 -28.22 -12.52 14.65
N ASP D 113 -28.24 -13.65 13.96
CA ASP D 113 -27.02 -14.47 13.72
C ASP D 113 -25.91 -13.59 13.10
N LEU D 114 -26.28 -12.69 12.18
CA LEU D 114 -25.27 -11.84 11.50
C LEU D 114 -24.67 -10.86 12.50
N GLU D 115 -25.47 -10.27 13.40
CA GLU D 115 -24.97 -9.36 14.43
C GLU D 115 -24.04 -10.09 15.41
N ILE D 116 -24.40 -11.31 15.80
CA ILE D 116 -23.59 -12.15 16.70
C ILE D 116 -22.25 -12.41 16.00
N LEU D 117 -22.30 -12.82 14.74
CA LEU D 117 -21.07 -13.08 13.94
C LEU D 117 -20.20 -11.82 13.91
N ALA D 118 -20.80 -10.64 13.70
CA ALA D 118 -20.10 -9.35 13.61
C ALA D 118 -19.41 -9.08 14.94
N ALA D 119 -20.12 -9.22 16.06
CA ALA D 119 -19.57 -8.92 17.38
C ALA D 119 -18.39 -9.85 17.72
N ILE D 120 -18.51 -11.14 17.42
CA ILE D 120 -17.42 -12.09 17.74
C ILE D 120 -16.23 -11.89 16.79
N PHE D 121 -16.48 -11.67 15.51
CA PHE D 121 -15.39 -11.39 14.55
C PHE D 121 -14.68 -10.11 14.93
N ALA D 122 -15.42 -9.03 15.21
CA ALA D 122 -14.86 -7.74 15.64
C ALA D 122 -13.93 -7.99 16.84
N SER D 123 -14.40 -8.74 17.84
CA SER D 123 -13.61 -9.03 19.05
C SER D 123 -12.30 -9.73 18.64
N ALA D 124 -12.40 -10.72 17.75
CA ALA D 124 -11.23 -11.52 17.33
C ALA D 124 -10.16 -10.64 16.67
N ILE D 125 -10.57 -9.68 15.83
CA ILE D 125 -9.62 -8.85 15.03
C ILE D 125 -9.24 -7.56 15.75
N HIS D 126 -9.86 -7.21 16.89
CA HIS D 126 -9.94 -5.82 17.34
C HIS D 126 -8.56 -5.23 17.68
N ASP D 127 -7.54 -6.02 17.96
CA ASP D 127 -6.18 -5.53 18.26
C ASP D 127 -5.12 -6.20 17.37
N VAL D 128 -5.48 -6.75 16.22
CA VAL D 128 -4.51 -7.54 15.44
C VAL D 128 -3.36 -6.63 14.96
N ASP D 129 -2.16 -7.15 14.99
CA ASP D 129 -0.92 -6.47 14.53
C ASP D 129 -0.66 -5.24 15.41
N HIS D 130 -1.13 -5.24 16.67
CA HIS D 130 -0.77 -4.22 17.67
C HIS D 130 0.74 -4.24 17.91
N PRO D 131 1.43 -3.10 17.78
CA PRO D 131 2.87 -3.03 18.06
C PRO D 131 3.28 -2.86 19.52
N GLY D 132 2.34 -2.71 20.43
CA GLY D 132 2.62 -2.63 21.87
C GLY D 132 3.00 -1.23 22.31
N VAL D 133 2.66 -0.24 21.50
CA VAL D 133 2.81 1.19 21.86
C VAL D 133 1.49 1.87 21.54
N SER D 134 1.27 3.00 22.18
CA SER D 134 0.01 3.76 22.09
C SER D 134 -0.12 4.52 20.77
N ASN D 135 -1.33 4.94 20.48
CA ASN D 135 -1.58 5.85 19.35
C ASN D 135 -0.67 7.10 19.50
N GLN D 136 -0.53 7.67 20.71
CA GLN D 136 0.23 8.94 20.87
C GLN D 136 1.69 8.70 20.52
N PHE D 137 2.23 7.54 20.86
CA PHE D 137 3.61 7.15 20.51
C PHE D 137 3.76 7.13 18.99
N LEU D 138 2.82 6.50 18.29
CA LEU D 138 2.87 6.41 16.81
C LEU D 138 2.77 7.80 16.17
N ILE D 139 1.92 8.66 16.73
CA ILE D 139 1.78 10.06 16.23
C ILE D 139 3.10 10.83 16.46
N ASN D 140 3.66 10.72 17.66
CA ASN D 140 4.84 11.50 18.10
C ASN D 140 6.08 11.06 17.34
N THR D 141 6.16 9.82 16.82
CA THR D 141 7.31 9.32 16.05
C THR D 141 7.12 9.60 14.56
N ASN D 142 6.03 10.22 14.15
CA ASN D 142 5.75 10.44 12.72
C ASN D 142 5.69 9.10 11.97
N SER D 143 5.13 8.07 12.61
CA SER D 143 5.11 6.72 12.01
C SER D 143 4.23 6.71 10.76
N GLU D 144 4.58 5.82 9.84
CA GLU D 144 3.78 5.60 8.61
C GLU D 144 2.30 5.32 8.96
N LEU D 145 2.02 4.56 10.02
CA LEU D 145 0.59 4.29 10.37
C LEU D 145 -0.12 5.58 10.74
N ALA D 146 0.52 6.43 11.55
CA ALA D 146 -0.12 7.71 11.99
C ALA D 146 -0.40 8.57 10.77
N LEU D 147 0.51 8.60 9.80
CA LEU D 147 0.29 9.37 8.55
C LEU D 147 -0.84 8.78 7.73
N MET D 148 -0.93 7.46 7.64
CA MET D 148 -2.00 6.79 6.84
CA MET D 148 -2.00 6.81 6.84
C MET D 148 -3.38 7.15 7.42
N TYR D 149 -3.50 7.26 8.73
CA TYR D 149 -4.80 7.43 9.41
C TYR D 149 -4.98 8.80 10.05
N ASN D 150 -4.15 9.78 9.68
CA ASN D 150 -4.36 11.18 10.09
C ASN D 150 -4.39 11.31 11.59
N ASP D 151 -3.56 10.58 12.29
CA ASP D 151 -3.44 10.66 13.78
C ASP D 151 -4.76 10.30 14.49
N SER D 152 -5.73 9.75 13.79
CA SER D 152 -7.12 9.53 14.31
C SER D 152 -7.42 8.02 14.37
N SER D 153 -7.61 7.51 15.58
CA SER D 153 -7.82 6.06 15.84
C SER D 153 -6.81 5.27 15.01
N VAL D 154 -5.54 5.62 15.15
CA VAL D 154 -4.50 5.06 14.24
C VAL D 154 -4.50 3.52 14.34
N LEU D 155 -4.30 2.99 15.55
CA LEU D 155 -4.23 1.52 15.78
C LEU D 155 -5.56 0.88 15.36
N GLU D 156 -6.69 1.44 15.77
CA GLU D 156 -8.00 0.80 15.55
C GLU D 156 -8.31 0.71 14.04
N ASN D 157 -7.98 1.76 13.27
CA ASN D 157 -8.10 1.69 11.79
C ASN D 157 -7.18 0.57 11.24
N HIS D 158 -5.99 0.45 11.79
CA HIS D 158 -5.02 -0.58 11.34
C HIS D 158 -5.55 -1.98 11.63
N HIS D 159 -6.08 -2.22 12.84
CA HIS D 159 -6.59 -3.55 13.23
C HIS D 159 -7.68 -3.98 12.23
N LEU D 160 -8.60 -3.08 11.90
CA LEU D 160 -9.65 -3.37 10.92
C LEU D 160 -9.04 -3.75 9.57
N ALA D 161 -8.13 -2.92 9.07
CA ALA D 161 -7.59 -3.13 7.71
C ALA D 161 -6.91 -4.50 7.66
N VAL D 162 -6.13 -4.85 8.67
CA VAL D 162 -5.41 -6.15 8.69
C VAL D 162 -6.43 -7.29 8.83
N GLY D 163 -7.37 -7.18 9.77
CA GLY D 163 -8.36 -8.26 9.99
C GLY D 163 -9.09 -8.60 8.70
N PHE D 164 -9.52 -7.58 7.94
CA PHE D 164 -10.19 -7.80 6.64
C PHE D 164 -9.20 -8.27 5.55
N LYS D 165 -8.02 -7.69 5.49
CA LYS D 165 -7.04 -8.05 4.41
C LYS D 165 -6.65 -9.53 4.55
N LEU D 166 -6.56 -10.06 5.77
CA LEU D 166 -6.22 -11.49 5.97
C LEU D 166 -7.26 -12.44 5.39
N LEU D 167 -8.50 -12.02 5.16
CA LEU D 167 -9.52 -12.86 4.50
C LEU D 167 -9.07 -13.24 3.07
N GLN D 168 -8.13 -12.48 2.50
CA GLN D 168 -7.67 -12.68 1.09
C GLN D 168 -6.50 -13.66 1.02
N GLU D 169 -5.96 -14.13 2.13
CA GLU D 169 -4.87 -15.14 2.11
C GLU D 169 -5.49 -16.47 1.67
N GLU D 170 -4.63 -17.44 1.35
CA GLU D 170 -5.06 -18.71 0.77
C GLU D 170 -6.03 -19.44 1.71
N ASN D 171 -7.22 -19.76 1.20
CA ASN D 171 -8.29 -20.51 1.91
C ASN D 171 -8.63 -19.80 3.24
N CYS D 172 -8.71 -18.47 3.24
CA CYS D 172 -8.99 -17.67 4.46
C CYS D 172 -10.36 -16.99 4.39
N ASP D 173 -11.11 -17.05 3.28
CA ASP D 173 -12.32 -16.20 3.19
C ASP D 173 -13.51 -16.88 3.86
N ILE D 174 -13.61 -16.74 5.19
CA ILE D 174 -14.69 -17.34 5.99
C ILE D 174 -16.07 -16.78 5.61
N PHE D 175 -16.15 -15.64 4.93
CA PHE D 175 -17.44 -15.03 4.55
C PHE D 175 -17.77 -15.30 3.08
N GLN D 176 -17.10 -16.27 2.46
CA GLN D 176 -17.24 -16.53 1.00
C GLN D 176 -18.69 -16.90 0.65
N ASN D 177 -19.46 -17.50 1.57
CA ASN D 177 -20.85 -17.95 1.26
C ASN D 177 -21.92 -16.97 1.77
N LEU D 178 -21.55 -15.83 2.35
CA LEU D 178 -22.53 -14.77 2.70
C LEU D 178 -22.96 -14.05 1.41
N THR D 179 -24.19 -13.61 1.34
CA THR D 179 -24.69 -12.74 0.24
C THR D 179 -23.98 -11.39 0.31
N LYS D 180 -24.01 -10.63 -0.77
CA LYS D 180 -23.46 -9.27 -0.79
C LYS D 180 -24.12 -8.43 0.32
N LYS D 181 -25.43 -8.56 0.50
CA LYS D 181 -26.12 -7.72 1.51
C LYS D 181 -25.64 -8.10 2.92
N GLN D 182 -25.47 -9.39 3.20
CA GLN D 182 -24.93 -9.87 4.48
C GLN D 182 -23.52 -9.32 4.68
N ARG D 183 -22.64 -9.42 3.65
CA ARG D 183 -21.25 -8.98 3.75
C ARG D 183 -21.19 -7.49 4.02
N GLN D 184 -21.98 -6.66 3.34
CA GLN D 184 -21.92 -5.20 3.52
C GLN D 184 -22.39 -4.85 4.95
N SER D 185 -23.43 -5.51 5.43
CA SER D 185 -23.96 -5.26 6.79
C SER D 185 -22.92 -5.69 7.83
N LEU D 186 -22.35 -6.88 7.69
CA LEU D 186 -21.32 -7.38 8.62
C LEU D 186 -20.16 -6.42 8.65
N ARG D 187 -19.66 -6.05 7.45
CA ARG D 187 -18.49 -5.16 7.37
C ARG D 187 -18.78 -3.84 8.11
N LYS D 188 -19.93 -3.23 7.89
CA LYS D 188 -20.20 -1.93 8.54
C LYS D 188 -20.25 -2.11 10.07
N MET D 189 -20.88 -3.16 10.54
CA MET D 189 -21.00 -3.40 12.01
C MET D 189 -19.63 -3.61 12.60
N VAL D 190 -18.77 -4.40 11.93
CA VAL D 190 -17.42 -4.72 12.43
C VAL D 190 -16.63 -3.42 12.53
N ILE D 191 -16.67 -2.58 11.48
CA ILE D 191 -15.95 -1.26 11.52
C ILE D 191 -16.47 -0.41 12.69
N ASP D 192 -17.78 -0.32 12.84
CA ASP D 192 -18.40 0.50 13.91
C ASP D 192 -17.95 -0.02 15.30
N ILE D 193 -17.85 -1.33 15.46
CA ILE D 193 -17.47 -1.93 16.77
C ILE D 193 -15.98 -1.68 17.04
N VAL D 194 -15.09 -2.00 16.09
CA VAL D 194 -13.65 -1.89 16.43
C VAL D 194 -13.25 -0.42 16.61
N LEU D 195 -13.82 0.51 15.81
CA LEU D 195 -13.48 1.95 15.99
C LEU D 195 -13.90 2.44 17.38
N ALA D 196 -14.93 1.83 17.94
CA ALA D 196 -15.43 2.15 19.30
C ALA D 196 -14.51 1.63 20.40
N THR D 197 -13.48 0.84 20.10
CA THR D 197 -12.53 0.35 21.13
C THR D 197 -11.44 1.39 21.38
N ASP D 198 -11.37 2.46 20.60
CA ASP D 198 -10.42 3.58 20.88
C ASP D 198 -10.89 4.29 22.17
N MET D 199 -10.04 4.35 23.18
CA MET D 199 -10.39 4.95 24.49
C MET D 199 -10.76 6.43 24.34
N SER D 200 -10.38 7.09 23.23
CA SER D 200 -10.83 8.49 22.97
C SER D 200 -12.35 8.52 22.81
N LYS D 201 -13.01 7.40 22.51
CA LYS D 201 -14.48 7.39 22.29
C LYS D 201 -15.25 6.99 23.57
N HIS D 202 -14.56 6.64 24.63
CA HIS D 202 -15.15 6.01 25.85
C HIS D 202 -16.26 6.91 26.44
N MET D 203 -15.94 8.20 26.67
CA MET D 203 -16.88 9.10 27.38
C MET D 203 -18.17 9.22 26.58
N ASN D 204 -18.12 9.36 25.25
CA ASN D 204 -19.34 9.50 24.43
C ASN D 204 -20.11 8.18 24.37
N LEU D 205 -19.42 7.03 24.27
CA LEU D 205 -20.10 5.72 24.29
C LEU D 205 -20.86 5.57 25.63
N LEU D 206 -20.18 5.88 26.73
CA LEU D 206 -20.77 5.74 28.10
C LEU D 206 -21.96 6.69 28.21
N ALA D 207 -21.84 7.93 27.74
CA ALA D 207 -22.95 8.92 27.80
C ALA D 207 -24.17 8.32 27.10
N ASP D 208 -23.96 7.73 25.92
CA ASP D 208 -25.05 7.15 25.13
C ASP D 208 -25.60 5.88 25.80
N LEU D 209 -24.75 5.05 26.39
CA LEU D 209 -25.25 3.85 27.11
C LEU D 209 -26.14 4.30 28.28
N LYS D 210 -25.75 5.36 29.00
CA LYS D 210 -26.54 5.89 30.16
C LYS D 210 -27.90 6.39 29.66
N THR D 211 -27.96 7.10 28.55
CA THR D 211 -29.20 7.59 27.92
C THR D 211 -30.13 6.41 27.60
N MET D 212 -29.56 5.31 27.11
CA MET D 212 -30.35 4.10 26.81
C MET D 212 -30.87 3.45 28.10
N VAL D 213 -30.06 3.37 29.14
CA VAL D 213 -30.53 2.83 30.46
C VAL D 213 -31.69 3.68 30.98
N GLU D 214 -31.59 5.00 30.88
CA GLU D 214 -32.64 5.95 31.41
C GLU D 214 -33.96 5.79 30.65
N THR D 215 -33.93 5.37 29.38
CA THR D 215 -35.13 5.20 28.52
C THR D 215 -35.33 3.72 28.14
N LYS D 216 -34.78 2.79 28.91
CA LYS D 216 -34.74 1.33 28.60
C LYS D 216 -36.16 0.79 28.49
N LYS D 217 -36.47 0.06 27.42
CA LYS D 217 -37.74 -0.68 27.26
C LYS D 217 -37.39 -2.18 27.18
N VAL D 218 -38.25 -3.03 27.72
CA VAL D 218 -38.15 -4.50 27.59
C VAL D 218 -39.44 -5.01 26.93
N THR D 219 -39.34 -6.13 26.23
CA THR D 219 -40.47 -6.85 25.58
C THR D 219 -41.22 -7.64 26.65
N SER D 220 -42.33 -8.28 26.25
CA SER D 220 -43.13 -9.16 27.14
C SER D 220 -42.32 -10.40 27.56
N SER D 221 -41.30 -10.78 26.78
CA SER D 221 -40.39 -11.91 27.07
C SER D 221 -39.28 -11.49 28.04
N GLY D 222 -39.22 -10.20 28.40
CA GLY D 222 -38.30 -9.66 29.43
C GLY D 222 -36.89 -9.40 28.92
N VAL D 223 -36.73 -9.26 27.61
CA VAL D 223 -35.41 -8.94 26.98
C VAL D 223 -35.42 -7.50 26.46
N LEU D 224 -34.24 -6.95 26.24
CA LEU D 224 -34.08 -5.54 25.81
C LEU D 224 -34.79 -5.35 24.45
N LEU D 225 -35.50 -4.24 24.30
CA LEU D 225 -36.11 -3.83 23.03
C LEU D 225 -35.17 -2.81 22.32
N LEU D 226 -34.66 -3.17 21.15
CA LEU D 226 -33.72 -2.36 20.35
C LEU D 226 -34.25 -2.37 18.91
N ASP D 227 -34.91 -1.31 18.47
CA ASP D 227 -35.71 -1.40 17.21
C ASP D 227 -35.11 -0.54 16.10
N ASN D 228 -33.89 0.00 16.27
CA ASN D 228 -33.20 0.75 15.17
C ASN D 228 -31.69 0.43 15.20
N TYR D 229 -30.99 0.61 14.07
CA TYR D 229 -29.53 0.31 13.94
C TYR D 229 -28.75 1.09 15.00
N SER D 230 -29.06 2.37 15.17
CA SER D 230 -28.32 3.27 16.07
C SER D 230 -28.26 2.64 17.48
N ASP D 231 -29.36 2.09 17.96
CA ASP D 231 -29.42 1.53 19.34
C ASP D 231 -28.78 0.14 19.34
N ARG D 232 -29.03 -0.67 18.31
CA ARG D 232 -28.44 -2.03 18.23
C ARG D 232 -26.92 -1.92 18.18
N ILE D 233 -26.37 -1.01 17.38
CA ILE D 233 -24.89 -0.90 17.21
C ILE D 233 -24.29 -0.30 18.47
N GLN D 234 -24.97 0.65 19.12
CA GLN D 234 -24.47 1.23 20.38
C GLN D 234 -24.34 0.12 21.43
N VAL D 235 -25.31 -0.78 21.51
CA VAL D 235 -25.22 -1.87 22.53
C VAL D 235 -24.05 -2.79 22.17
N LEU D 236 -23.90 -3.15 20.90
CA LEU D 236 -22.77 -4.03 20.48
C LEU D 236 -21.44 -3.33 20.70
N GLN D 237 -21.33 -2.04 20.37
CA GLN D 237 -20.09 -1.27 20.62
C GLN D 237 -19.74 -1.30 22.10
N ASN D 238 -20.72 -0.99 22.96
CA ASN D 238 -20.48 -0.95 24.42
C ASN D 238 -20.17 -2.37 24.93
N MET D 239 -20.79 -3.39 24.36
CA MET D 239 -20.57 -4.79 24.80
C MET D 239 -19.10 -5.15 24.55
N VAL D 240 -18.58 -4.87 23.35
CA VAL D 240 -17.19 -5.24 23.03
C VAL D 240 -16.23 -4.36 23.82
N HIS D 241 -16.57 -3.10 24.01
CA HIS D 241 -15.80 -2.18 24.86
C HIS D 241 -15.75 -2.69 26.31
N CYS D 242 -16.88 -3.14 26.85
CA CYS D 242 -16.91 -3.80 28.20
C CYS D 242 -16.00 -5.01 28.20
N ALA D 243 -16.06 -5.85 27.17
CA ALA D 243 -15.19 -7.04 27.08
C ALA D 243 -13.71 -6.63 27.05
N ASP D 244 -13.39 -5.60 26.30
CA ASP D 244 -12.00 -5.08 26.22
C ASP D 244 -11.54 -4.54 27.59
N LEU D 245 -12.45 -3.93 28.35
CA LEU D 245 -12.18 -3.38 29.70
C LEU D 245 -12.68 -4.35 30.78
N SER D 246 -12.58 -5.67 30.57
CA SER D 246 -13.16 -6.67 31.50
C SER D 246 -12.11 -7.17 32.50
N ASN D 247 -10.82 -6.86 32.35
CA ASN D 247 -9.78 -7.55 33.16
C ASN D 247 -10.05 -7.32 34.65
N PRO D 248 -10.41 -6.09 35.12
CA PRO D 248 -10.59 -5.87 36.57
C PRO D 248 -11.84 -6.53 37.12
N THR D 249 -12.69 -7.10 36.25
CA THR D 249 -13.94 -7.76 36.64
C THR D 249 -13.75 -9.26 36.74
N LYS D 250 -12.59 -9.76 36.38
CA LYS D 250 -12.31 -11.19 36.38
C LYS D 250 -11.83 -11.60 37.77
N PRO D 251 -11.87 -12.91 38.08
CA PRO D 251 -11.22 -13.42 39.29
C PRO D 251 -9.82 -12.82 39.42
N LEU D 252 -9.40 -12.53 40.65
CA LEU D 252 -8.17 -11.74 40.93
C LEU D 252 -6.95 -12.40 40.31
N GLN D 253 -6.80 -13.73 40.33
CA GLN D 253 -5.56 -14.35 39.82
C GLN D 253 -5.44 -14.02 38.31
N LEU D 254 -6.57 -13.92 37.59
CA LEU D 254 -6.56 -13.50 36.15
C LEU D 254 -6.20 -12.02 36.04
N TYR D 255 -6.94 -11.16 36.73
CA TYR D 255 -6.70 -9.68 36.73
C TYR D 255 -5.22 -9.36 36.99
N ARG D 256 -4.61 -9.99 38.02
CA ARG D 256 -3.18 -9.72 38.37
C ARG D 256 -2.25 -10.08 37.20
N GLN D 257 -2.52 -11.15 36.49
CA GLN D 257 -1.72 -11.52 35.28
C GLN D 257 -1.88 -10.41 34.21
N TRP D 258 -3.09 -9.92 34.01
CA TRP D 258 -3.36 -8.86 33.00
C TRP D 258 -2.64 -7.57 33.43
N THR D 259 -2.67 -7.24 34.72
CA THR D 259 -1.98 -6.05 35.24
C THR D 259 -0.47 -6.17 35.01
N ASP D 260 0.12 -7.33 35.30
CA ASP D 260 1.57 -7.54 35.08
C ASP D 260 1.88 -7.32 33.60
N ARG D 261 1.02 -7.81 32.72
CA ARG D 261 1.24 -7.74 31.26
C ARG D 261 1.11 -6.28 30.78
N ILE D 262 0.05 -5.57 31.14
CA ILE D 262 -0.13 -4.18 30.64
C ILE D 262 1.02 -3.32 31.18
N MET D 263 1.46 -3.57 32.41
CA MET D 263 2.57 -2.73 33.00
C MET D 263 3.90 -3.06 32.30
N GLU D 264 4.14 -4.31 31.90
CA GLU D 264 5.34 -4.67 31.13
C GLU D 264 5.32 -3.90 29.81
N GLU D 265 4.17 -3.89 29.15
CA GLU D 265 4.01 -3.21 27.84
C GLU D 265 4.23 -1.71 28.05
N PHE D 266 3.58 -1.11 29.04
CA PHE D 266 3.68 0.35 29.31
C PHE D 266 5.12 0.73 29.64
N PHE D 267 5.78 -0.04 30.51
CA PHE D 267 7.16 0.26 30.97
C PHE D 267 8.09 0.17 29.77
N ARG D 268 7.86 -0.78 28.86
CA ARG D 268 8.69 -0.93 27.64
C ARG D 268 8.48 0.29 26.75
N GLN D 269 7.25 0.77 26.62
CA GLN D 269 7.02 2.01 25.84
C GLN D 269 7.75 3.19 26.51
N GLY D 270 7.68 3.29 27.84
CA GLY D 270 8.39 4.37 28.57
C GLY D 270 9.89 4.27 28.39
N ASP D 271 10.43 3.06 28.35
CA ASP D 271 11.88 2.85 28.11
C ASP D 271 12.24 3.38 26.71
N ARG D 272 11.38 3.16 25.72
CA ARG D 272 11.62 3.60 24.33
C ARG D 272 11.50 5.11 24.24
N GLU D 273 10.54 5.71 24.94
CA GLU D 273 10.38 7.18 25.03
C GLU D 273 11.65 7.77 25.70
N ARG D 274 12.05 7.23 26.85
CA ARG D 274 13.24 7.73 27.59
C ARG D 274 14.45 7.67 26.68
N GLU D 275 14.63 6.55 25.99
CA GLU D 275 15.75 6.29 25.05
C GLU D 275 15.82 7.40 24.00
N ARG D 276 14.68 7.82 23.45
CA ARG D 276 14.60 8.84 22.39
C ARG D 276 14.45 10.25 22.98
N GLY D 277 14.56 10.42 24.29
CA GLY D 277 14.44 11.77 24.88
C GLY D 277 13.04 12.33 24.75
N MET D 278 12.01 11.47 24.63
CA MET D 278 10.60 11.95 24.52
C MET D 278 10.06 12.04 25.94
N GLU D 279 9.03 12.83 26.15
CA GLU D 279 8.25 12.83 27.41
C GLU D 279 7.78 11.38 27.64
N ILE D 280 7.92 10.86 28.85
CA ILE D 280 7.43 9.50 29.19
C ILE D 280 5.92 9.59 29.41
N SER D 281 5.14 8.76 28.72
CA SER D 281 3.66 8.76 28.79
C SER D 281 3.20 8.41 30.21
N PRO D 282 1.98 8.84 30.60
CA PRO D 282 1.42 8.46 31.91
C PRO D 282 1.52 6.96 32.19
N MET D 283 2.03 6.61 33.37
CA MET D 283 2.14 5.22 33.92
C MET D 283 3.13 4.37 33.12
N CYS D 284 4.01 4.98 32.31
CA CYS D 284 5.03 4.26 31.49
C CYS D 284 6.43 4.38 32.08
N ASP D 285 6.59 5.09 33.20
CA ASP D 285 7.90 5.28 33.85
C ASP D 285 8.08 4.26 34.98
N LYS D 286 8.90 3.24 34.74
CA LYS D 286 9.14 2.15 35.73
C LYS D 286 9.88 2.73 36.96
N HIS D 287 10.48 3.92 36.86
CA HIS D 287 11.21 4.60 37.98
C HIS D 287 10.27 5.50 38.78
N ASN D 288 9.07 5.74 38.26
CA ASN D 288 8.07 6.69 38.83
C ASN D 288 6.68 6.04 38.73
N ALA D 289 6.53 4.79 39.19
CA ALA D 289 5.33 3.96 38.96
C ALA D 289 4.50 3.84 40.24
N SER D 290 3.18 3.87 40.10
CA SER D 290 2.22 3.54 41.18
C SER D 290 1.18 2.56 40.62
N VAL D 291 1.59 1.33 40.36
CA VAL D 291 0.78 0.29 39.66
C VAL D 291 -0.55 0.12 40.40
N GLU D 292 -0.53 0.01 41.73
CA GLU D 292 -1.75 -0.29 42.52
C GLU D 292 -2.67 0.92 42.51
N LYS D 293 -2.13 2.10 42.79
CA LYS D 293 -2.91 3.37 42.75
C LYS D 293 -3.54 3.57 41.37
N SER D 294 -2.78 3.28 40.32
CA SER D 294 -3.26 3.41 38.91
C SER D 294 -4.44 2.45 38.66
N GLN D 295 -4.37 1.21 39.15
CA GLN D 295 -5.50 0.24 38.98
C GLN D 295 -6.72 0.79 39.70
N VAL D 296 -6.55 1.33 40.91
CA VAL D 296 -7.71 1.88 41.67
C VAL D 296 -8.29 3.07 40.89
N GLY D 297 -7.45 3.95 40.34
CA GLY D 297 -7.93 5.12 39.59
C GLY D 297 -8.65 4.69 38.32
N PHE D 298 -8.10 3.69 37.63
CA PHE D 298 -8.67 3.11 36.40
C PHE D 298 -10.05 2.54 36.69
N ILE D 299 -10.17 1.76 37.78
CA ILE D 299 -11.50 1.24 38.18
C ILE D 299 -12.44 2.41 38.50
N ASP D 300 -11.99 3.36 39.34
CA ASP D 300 -12.93 4.40 39.86
C ASP D 300 -13.42 5.31 38.72
N TYR D 301 -12.56 5.68 37.77
CA TYR D 301 -12.89 6.71 36.76
C TYR D 301 -13.35 6.11 35.43
N ILE D 302 -12.98 4.87 35.11
CA ILE D 302 -13.32 4.28 33.77
C ILE D 302 -14.13 2.98 33.92
N VAL D 303 -13.57 1.98 34.59
CA VAL D 303 -14.10 0.59 34.51
C VAL D 303 -15.40 0.49 35.32
N HIS D 304 -15.45 1.01 36.54
CA HIS D 304 -16.67 0.88 37.38
C HIS D 304 -17.82 1.68 36.78
N PRO D 305 -17.64 2.95 36.35
CA PRO D 305 -18.72 3.68 35.70
C PRO D 305 -19.30 2.95 34.49
N LEU D 306 -18.42 2.39 33.66
CA LEU D 306 -18.89 1.61 32.49
C LEU D 306 -19.66 0.38 32.94
N TRP D 307 -19.08 -0.44 33.81
CA TRP D 307 -19.70 -1.73 34.19
C TRP D 307 -20.95 -1.56 35.08
N GLU D 308 -20.99 -0.50 35.88
CA GLU D 308 -22.21 -0.13 36.63
C GLU D 308 -23.31 0.17 35.64
N THR D 309 -23.00 0.85 34.54
CA THR D 309 -24.03 1.21 33.55
C THR D 309 -24.47 -0.03 32.76
N TRP D 310 -23.51 -0.83 32.29
CA TRP D 310 -23.85 -2.11 31.62
C TRP D 310 -24.75 -2.93 32.54
N ALA D 311 -24.36 -3.08 33.82
CA ALA D 311 -25.10 -3.90 34.83
C ALA D 311 -26.56 -3.44 34.96
N ASP D 312 -26.78 -2.13 34.90
CA ASP D 312 -28.11 -1.51 34.85
C ASP D 312 -28.87 -1.92 33.59
N LEU D 313 -28.22 -1.86 32.42
CA LEU D 313 -28.89 -2.27 31.16
C LEU D 313 -29.39 -3.72 31.26
N VAL D 314 -28.59 -4.62 31.80
CA VAL D 314 -28.91 -6.08 31.77
C VAL D 314 -29.39 -6.57 33.15
N HIS D 315 -29.80 -5.66 34.04
CA HIS D 315 -30.07 -5.99 35.47
C HIS D 315 -30.97 -7.20 35.56
N PRO D 316 -30.69 -8.20 36.42
CA PRO D 316 -29.53 -8.23 37.30
C PRO D 316 -28.40 -9.15 36.82
N ASP D 317 -28.38 -9.43 35.53
CA ASP D 317 -27.47 -10.48 34.96
C ASP D 317 -26.00 -10.26 35.36
N ALA D 318 -25.53 -9.02 35.54
CA ALA D 318 -24.08 -8.73 35.70
C ALA D 318 -23.72 -8.45 37.17
N GLN D 319 -24.62 -8.74 38.12
CA GLN D 319 -24.35 -8.39 39.54
C GLN D 319 -23.04 -9.03 40.03
N ASP D 320 -22.76 -10.29 39.69
CA ASP D 320 -21.58 -11.01 40.21
C ASP D 320 -20.30 -10.40 39.60
N ILE D 321 -20.38 -9.94 38.35
CA ILE D 321 -19.25 -9.24 37.67
C ILE D 321 -18.95 -7.94 38.41
N LEU D 322 -19.97 -7.13 38.69
CA LEU D 322 -19.82 -5.86 39.43
C LEU D 322 -19.26 -6.14 40.84
N ASP D 323 -19.75 -7.19 41.51
CA ASP D 323 -19.25 -7.55 42.86
C ASP D 323 -17.75 -7.90 42.79
N THR D 324 -17.34 -8.70 41.82
CA THR D 324 -15.91 -9.06 41.65
C THR D 324 -15.07 -7.80 41.44
N LEU D 325 -15.54 -6.87 40.61
CA LEU D 325 -14.82 -5.61 40.29
C LEU D 325 -14.59 -4.85 41.62
N GLU D 326 -15.62 -4.75 42.43
CA GLU D 326 -15.56 -3.98 43.73
C GLU D 326 -14.57 -4.69 44.67
N ASP D 327 -14.60 -6.01 44.75
CA ASP D 327 -13.64 -6.78 45.58
C ASP D 327 -12.20 -6.55 45.09
N ASN D 328 -11.98 -6.56 43.77
CA ASN D 328 -10.64 -6.41 43.18
C ASN D 328 -10.14 -5.00 43.47
N ARG D 329 -11.02 -4.01 43.42
CA ARG D 329 -10.63 -2.61 43.66
C ARG D 329 -10.08 -2.53 45.10
N GLU D 330 -10.79 -3.16 46.04
CA GLU D 330 -10.38 -3.14 47.47
C GLU D 330 -9.02 -3.81 47.60
N TRP D 331 -8.81 -4.91 46.89
CA TRP D 331 -7.53 -5.63 46.94
C TRP D 331 -6.37 -4.72 46.50
N TYR D 332 -6.48 -4.02 45.36
CA TYR D 332 -5.39 -3.14 44.88
C TYR D 332 -5.19 -1.97 45.87
N GLN D 333 -6.26 -1.37 46.36
CA GLN D 333 -6.19 -0.28 47.36
C GLN D 333 -5.33 -0.74 48.55
N SER D 334 -5.57 -1.97 49.02
CA SER D 334 -4.96 -2.53 50.25
C SER D 334 -3.46 -2.76 50.02
N THR D 335 -2.97 -2.77 48.77
CA THR D 335 -1.55 -3.04 48.47
C THR D 335 -0.82 -1.80 47.99
N ILE D 336 -1.44 -0.61 48.02
CA ILE D 336 -0.75 0.67 47.66
C ILE D 336 0.37 0.91 48.69
N PRO D 337 1.65 1.08 48.27
CA PRO D 337 2.75 1.23 49.24
C PRO D 337 2.58 2.43 50.20
ZN ZN E . 2.62 -2.70 -24.07
MG MG F . 4.71 -2.05 -21.03
C1 EDO G . 11.39 7.38 -24.83
O1 EDO G . 12.74 6.96 -24.84
C2 EDO G . 10.73 7.24 -23.50
O2 EDO G . 11.37 6.24 -22.71
C1 EDO H . -7.98 6.13 -24.87
O1 EDO H . -7.72 6.71 -26.14
C2 EDO H . -9.10 5.15 -24.85
O2 EDO H . -9.52 4.86 -23.50
C1 EDO I . 1.44 -26.50 -18.37
O1 EDO I . 0.07 -26.28 -18.07
C2 EDO I . 2.42 -25.93 -17.40
O2 EDO I . 1.76 -25.11 -16.48
C1 EDO J . 11.78 -7.67 -11.32
O1 EDO J . 11.88 -6.40 -10.69
C2 EDO J . 11.81 -8.75 -10.33
O2 EDO J . 12.26 -9.97 -10.89
C1 EDO K . -1.11 7.66 -2.14
O1 EDO K . -0.36 7.71 -3.32
C2 EDO K . -0.53 6.76 -1.11
O2 EDO K . 0.86 6.97 -0.93
C1 EDO L . 13.55 -11.80 -17.48
O1 EDO L . 13.89 -12.06 -18.84
C2 EDO L . 12.17 -11.25 -17.32
O2 EDO L . 11.23 -12.17 -16.74
C1 EDO M . 0.82 8.96 -7.47
O1 EDO M . -0.03 9.12 -6.36
C2 EDO M . 2.20 9.20 -7.00
O2 EDO M . 2.17 9.48 -5.62
C1 EDO N . 8.99 -15.34 -10.73
O1 EDO N . 9.18 -16.34 -11.69
C2 EDO N . 7.74 -15.44 -9.99
O2 EDO N . 7.53 -16.70 -9.37
C1 EDO O . 1.37 -16.56 -37.62
O1 EDO O . 0.32 -15.64 -37.74
C2 EDO O . 2.59 -15.89 -37.17
O2 EDO O . 3.41 -16.64 -36.28
C1 EDO P . -6.74 -28.13 -17.88
O1 EDO P . -8.07 -28.60 -17.61
C2 EDO P . -6.32 -26.92 -17.11
O2 EDO P . -5.05 -26.93 -16.39
C1 EDO Q . -12.95 -0.72 -10.13
O1 EDO Q . -14.39 -0.74 -10.48
C2 EDO Q . -12.65 -0.06 -8.86
O2 EDO Q . -12.84 1.33 -8.93
C1 EDO R . 12.74 -17.92 -16.65
O1 EDO R . 13.64 -17.79 -17.73
C2 EDO R . 11.76 -16.81 -16.61
O2 EDO R . 12.29 -15.58 -17.09
C1 EDO S . -4.46 -16.89 -9.79
O1 EDO S . -5.27 -16.98 -8.64
C2 EDO S . -3.82 -15.59 -9.78
O2 EDO S . -2.93 -15.49 -8.70
C1 EDO T . -11.45 -29.58 -16.97
O1 EDO T . -10.96 -28.40 -17.61
C2 EDO T . -12.15 -29.33 -15.69
O2 EDO T . -12.74 -27.99 -15.57
C1 EDO U . -21.44 -15.72 -10.33
O1 EDO U . -22.17 -14.62 -9.82
C2 EDO U . -20.25 -15.99 -9.52
O2 EDO U . -20.43 -17.13 -8.72
C1 EDO V . -1.44 -23.77 -28.83
O1 EDO V . -0.15 -24.32 -29.01
C2 EDO V . -2.51 -24.79 -28.92
O2 EDO V . -2.21 -26.08 -28.36
O1 J2E W . 5.78 2.82 -32.47
C7 J2E W . 11.13 1.26 -26.45
O2 J2E W . 8.97 1.36 -24.26
C6 J2E W . 7.82 0.98 -27.51
C1 J2E W . 4.51 2.53 -33.04
N1 J2E W . 9.01 0.47 -27.54
C5 J2E W . 7.19 1.44 -28.76
C4 J2E W . 5.94 1.01 -29.21
C3 J2E W . 5.42 1.44 -30.43
C2 J2E W . 6.14 2.32 -31.24
C13 J2E W . 11.54 2.16 -27.62
C14 J2E W . 8.76 1.19 -25.44
C12 J2E W . 12.01 3.56 -27.22
C11 J2E W . 13.47 3.66 -26.81
C16 J2E W . 6.55 0.00 -25.52
C17 J2E W . 6.68 2.51 -25.84
C15 J2E W . 7.37 1.17 -26.07
C10 J2E W . 13.74 3.26 -25.38
C9 J2E W . 13.16 1.92 -24.97
C8 J2E W . 11.64 1.78 -25.10
C18 J2E W . 7.92 2.30 -29.58
C19 J2E W . 7.41 2.75 -30.80
C20 J2E W . 8.85 4.63 -30.74
C21 J2E W . 8.73 6.00 -31.39
C22 J2E W . 9.99 6.15 -32.22
C23 J2E W . 10.72 4.87 -32.12
C24 J2E W . 10.32 4.30 -30.80
N2 J2E W . 9.65 1.01 -26.45
O3 J2E W . 8.16 3.63 -31.55
C1 EDO X . -9.28 5.21 -16.99
O1 EDO X . -9.22 6.59 -17.30
C2 EDO X . -9.12 4.88 -15.57
O2 EDO X . -7.82 4.84 -15.05
C1 EDO Y . -18.18 -12.12 -4.05
O1 EDO Y . -17.87 -12.79 -2.83
C2 EDO Y . -17.06 -12.22 -4.98
O2 EDO Y . -16.16 -11.14 -4.87
N1 EPE Z . -11.42 3.90 -37.44
C2 EPE Z . -10.41 4.94 -37.51
C3 EPE Z . -10.72 5.98 -36.45
N4 EPE Z . -12.01 6.55 -36.81
C5 EPE Z . -13.03 5.51 -36.72
C6 EPE Z . -12.70 4.50 -37.80
C7 EPE Z . -12.33 7.68 -35.94
C8 EPE Z . -13.31 8.61 -36.63
O8 EPE Z . -14.26 7.83 -37.36
C9 EPE Z . -11.08 2.78 -38.32
C10 EPE Z . -9.62 2.50 -38.12
S EPE Z . -9.26 0.94 -37.99
O1S EPE Z . -9.67 0.40 -36.75
O2S EPE Z . -7.88 0.91 -38.15
O3S EPE Z . -9.72 0.13 -39.02
C1 EDO AA . 4.77 -24.73 -4.16
O1 EDO AA . 4.89 -24.03 -5.40
C2 EDO AA . 6.08 -24.78 -3.46
O2 EDO AA . 6.00 -24.63 -2.04
ZN ZN BA . 20.54 -11.92 6.86
MG MG CA . 17.68 -11.88 4.33
C1 EDO DA . 14.19 -23.78 4.83
O1 EDO DA . 13.72 -24.53 3.70
C2 EDO DA . 13.31 -22.62 5.11
O2 EDO DA . 13.14 -21.95 3.90
C1 EDO EA . -3.98 -2.87 4.61
O1 EDO EA . -3.85 -3.75 3.50
C2 EDO EA . -3.67 -3.56 5.89
O2 EDO EA . -2.54 -4.41 5.74
C1 EDO FA . 16.14 -11.49 19.89
O1 EDO FA . 17.14 -12.43 20.19
C2 EDO FA . 16.45 -10.16 20.43
O2 EDO FA . 15.56 -9.15 19.94
C1 EDO GA . 18.68 -0.84 -9.14
O1 EDO GA . 20.06 -1.02 -9.47
C2 EDO GA . 18.53 0.20 -8.13
O2 EDO GA . 18.62 1.50 -8.69
C1 EDO HA . 47.09 -3.68 -14.58
O1 EDO HA . 46.35 -2.78 -13.80
C2 EDO HA . 46.82 -5.08 -14.14
O2 EDO HA . 47.04 -5.28 -12.74
C1 EDO IA . 25.81 -31.15 17.41
O1 EDO IA . 25.34 -32.45 17.72
C2 EDO IA . 24.78 -30.10 17.55
O2 EDO IA . 24.08 -29.90 16.34
C1 EDO JA . 5.21 -23.14 2.60
O1 EDO JA . 6.54 -23.07 2.26
C2 EDO JA . 4.46 -24.41 2.25
O2 EDO JA . 5.18 -25.51 1.77
S DMS KA . -6.73 -26.53 8.17
O DMS KA . -5.57 -26.74 9.09
C1 DMS KA . -6.39 -27.56 6.75
C2 DMS KA . -8.08 -27.44 8.87
S DMS LA . 11.54 -18.52 -3.74
O DMS LA . 12.41 -18.58 -2.56
C1 DMS LA . 10.33 -17.34 -3.39
C2 DMS LA . 12.43 -17.58 -4.93
N1 EPE MA . 16.05 20.80 13.50
C2 EPE MA . 16.15 20.07 14.78
C3 EPE MA . 17.45 19.27 14.93
N4 EPE MA . 17.87 18.56 13.70
C5 EPE MA . 18.04 19.52 12.61
C6 EPE MA . 16.67 20.12 12.32
C7 EPE MA . 18.98 17.58 13.86
C8 EPE MA . 19.86 17.78 15.09
O8 EPE MA . 19.14 17.37 16.25
C9 EPE MA . 14.64 21.21 13.21
C10 EPE MA . 14.69 22.58 12.54
S EPE MA . 13.32 23.55 12.69
O1S EPE MA . 12.61 23.44 14.00
O2S EPE MA . 13.81 24.95 12.52
O3S EPE MA . 12.39 23.21 11.58
C1 EDO NA . 39.80 -9.90 10.16
O1 EDO NA . 40.35 -11.17 9.84
C2 EDO NA . 40.20 -9.37 11.48
O2 EDO NA . 40.05 -10.30 12.53
O1 J2E OA . 23.32 -21.88 9.69
C7 J2E OA . 18.74 -20.50 2.71
O2 J2E OA . 18.72 -17.47 3.22
C6 J2E OA . 20.21 -19.36 5.72
C1 J2E OA . 23.70 -21.27 10.92
N1 J2E OA . 19.51 -20.23 5.06
C5 J2E OA . 21.09 -19.86 6.80
C4 J2E OA . 21.77 -19.10 7.74
C3 J2E OA . 22.53 -19.72 8.73
C2 J2E OA . 22.61 -21.12 8.79
C13 J2E OA . 19.92 -21.16 2.01
C14 J2E OA . 19.20 -18.28 3.97
C12 J2E OA . 19.58 -22.05 0.80
C11 J2E OA . 19.03 -23.43 1.15
C16 J2E OA . 21.31 -17.26 4.95
C17 J2E OA . 19.07 -17.12 6.19
C15 J2E OA . 19.97 -17.95 5.25
C10 J2E OA . 17.53 -23.48 1.42
C9 J2E OA . 16.91 -22.21 1.99
C8 J2E OA . 17.67 -21.52 3.13
C18 J2E OA . 21.17 -21.24 6.86
C19 J2E OA . 21.93 -21.87 7.82
C20 J2E OA . 20.54 -23.67 7.37
C21 J2E OA . 20.17 -24.95 8.12
C22 J2E OA . 20.82 -26.03 7.30
C23 J2E OA . 21.27 -25.42 6.01
C24 J2E OA . 20.60 -24.08 5.94
N2 J2E OA . 19.17 -19.64 3.88
O3 J2E OA . 21.87 -23.24 7.77
N1 EPE PA . 27.03 -15.51 26.27
C2 EPE PA . 26.98 -14.69 27.50
C3 EPE PA . 26.20 -15.34 28.64
N4 EPE PA . 25.17 -16.36 28.28
C5 EPE PA . 25.09 -16.79 26.86
C6 EPE PA . 25.65 -15.77 25.87
C7 EPE PA . 25.41 -17.54 29.16
C8 EPE PA . 24.36 -18.63 28.97
O8 EPE PA . 23.09 -18.04 28.69
C9 EPE PA . 27.78 -14.80 25.21
C10 EPE PA . 28.20 -15.73 24.06
S EPE PA . 29.28 -14.99 22.99
O1S EPE PA . 29.32 -15.96 21.89
O2S EPE PA . 30.63 -15.01 23.57
O3S EPE PA . 28.91 -13.57 22.64
ZN ZN QA . -14.55 19.14 -5.01
MG MG RA . -14.32 15.83 -3.21
C1 EDO SA . -24.95 10.65 -6.88
O1 EDO SA . -25.83 9.69 -6.32
C2 EDO SA . -23.56 10.15 -7.14
O2 EDO SA . -22.92 9.69 -5.97
C1 EDO TA . 2.95 18.92 6.00
O1 EDO TA . 3.03 17.50 5.85
C2 EDO TA . 3.69 19.64 4.94
O2 EDO TA . 4.92 19.04 4.65
C1 EDO UA . 2.40 27.01 13.72
O1 EDO UA . 1.46 27.32 14.72
C2 EDO UA . 3.42 28.04 13.56
O2 EDO UA . 4.20 28.13 14.75
C1 EDO VA . -17.82 37.84 -0.24
O1 EDO VA . -16.43 38.13 -0.30
C2 EDO VA . -18.09 36.47 0.19
O2 EDO VA . -17.94 36.20 1.58
C1 EDO WA . -25.34 -3.64 -5.47
O1 EDO WA . -26.03 -2.74 -6.32
C2 EDO WA . -24.30 -2.96 -4.65
O2 EDO WA . -24.37 -3.30 -3.27
C1 EDO XA . -1.33 -2.36 -6.69
O1 EDO XA . -2.38 -1.52 -6.24
C2 EDO XA . -0.50 -2.84 -5.57
O2 EDO XA . -1.34 -3.18 -4.49
N1 EPE YA . -15.98 29.41 -22.89
C2 EPE YA . -14.80 30.01 -23.58
C3 EPE YA . -14.78 29.68 -25.09
N4 EPE YA . -15.08 28.27 -25.45
C5 EPE YA . -16.17 27.67 -24.64
C6 EPE YA . -16.00 27.95 -23.16
C7 EPE YA . -15.43 28.08 -26.89
C8 EPE YA . -14.27 27.42 -27.62
O8 EPE YA . -13.34 28.44 -28.00
C9 EPE YA . -15.91 29.57 -21.42
C10 EPE YA . -16.03 30.99 -20.89
S EPE YA . -16.06 30.94 -19.21
O1S EPE YA . -14.61 30.74 -18.77
O2S EPE YA . -17.08 30.07 -18.65
O3S EPE YA . -16.39 32.30 -18.73
C1 EDO ZA . -20.75 11.66 -5.69
O1 EDO ZA . -20.52 11.57 -4.28
C2 EDO ZA . -19.76 12.47 -6.41
O2 EDO ZA . -18.49 11.89 -6.29
C1 EDO AB . 10.49 30.75 6.56
O1 EDO AB . 10.59 31.62 5.47
C2 EDO AB . 9.17 30.07 6.65
O2 EDO AB . 8.05 30.87 6.24
C1 EDO BB . 4.76 11.23 -11.99
O1 EDO BB . 4.37 12.38 -11.23
C2 EDO BB . 4.20 9.94 -11.46
O2 EDO BB . 4.01 9.91 -10.04
O1 J2E CB . -24.01 20.81 -9.89
C7 J2E CB . -22.89 15.13 -3.63
O2 J2E CB . -20.02 14.95 -4.73
C6 J2E CB . -21.69 17.76 -5.73
C1 J2E CB . -23.39 21.90 -10.57
N1 J2E CB . -22.57 17.25 -4.92
C5 J2E CB . -22.17 18.60 -6.83
C4 J2E CB . -21.45 19.64 -7.44
C3 J2E CB . -22.01 20.39 -8.48
C2 J2E CB . -23.31 20.16 -8.89
C13 J2E CB . -23.30 13.84 -4.35
C14 J2E CB . -20.75 15.91 -4.84
C12 J2E CB . -24.20 12.90 -3.54
C11 J2E CB . -25.70 13.11 -3.72
C16 J2E CB . -19.56 18.01 -4.28
C17 J2E CB . -19.42 17.04 -6.63
C15 J2E CB . -20.30 17.25 -5.40
C10 J2E CB . -26.23 14.42 -3.14
C9 J2E CB . -25.47 15.65 -3.59
C8 J2E CB . -24.09 15.83 -2.97
C18 J2E CB . -23.47 18.37 -7.27
C19 J2E CB . -24.05 19.14 -8.27
C20 J2E CB . -25.61 17.40 -8.50
C21 J2E CB . -26.55 16.87 -9.55
C22 J2E CB . -27.88 17.37 -9.10
C23 J2E CB . -27.85 17.33 -7.62
C24 J2E CB . -26.40 17.27 -7.21
N2 J2E CB . -22.05 16.05 -4.47
O3 J2E CB . -25.32 18.82 -8.67
C1 EDO DB . -17.22 38.82 -13.17
O1 EDO DB . -17.59 39.19 -11.85
C2 EDO DB . -15.91 39.40 -13.58
O2 EDO DB . -15.32 38.70 -14.68
C1 EDO EB . -44.03 -13.89 26.49
O1 EDO EB . -43.74 -13.15 25.32
C2 EDO EB . -45.48 -14.02 26.78
O2 EDO EB . -46.28 -12.82 26.80
ZN ZN FB . -8.07 -4.69 23.26
MG MG GB . -7.22 -1.74 21.09
C1 EDO HB . -31.04 -13.65 35.32
O1 EDO HB . -29.74 -13.05 35.29
C2 EDO HB . -31.08 -15.11 35.73
O2 EDO HB . -30.30 -16.07 35.01
C1 EDO IB . -0.14 4.67 27.00
O1 EDO IB . -1.38 5.19 26.54
C2 EDO IB . 0.01 4.92 28.45
O2 EDO IB . -0.27 6.27 28.80
C1 EDO JB . -17.21 -9.68 4.46
O1 EDO JB . -16.90 -10.15 3.18
C2 EDO JB . -16.08 -8.88 4.94
O2 EDO JB . -15.98 -7.69 4.21
C1 EDO KB . -18.29 2.51 7.70
O1 EDO KB . -19.41 2.15 6.96
C2 EDO KB . -18.58 2.55 9.14
O2 EDO KB . -19.90 2.95 9.47
C1 EDO LB . 1.66 -14.28 22.70
O1 EDO LB . 1.79 -15.12 21.58
C2 EDO LB . 2.44 -14.67 23.86
O2 EDO LB . 1.59 -15.28 24.77
C1 EDO MB . -23.26 -10.76 31.68
O1 EDO MB . -24.20 -9.72 31.50
C2 EDO MB . -23.54 -11.82 32.65
O2 EDO MB . -23.54 -13.12 32.10
C1 EDO NB . -35.33 -19.97 26.41
O1 EDO NB . -34.24 -20.58 25.81
C2 EDO NB . -34.99 -19.88 27.83
O2 EDO NB . -34.07 -18.87 28.15
C1 PEG OB . -4.48 10.36 4.54
O1 PEG OB . -3.38 9.39 4.64
C2 PEG OB . -3.98 11.85 4.68
O2 PEG OB . -2.68 11.95 5.29
C3 PEG OB . -1.57 12.02 4.38
C4 PEG OB . -0.36 11.21 4.86
O4 PEG OB . 0.17 10.24 3.92
C1 EDO PB . 1.83 -13.86 6.43
O1 EDO PB . 1.01 -12.70 5.95
C2 EDO PB . 1.26 -15.24 6.24
O2 EDO PB . 0.10 -15.58 7.08
C1 EDO QB . -29.47 -12.01 6.22
O1 EDO QB . -30.43 -13.02 6.05
C2 EDO QB . -28.76 -12.00 7.55
O2 EDO QB . -28.10 -13.23 7.95
C1 EDO RB . -25.84 -17.17 3.49
O1 EDO RB . -25.63 -16.75 4.82
C2 EDO RB . -25.45 -18.57 3.31
O2 EDO RB . -25.62 -19.30 4.49
C1 EDO SB . -28.72 -14.27 21.19
O1 EDO SB . -29.74 -15.03 21.86
C2 EDO SB . -29.23 -13.02 20.55
O2 EDO SB . -29.04 -11.81 21.27
C1 EDO TB . -6.53 -24.27 -0.95
O1 EDO TB . -5.59 -23.66 -0.13
C2 EDO TB . -6.04 -25.59 -1.37
O2 EDO TB . -7.14 -26.27 -1.85
O1 J2E UB . -5.04 -3.23 33.51
C7 J2E UB . -5.93 3.02 28.20
O2 J2E UB . -4.66 0.94 26.17
C6 J2E UB . -6.32 -0.42 28.75
C1 J2E UB . -5.13 -4.64 33.62
N1 J2E UB . -6.74 0.79 28.91
C5 J2E UB . -5.98 -1.23 29.93
C4 J2E UB . -6.25 -2.59 30.04
C3 J2E UB . -5.93 -3.29 31.22
C2 J2E UB . -5.37 -2.64 32.31
C13 J2E UB . -7.04 3.50 29.16
C14 J2E UB . -5.48 0.72 27.04
C12 J2E UB . -7.08 4.97 29.56
C11 J2E UB . -6.02 5.39 30.55
C16 J2E UB . -7.42 -0.71 26.43
C17 J2E UB . -5.16 -1.77 26.94
C15 J2E UB . -6.13 -0.64 27.27
C10 J2E UB . -4.67 5.76 29.91
C9 J2E UB . -4.33 5.01 28.62
C8 J2E UB . -4.54 3.50 28.63
C18 J2E UB . -5.40 -0.57 31.02
C19 J2E UB . -5.09 -1.26 32.20
C20 J2E UB . -3.61 0.51 32.82
C21 J2E UB . -2.44 0.65 33.78
C22 J2E UB . -2.94 1.53 34.88
C23 J2E UB . -4.25 2.11 34.42
C24 J2E UB . -4.36 1.80 32.96
N2 J2E UB . -6.01 1.53 28.01
O3 J2E UB . -4.52 -0.56 33.24
C1 PEG VB . -8.87 -26.06 16.23
O1 PEG VB . -7.57 -26.58 15.77
C2 PEG VB . -9.67 -27.08 16.99
O2 PEG VB . -9.61 -26.83 18.40
C3 PEG VB . -10.12 -27.93 19.18
C4 PEG VB . -9.63 -27.88 20.62
O4 PEG VB . -10.19 -28.92 21.46
N1 EPE WB . -1.46 -20.38 34.94
C2 EPE WB . -1.37 -21.61 34.14
C3 EPE WB . -0.09 -22.34 34.61
N4 EPE WB . 1.11 -21.51 34.29
C5 EPE WB . 1.02 -20.12 34.81
C6 EPE WB . -0.35 -19.47 34.55
C7 EPE WB . 2.36 -22.15 34.79
C8 EPE WB . 2.69 -23.43 34.00
O8 EPE WB . 1.85 -24.53 34.40
C9 EPE WB . -2.72 -19.64 34.77
C10 EPE WB . -4.07 -20.33 35.05
S EPE WB . -5.25 -19.28 34.49
O1S EPE WB . -4.79 -17.94 34.80
O2S EPE WB . -6.52 -19.29 35.22
O3S EPE WB . -5.51 -19.53 33.05
#